data_5Z8X
#
_entry.id   5Z8X
#
_cell.length_a   90.691
_cell.length_b   240.959
_cell.length_c   259.434
_cell.angle_alpha   90.00
_cell.angle_beta   90.00
_cell.angle_gamma   90.00
#
_symmetry.space_group_name_H-M   'C 2 2 21'
#
loop_
_entity.id
_entity.type
_entity.pdbx_description
1 polymer 'Leucine-rich repeat transmembrane neuronal protein 2'
2 non-polymer 2-acetamido-2-deoxy-beta-D-glucopyranose
#
_entity_poly.entity_id   1
_entity_poly.type   'polypeptide(L)'
_entity_poly.pdbx_seq_one_letter_code
;CPPKCRCEKLLFYCDSQGFHSVPNALDKGSLGLSLRHNHITELERDQFASFSQLTWLHLDHNQISTVKEDAFQGLYKLKE
LILSSNKIFYLPNTTFTQLINLQNLDLSFNQLSSLHPELFYGLRKLQTLHLRSNSLRTIPVRLFWDCRSLEFLDLSTNRL
RSLARNGFAGLIKLRELHLEHNQLTKINFAHFLRLSSLHTLFLQWNKISNLTCGMEWTWGTLEKLDLTGNEIKAIDLTVF
ETMPNLKILLMDNNKLNSLDSKILNSLRSLTTVGLSGNLWECSARICALASWLGSFQGRWEHSILCHSPDHTQGEDILDA
VHGFQLCWNLSTTVTVMATTHHHHHH
;
_entity_poly.pdbx_strand_id   A,B,C,D
#
# COMPACT_ATOMS: atom_id res chain seq x y z
N CYS A 1 -9.46 -50.60 44.87
CA CYS A 1 -9.41 -49.45 43.96
C CYS A 1 -10.28 -48.29 44.44
N PRO A 2 -9.68 -47.09 44.50
CA PRO A 2 -10.24 -45.80 44.93
C PRO A 2 -11.41 -45.30 44.07
N PRO A 3 -12.24 -44.41 44.65
CA PRO A 3 -13.46 -43.91 43.99
C PRO A 3 -13.22 -43.09 42.74
N LYS A 4 -14.16 -43.19 41.81
CA LYS A 4 -14.17 -42.47 40.54
C LYS A 4 -13.06 -42.92 39.61
N CYS A 5 -12.37 -43.99 39.97
CA CYS A 5 -11.25 -44.47 39.18
C CYS A 5 -11.42 -45.91 38.69
N ARG A 6 -11.32 -46.09 37.38
CA ARG A 6 -11.35 -47.42 36.82
C ARG A 6 -9.91 -47.93 36.64
N CYS A 7 -9.68 -49.16 37.08
CA CYS A 7 -8.35 -49.75 37.06
C CYS A 7 -8.27 -50.97 36.14
N GLU A 8 -7.57 -50.87 35.01
CA GLU A 8 -7.51 -52.01 34.10
C GLU A 8 -6.61 -53.10 34.66
N LYS A 9 -5.55 -52.72 35.38
CA LYS A 9 -4.70 -53.70 36.06
C LYS A 9 -4.22 -53.25 37.42
N LEU A 10 -2.91 -52.97 37.48
CA LEU A 10 -2.31 -52.27 38.60
C LEU A 10 -2.12 -50.84 38.13
N LEU A 11 -2.49 -50.63 36.88
CA LEU A 11 -2.55 -49.32 36.29
C LEU A 11 -3.86 -48.66 36.71
N PHE A 12 -3.81 -47.37 37.06
CA PHE A 12 -5.00 -46.66 37.51
C PHE A 12 -5.37 -45.54 36.56
N TYR A 13 -6.55 -45.59 35.99
CA TYR A 13 -6.97 -44.56 35.05
C TYR A 13 -8.03 -43.67 35.65
N CYS A 14 -7.59 -42.51 36.14
CA CYS A 14 -8.49 -41.55 36.74
C CYS A 14 -8.60 -40.26 35.95
N ASP A 15 -8.92 -40.35 34.67
CA ASP A 15 -8.95 -39.17 33.84
C ASP A 15 -10.35 -38.56 33.87
N SER A 16 -10.41 -37.23 33.75
CA SER A 16 -11.67 -36.51 33.55
C SER A 16 -12.64 -36.61 34.72
N GLN A 17 -12.11 -36.82 35.92
CA GLN A 17 -12.93 -36.84 37.11
C GLN A 17 -12.76 -35.51 37.80
N GLY A 18 -13.68 -35.15 38.69
CA GLY A 18 -13.57 -33.86 39.34
C GLY A 18 -12.60 -33.92 40.50
N PHE A 19 -11.34 -34.21 40.19
CA PHE A 19 -10.33 -34.30 41.22
C PHE A 19 -9.66 -32.97 41.50
N HIS A 20 -9.42 -32.69 42.78
CA HIS A 20 -8.74 -31.47 43.18
C HIS A 20 -7.38 -31.76 43.81
N SER A 21 -7.13 -33.02 44.08
CA SER A 21 -5.82 -33.48 44.51
C SER A 21 -5.68 -34.96 44.24
N VAL A 22 -4.49 -35.50 44.47
CA VAL A 22 -4.30 -36.94 44.32
C VAL A 22 -5.10 -37.70 45.38
N PRO A 23 -5.84 -38.72 44.96
CA PRO A 23 -6.65 -39.58 45.82
C PRO A 23 -5.83 -40.60 46.63
N ASN A 24 -6.25 -40.86 47.86
CA ASN A 24 -5.63 -41.91 48.65
C ASN A 24 -6.02 -43.30 48.13
N ALA A 25 -5.04 -44.08 47.70
CA ALA A 25 -5.31 -45.39 47.15
C ALA A 25 -5.14 -46.50 48.18
N LEU A 26 -6.16 -47.35 48.30
CA LEU A 26 -6.07 -48.53 49.15
C LEU A 26 -4.94 -49.42 48.63
N ASP A 27 -4.94 -49.64 47.31
CA ASP A 27 -3.90 -50.45 46.69
C ASP A 27 -2.70 -49.54 46.43
N LYS A 28 -1.59 -49.84 47.09
CA LYS A 28 -0.40 -48.99 47.00
C LYS A 28 0.67 -49.44 46.01
N GLY A 29 0.48 -50.60 45.41
CA GLY A 29 1.50 -51.15 44.54
C GLY A 29 1.18 -50.91 43.10
N SER A 30 0.53 -49.79 42.81
CA SER A 30 0.15 -49.48 41.45
C SER A 30 1.39 -49.19 40.60
N LEU A 31 1.40 -49.71 39.38
CA LEU A 31 2.49 -49.48 38.43
C LEU A 31 2.37 -48.16 37.68
N GLY A 32 1.14 -47.74 37.42
CA GLY A 32 0.91 -46.53 36.66
C GLY A 32 -0.24 -45.72 37.23
N LEU A 33 -0.28 -44.45 36.88
CA LEU A 33 -1.30 -43.55 37.37
C LEU A 33 -1.57 -42.46 36.34
N SER A 34 -2.83 -42.31 35.95
CA SER A 34 -3.22 -41.27 35.01
C SER A 34 -4.22 -40.34 35.66
N LEU A 35 -3.89 -39.06 35.73
CA LEU A 35 -4.79 -38.08 36.31
C LEU A 35 -5.02 -36.97 35.31
N ARG A 36 -5.29 -37.34 34.07
CA ARG A 36 -5.38 -36.37 33.01
C ARG A 36 -6.70 -35.61 33.08
N HIS A 37 -6.66 -34.33 32.71
CA HIS A 37 -7.86 -33.51 32.61
C HIS A 37 -8.67 -33.43 33.89
N ASN A 38 -8.00 -33.11 34.99
CA ASN A 38 -8.69 -32.87 36.26
C ASN A 38 -8.49 -31.42 36.69
N HIS A 39 -8.83 -31.11 37.93
CA HIS A 39 -8.69 -29.75 38.41
C HIS A 39 -7.63 -29.56 39.49
N ILE A 40 -6.61 -30.42 39.46
CA ILE A 40 -5.50 -30.34 40.41
C ILE A 40 -4.73 -29.03 40.28
N THR A 41 -4.49 -28.34 41.39
CA THR A 41 -3.81 -27.05 41.30
C THR A 41 -2.48 -27.03 42.03
N GLU A 42 -2.20 -28.08 42.80
CA GLU A 42 -1.05 -28.09 43.70
C GLU A 42 -0.54 -29.51 43.95
N LEU A 43 0.77 -29.68 43.97
CA LEU A 43 1.39 -30.96 44.28
C LEU A 43 2.15 -30.91 45.60
N GLU A 44 1.70 -31.69 46.57
CA GLU A 44 2.23 -31.64 47.93
C GLU A 44 3.45 -32.51 48.11
N ARG A 45 4.15 -32.35 49.23
CA ARG A 45 5.28 -33.22 49.55
C ARG A 45 4.85 -34.66 49.68
N ASP A 46 5.65 -35.57 49.13
CA ASP A 46 5.39 -37.00 49.21
C ASP A 46 4.00 -37.34 48.77
N GLN A 47 3.49 -36.59 47.81
CA GLN A 47 2.11 -36.79 47.40
C GLN A 47 1.97 -38.20 46.88
N PHE A 48 3.03 -38.67 46.25
CA PHE A 48 3.01 -39.99 45.65
C PHE A 48 3.76 -41.01 46.49
N ALA A 49 3.91 -40.70 47.78
CA ALA A 49 4.64 -41.56 48.70
C ALA A 49 4.02 -42.96 48.75
N SER A 50 2.70 -43.03 48.65
CA SER A 50 2.02 -44.31 48.65
C SER A 50 2.39 -45.15 47.41
N PHE A 51 2.48 -44.48 46.26
CA PHE A 51 2.79 -45.17 45.02
C PHE A 51 4.29 -45.29 44.72
N SER A 52 5.03 -46.04 45.54
CA SER A 52 6.48 -46.10 45.34
C SER A 52 6.84 -46.76 44.00
N GLN A 53 6.06 -47.77 43.63
CA GLN A 53 6.40 -48.61 42.48
C GLN A 53 6.01 -48.04 41.13
N LEU A 54 5.45 -46.84 41.15
CA LEU A 54 4.97 -46.18 39.94
C LEU A 54 6.04 -46.10 38.85
N THR A 55 5.74 -46.61 37.66
CA THR A 55 6.69 -46.53 36.55
C THR A 55 6.36 -45.40 35.59
N TRP A 56 5.08 -45.11 35.40
CA TRP A 56 4.71 -43.92 34.65
C TRP A 56 3.64 -43.14 35.38
N LEU A 57 3.66 -41.83 35.23
CA LEU A 57 2.72 -40.96 35.92
C LEU A 57 2.28 -39.82 35.02
N HIS A 58 1.01 -39.77 34.68
CA HIS A 58 0.48 -38.75 33.79
C HIS A 58 -0.30 -37.69 34.55
N LEU A 59 0.19 -36.47 34.56
CA LEU A 59 -0.53 -35.40 35.22
C LEU A 59 -0.85 -34.26 34.29
N ASP A 60 -0.86 -34.51 32.98
CA ASP A 60 -1.09 -33.43 32.03
C ASP A 60 -2.52 -32.93 32.09
N HIS A 61 -2.71 -31.70 31.62
CA HIS A 61 -4.00 -31.02 31.59
C HIS A 61 -4.62 -30.85 32.96
N ASN A 62 -3.85 -30.22 33.84
CA ASN A 62 -4.28 -29.83 35.16
C ASN A 62 -3.91 -28.38 35.35
N GLN A 63 -4.44 -27.74 36.37
CA GLN A 63 -4.13 -26.34 36.66
C GLN A 63 -3.00 -26.16 37.64
N ILE A 64 -2.15 -27.18 37.77
CA ILE A 64 -1.04 -27.14 38.73
C ILE A 64 -0.23 -25.85 38.65
N SER A 65 -0.07 -25.19 39.78
CA SER A 65 0.62 -23.90 39.77
C SER A 65 1.79 -23.88 40.74
N THR A 66 1.70 -24.70 41.77
CA THR A 66 2.75 -24.76 42.77
C THR A 66 3.18 -26.19 43.01
N VAL A 67 4.48 -26.41 42.92
CA VAL A 67 5.03 -27.73 43.16
C VAL A 67 5.97 -27.66 44.35
N LYS A 68 5.58 -28.32 45.43
CA LYS A 68 6.37 -28.33 46.65
C LYS A 68 7.66 -29.11 46.51
N GLU A 69 8.62 -28.79 47.39
CA GLU A 69 9.88 -29.50 47.43
C GLU A 69 9.53 -30.97 47.71
N ASP A 70 10.28 -31.90 47.14
CA ASP A 70 10.06 -33.32 47.35
C ASP A 70 8.67 -33.80 46.93
N ALA A 71 8.10 -33.17 45.91
CA ALA A 71 6.79 -33.57 45.44
C ALA A 71 6.81 -35.01 44.92
N PHE A 72 7.87 -35.36 44.22
CA PHE A 72 7.97 -36.67 43.62
C PHE A 72 8.87 -37.63 44.37
N GLN A 73 9.15 -37.36 45.63
CA GLN A 73 10.14 -38.16 46.34
C GLN A 73 9.69 -39.61 46.52
N GLY A 74 10.65 -40.52 46.42
CA GLY A 74 10.37 -41.93 46.61
C GLY A 74 10.00 -42.68 45.36
N LEU A 75 9.96 -41.99 44.22
CA LEU A 75 9.57 -42.60 42.96
C LEU A 75 10.76 -43.07 42.13
N TYR A 76 11.56 -43.95 42.70
CA TYR A 76 12.79 -44.38 42.04
C TYR A 76 12.53 -45.15 40.77
N LYS A 77 11.44 -45.91 40.74
CA LYS A 77 11.14 -46.74 39.59
C LYS A 77 10.38 -46.04 38.47
N LEU A 78 10.04 -44.77 38.67
CA LEU A 78 9.33 -44.00 37.65
C LEU A 78 10.21 -43.73 36.44
N LYS A 79 9.71 -44.04 35.25
CA LYS A 79 10.49 -43.77 34.04
C LYS A 79 9.79 -42.85 33.04
N GLU A 80 8.50 -42.59 33.24
CA GLU A 80 7.83 -41.56 32.46
C GLU A 80 6.98 -40.67 33.32
N LEU A 81 7.23 -39.38 33.21
CA LEU A 81 6.52 -38.37 33.95
C LEU A 81 6.03 -37.27 33.04
N ILE A 82 4.71 -37.07 32.95
CA ILE A 82 4.13 -36.06 32.07
C ILE A 82 3.49 -34.93 32.85
N LEU A 83 4.02 -33.72 32.72
CA LEU A 83 3.47 -32.58 33.43
C LEU A 83 3.07 -31.46 32.50
N SER A 84 2.79 -31.76 31.24
CA SER A 84 2.49 -30.72 30.28
C SER A 84 1.08 -30.14 30.47
N SER A 85 0.82 -28.99 29.85
CA SER A 85 -0.49 -28.35 29.88
C SER A 85 -0.94 -27.97 31.28
N ASN A 86 -0.06 -27.35 32.05
CA ASN A 86 -0.38 -26.87 33.40
C ASN A 86 0.04 -25.43 33.54
N LYS A 87 0.05 -24.92 34.76
CA LYS A 87 0.48 -23.54 34.97
C LYS A 87 1.75 -23.45 35.80
N ILE A 88 2.64 -24.42 35.62
CA ILE A 88 3.88 -24.44 36.37
C ILE A 88 4.83 -23.34 35.97
N PHE A 89 5.36 -22.59 36.93
CA PHE A 89 6.29 -21.51 36.59
C PHE A 89 7.57 -21.55 37.43
N TYR A 90 7.55 -22.31 38.52
CA TYR A 90 8.74 -22.51 39.34
C TYR A 90 8.87 -23.96 39.73
N LEU A 91 10.10 -24.45 39.74
CA LEU A 91 10.38 -25.81 40.18
C LEU A 91 11.59 -25.87 41.09
N PRO A 92 11.40 -26.40 42.29
CA PRO A 92 12.50 -26.49 43.25
C PRO A 92 13.66 -27.34 42.76
N ASN A 93 14.87 -26.95 43.09
CA ASN A 93 16.07 -27.57 42.57
C ASN A 93 16.19 -29.06 42.86
N THR A 94 15.45 -29.54 43.85
CA THR A 94 15.57 -30.94 44.25
C THR A 94 14.42 -31.75 43.72
N THR A 95 13.68 -31.20 42.77
CA THR A 95 12.39 -31.77 42.46
C THR A 95 12.48 -33.06 41.65
N PHE A 96 13.54 -33.24 40.89
CA PHE A 96 13.64 -34.43 40.04
C PHE A 96 14.73 -35.37 40.47
N THR A 97 15.56 -34.91 41.40
CA THR A 97 16.80 -35.59 41.73
C THR A 97 16.61 -37.02 42.21
N GLN A 98 15.49 -37.32 42.83
CA GLN A 98 15.24 -38.68 43.23
C GLN A 98 14.76 -39.55 42.05
N LEU A 99 14.22 -38.94 41.00
CA LEU A 99 13.75 -39.75 39.87
C LEU A 99 14.91 -40.25 39.06
N ILE A 100 15.50 -41.34 39.51
CA ILE A 100 16.80 -41.73 39.02
C ILE A 100 16.70 -42.58 37.76
N ASN A 101 15.54 -43.16 37.52
CA ASN A 101 15.33 -44.05 36.38
C ASN A 101 14.49 -43.44 35.28
N LEU A 102 14.24 -42.14 35.39
CA LEU A 102 13.35 -41.43 34.48
C LEU A 102 13.82 -41.51 33.03
N GLN A 103 12.90 -41.73 32.11
CA GLN A 103 13.27 -41.86 30.70
C GLN A 103 12.62 -40.82 29.78
N ASN A 104 11.40 -40.44 30.09
CA ASN A 104 10.70 -39.42 29.31
C ASN A 104 10.14 -38.36 30.23
N LEU A 105 10.52 -37.10 30.04
CA LEU A 105 10.01 -36.03 30.86
C LEU A 105 9.34 -34.97 30.03
N ASP A 106 8.07 -34.69 30.31
CA ASP A 106 7.33 -33.73 29.51
C ASP A 106 6.85 -32.54 30.31
N LEU A 107 7.39 -31.37 30.01
CA LEU A 107 7.02 -30.14 30.70
C LEU A 107 6.53 -29.08 29.74
N SER A 108 6.10 -29.48 28.56
CA SER A 108 5.67 -28.51 27.56
C SER A 108 4.37 -27.83 27.96
N PHE A 109 4.15 -26.65 27.40
CA PHE A 109 2.92 -25.90 27.65
C PHE A 109 2.75 -25.59 29.12
N ASN A 110 3.76 -24.92 29.64
CA ASN A 110 3.77 -24.45 31.01
C ASN A 110 4.29 -23.03 31.01
N GLN A 111 4.26 -22.37 32.16
CA GLN A 111 4.71 -21.00 32.23
C GLN A 111 6.11 -20.87 32.82
N LEU A 112 7.02 -21.74 32.41
CA LEU A 112 8.39 -21.67 32.92
C LEU A 112 9.20 -20.54 32.31
N SER A 113 9.86 -19.77 33.16
CA SER A 113 10.61 -18.62 32.67
C SER A 113 12.10 -18.84 32.85
N SER A 114 12.47 -19.71 33.79
CA SER A 114 13.88 -20.04 34.01
C SER A 114 13.99 -21.41 34.63
N LEU A 115 15.19 -21.97 34.62
CA LEU A 115 15.43 -23.28 35.21
C LEU A 115 16.64 -23.29 36.12
N HIS A 116 16.51 -23.91 37.27
CA HIS A 116 17.64 -24.05 38.19
C HIS A 116 18.71 -24.91 37.52
N PRO A 117 19.95 -24.42 37.45
CA PRO A 117 21.07 -25.06 36.79
C PRO A 117 21.27 -26.52 37.16
N GLU A 118 20.81 -26.90 38.33
CA GLU A 118 21.00 -28.26 38.79
C GLU A 118 19.69 -29.02 38.78
N LEU A 119 18.76 -28.57 37.95
CA LEU A 119 17.42 -29.13 37.96
C LEU A 119 17.41 -30.55 37.44
N PHE A 120 18.21 -30.80 36.42
CA PHE A 120 18.22 -32.12 35.79
C PHE A 120 19.44 -32.94 36.17
N TYR A 121 20.12 -32.59 37.25
CA TYR A 121 21.29 -33.37 37.66
C TYR A 121 20.91 -34.80 38.00
N GLY A 122 21.75 -35.73 37.63
CA GLY A 122 21.52 -37.12 37.91
C GLY A 122 20.39 -37.78 37.14
N LEU A 123 20.09 -37.33 35.95
CA LEU A 123 19.03 -37.99 35.20
C LEU A 123 19.64 -38.75 34.05
N ARG A 124 20.53 -39.67 34.40
CA ARG A 124 21.36 -40.38 33.44
C ARG A 124 20.61 -41.27 32.49
N LYS A 125 19.45 -41.75 32.87
CA LYS A 125 18.73 -42.62 31.96
C LYS A 125 17.66 -41.88 31.13
N LEU A 126 17.65 -40.55 31.22
CA LEU A 126 16.69 -39.74 30.46
C LEU A 126 16.96 -39.80 28.98
N GLN A 127 15.92 -40.06 28.19
CA GLN A 127 16.07 -40.20 26.74
C GLN A 127 15.42 -39.07 25.94
N THR A 128 14.25 -38.63 26.38
CA THR A 128 13.54 -37.55 25.71
C THR A 128 13.13 -36.48 26.71
N LEU A 129 13.27 -35.22 26.34
CA LEU A 129 12.93 -34.12 27.22
C LEU A 129 12.14 -33.08 26.48
N HIS A 130 10.88 -32.86 26.87
CA HIS A 130 10.02 -31.93 26.18
C HIS A 130 9.80 -30.64 26.96
N LEU A 131 10.43 -29.57 26.49
CA LEU A 131 10.28 -28.25 27.10
C LEU A 131 9.65 -27.25 26.14
N ARG A 132 8.91 -27.75 25.16
CA ARG A 132 8.29 -26.89 24.15
C ARG A 132 7.24 -25.95 24.74
N SER A 133 7.07 -24.79 24.12
CA SER A 133 5.98 -23.90 24.45
C SER A 133 6.00 -23.43 25.90
N ASN A 134 7.14 -22.89 26.29
CA ASN A 134 7.38 -22.28 27.60
C ASN A 134 7.90 -20.90 27.33
N SER A 135 8.02 -20.09 28.37
CA SER A 135 8.60 -18.78 28.20
C SER A 135 10.07 -18.64 28.61
N LEU A 136 10.88 -19.70 28.51
CA LEU A 136 12.29 -19.60 28.90
C LEU A 136 13.03 -18.52 28.14
N ARG A 137 13.86 -17.74 28.82
CA ARG A 137 14.60 -16.68 28.13
C ARG A 137 16.08 -17.04 27.99
N THR A 138 16.55 -17.84 28.92
CA THR A 138 17.93 -18.27 28.95
C THR A 138 18.01 -19.72 29.36
N ILE A 139 19.15 -20.34 29.15
CA ILE A 139 19.30 -21.72 29.52
C ILE A 139 20.68 -21.96 30.12
N PRO A 140 20.71 -22.40 31.38
CA PRO A 140 21.93 -22.57 32.16
C PRO A 140 22.98 -23.40 31.47
N VAL A 141 24.22 -23.01 31.63
CA VAL A 141 25.31 -23.68 30.95
C VAL A 141 25.47 -25.09 31.43
N ARG A 142 25.11 -25.31 32.69
CA ARG A 142 25.35 -26.59 33.34
C ARG A 142 24.12 -27.48 33.40
N LEU A 143 23.06 -27.09 32.72
CA LEU A 143 21.77 -27.74 32.88
C LEU A 143 21.74 -29.17 32.44
N PHE A 144 22.41 -29.44 31.33
CA PHE A 144 22.33 -30.74 30.72
C PHE A 144 23.57 -31.56 31.01
N TRP A 145 24.32 -31.22 32.05
CA TRP A 145 25.59 -31.88 32.28
C TRP A 145 25.44 -33.36 32.39
N ASP A 146 24.36 -33.77 33.03
CA ASP A 146 24.16 -35.16 33.40
C ASP A 146 23.28 -36.00 32.50
N CYS A 147 22.70 -35.41 31.46
CA CYS A 147 21.80 -36.17 30.61
C CYS A 147 22.60 -37.03 29.68
N ARG A 148 23.33 -37.94 30.28
CA ARG A 148 24.30 -38.78 29.62
C ARG A 148 23.73 -39.61 28.49
N SER A 149 22.42 -39.84 28.52
CA SER A 149 21.79 -40.67 27.50
C SER A 149 20.64 -39.99 26.78
N LEU A 150 20.51 -38.68 26.91
CA LEU A 150 19.46 -37.95 26.19
C LEU A 150 19.68 -37.96 24.70
N GLU A 151 18.65 -38.24 23.91
CA GLU A 151 18.81 -38.20 22.47
C GLU A 151 17.74 -37.39 21.72
N PHE A 152 16.81 -36.80 22.46
CA PHE A 152 15.80 -35.92 21.90
C PHE A 152 15.56 -34.75 22.84
N LEU A 153 15.79 -33.55 22.37
CA LEU A 153 15.61 -32.36 23.18
C LEU A 153 14.77 -31.34 22.45
N ASP A 154 13.67 -30.90 23.06
CA ASP A 154 12.76 -29.96 22.44
C ASP A 154 12.65 -28.65 23.23
N LEU A 155 13.24 -27.59 22.69
CA LEU A 155 13.20 -26.28 23.33
C LEU A 155 12.49 -25.27 22.46
N SER A 156 11.59 -25.73 21.62
CA SER A 156 10.95 -24.85 20.65
C SER A 156 9.88 -23.98 21.27
N THR A 157 9.50 -22.94 20.55
CA THR A 157 8.45 -22.02 20.97
C THR A 157 8.71 -21.50 22.37
N ASN A 158 9.89 -20.95 22.57
CA ASN A 158 10.24 -20.29 23.82
C ASN A 158 10.68 -18.89 23.54
N ARG A 159 11.44 -18.29 24.45
CA ARG A 159 11.91 -16.93 24.21
C ARG A 159 13.41 -16.84 24.33
N LEU A 160 14.12 -17.87 23.88
CA LEU A 160 15.56 -17.88 23.94
C LEU A 160 16.14 -16.81 23.03
N ARG A 161 16.94 -15.93 23.59
CA ARG A 161 17.53 -14.81 22.85
C ARG A 161 18.93 -15.15 22.36
N SER A 162 19.60 -16.07 23.05
CA SER A 162 20.99 -16.38 22.74
C SER A 162 21.31 -17.81 23.09
N LEU A 163 22.45 -18.28 22.59
CA LEU A 163 22.90 -19.61 22.92
C LEU A 163 24.18 -19.45 23.68
N ALA A 164 24.31 -20.13 24.81
CA ALA A 164 25.48 -19.97 25.65
C ALA A 164 26.71 -20.41 24.86
N ARG A 165 27.77 -19.64 25.00
CA ARG A 165 28.93 -19.83 24.16
C ARG A 165 29.68 -21.13 24.32
N ASN A 166 29.91 -21.51 25.57
CA ASN A 166 30.70 -22.70 25.84
C ASN A 166 29.91 -23.91 26.31
N GLY A 167 28.59 -23.89 26.12
CA GLY A 167 27.79 -24.85 26.86
C GLY A 167 26.73 -25.75 26.24
N PHE A 168 27.18 -26.86 25.69
CA PHE A 168 26.27 -27.95 25.35
C PHE A 168 26.75 -29.23 25.96
N ALA A 169 27.55 -29.11 27.01
CA ALA A 169 28.12 -30.24 27.69
C ALA A 169 27.10 -31.21 28.24
N GLY A 170 27.40 -32.49 28.11
CA GLY A 170 26.57 -33.55 28.64
C GLY A 170 25.58 -34.09 27.66
N LEU A 171 25.57 -33.55 26.46
CA LEU A 171 24.62 -34.02 25.47
C LEU A 171 25.35 -34.81 24.41
N ILE A 172 26.34 -35.60 24.79
CA ILE A 172 27.19 -36.26 23.81
C ILE A 172 26.42 -37.27 22.95
N LYS A 173 25.28 -37.72 23.42
CA LYS A 173 24.55 -38.73 22.68
C LYS A 173 23.26 -38.20 22.02
N LEU A 174 23.05 -36.89 22.07
CA LEU A 174 21.85 -36.28 21.53
C LEU A 174 21.76 -36.39 20.03
N ARG A 175 20.59 -36.78 19.52
CA ARG A 175 20.40 -36.96 18.08
C ARG A 175 19.57 -35.89 17.42
N GLU A 176 18.54 -35.39 18.08
CA GLU A 176 17.66 -34.41 17.45
C GLU A 176 17.38 -33.21 18.36
N LEU A 177 17.68 -32.00 17.89
CA LEU A 177 17.53 -30.80 18.71
C LEU A 177 16.58 -29.79 18.11
N HIS A 178 15.56 -29.41 18.87
CA HIS A 178 14.56 -28.45 18.38
C HIS A 178 14.73 -27.09 19.00
N LEU A 179 15.10 -26.10 18.20
CA LEU A 179 15.23 -24.76 18.72
C LEU A 179 14.39 -23.80 17.92
N GLU A 180 13.38 -24.31 17.24
CA GLU A 180 12.60 -23.47 16.37
C GLU A 180 11.66 -22.56 17.14
N HIS A 181 11.24 -21.50 16.50
CA HIS A 181 10.28 -20.56 17.06
C HIS A 181 10.75 -19.93 18.36
N ASN A 182 12.02 -19.60 18.44
CA ASN A 182 12.53 -18.80 19.53
C ASN A 182 12.88 -17.44 19.01
N GLN A 183 13.90 -16.82 19.56
CA GLN A 183 14.23 -15.48 19.12
C GLN A 183 15.72 -15.29 18.93
N LEU A 184 16.36 -16.29 18.36
CA LEU A 184 17.80 -16.22 18.12
C LEU A 184 18.14 -15.24 17.01
N THR A 185 19.27 -14.56 17.16
CA THR A 185 19.70 -13.49 16.26
C THR A 185 20.84 -13.91 15.36
N LYS A 186 21.76 -14.68 15.91
CA LYS A 186 22.97 -15.07 15.21
C LYS A 186 23.19 -16.55 15.47
N ILE A 187 23.89 -17.23 14.57
CA ILE A 187 24.25 -18.61 14.84
C ILE A 187 25.73 -18.81 14.60
N ASN A 188 26.45 -19.13 15.66
CA ASN A 188 27.83 -19.54 15.57
C ASN A 188 27.92 -21.02 15.75
N PHE A 189 28.07 -21.75 14.66
CA PHE A 189 28.01 -23.20 14.69
C PHE A 189 29.10 -23.85 15.52
N ALA A 190 30.08 -23.08 15.95
CA ALA A 190 31.07 -23.61 16.88
C ALA A 190 30.42 -23.89 18.22
N HIS A 191 29.33 -23.20 18.51
CA HIS A 191 28.65 -23.35 19.79
C HIS A 191 28.01 -24.70 19.95
N PHE A 192 27.88 -25.45 18.86
CA PHE A 192 27.30 -26.77 18.93
C PHE A 192 28.36 -27.85 18.96
N LEU A 193 29.60 -27.49 19.29
CA LEU A 193 30.73 -28.40 19.14
C LEU A 193 30.55 -29.69 19.92
N ARG A 194 29.98 -29.59 21.11
CA ARG A 194 29.87 -30.73 21.99
C ARG A 194 28.86 -31.77 21.57
N LEU A 195 27.91 -31.39 20.73
CA LEU A 195 26.87 -32.32 20.30
C LEU A 195 27.38 -33.16 19.16
N SER A 196 28.08 -34.24 19.43
CA SER A 196 28.79 -34.91 18.36
C SER A 196 28.05 -36.11 17.86
N SER A 197 26.80 -36.26 18.28
CA SER A 197 25.97 -37.33 17.76
C SER A 197 24.75 -36.81 17.04
N LEU A 198 24.64 -35.51 16.88
CA LEU A 198 23.44 -34.90 16.32
C LEU A 198 23.22 -35.26 14.84
N HIS A 199 21.99 -35.66 14.50
CA HIS A 199 21.65 -35.91 13.10
C HIS A 199 20.79 -34.78 12.55
N THR A 200 19.97 -34.19 13.40
CA THR A 200 19.00 -33.20 12.96
C THR A 200 18.97 -31.96 13.84
N LEU A 201 19.02 -30.79 13.22
CA LEU A 201 18.96 -29.53 13.95
C LEU A 201 17.91 -28.61 13.38
N PHE A 202 16.90 -28.28 14.17
CA PHE A 202 15.85 -27.40 13.74
C PHE A 202 16.04 -26.00 14.26
N LEU A 203 16.21 -25.04 13.37
CA LEU A 203 16.38 -23.65 13.79
C LEU A 203 15.39 -22.74 13.11
N GLN A 204 14.27 -23.28 12.66
CA GLN A 204 13.39 -22.47 11.85
C GLN A 204 12.65 -21.44 12.66
N TRP A 205 12.30 -20.35 11.99
CA TRP A 205 11.46 -19.30 12.53
C TRP A 205 12.05 -18.63 13.74
N ASN A 206 13.31 -18.26 13.64
CA ASN A 206 13.94 -17.40 14.62
C ASN A 206 14.10 -16.06 13.97
N LYS A 207 15.12 -15.31 14.36
CA LYS A 207 15.35 -14.00 13.76
C LYS A 207 16.78 -13.91 13.27
N ILE A 208 17.31 -15.02 12.77
CA ILE A 208 18.72 -15.15 12.49
C ILE A 208 19.20 -14.38 11.29
N SER A 209 20.18 -13.51 11.52
CA SER A 209 20.74 -12.66 10.46
C SER A 209 22.02 -13.26 9.93
N ASN A 210 22.86 -13.73 10.84
CA ASN A 210 24.18 -14.24 10.49
C ASN A 210 24.36 -15.73 10.66
N LEU A 211 25.19 -16.32 9.81
CA LEU A 211 25.62 -17.70 9.96
C LEU A 211 27.13 -17.73 10.02
N THR A 212 27.71 -17.99 11.17
CA THR A 212 29.16 -17.96 11.31
C THR A 212 29.71 -19.20 11.98
N CYS A 213 31.01 -19.43 11.86
CA CYS A 213 31.66 -20.52 12.57
C CYS A 213 33.06 -20.15 13.07
N GLY A 214 33.20 -19.98 14.38
CA GLY A 214 34.44 -19.48 14.96
C GLY A 214 35.57 -20.47 15.13
N MET A 215 35.22 -21.74 15.34
CA MET A 215 36.19 -22.83 15.43
C MET A 215 36.21 -23.58 14.12
N GLU A 216 37.36 -24.08 13.70
CA GLU A 216 37.34 -25.03 12.61
C GLU A 216 37.21 -26.43 13.21
N TRP A 217 36.13 -27.10 12.87
CA TRP A 217 35.86 -28.44 13.37
C TRP A 217 35.00 -29.20 12.38
N THR A 218 34.85 -30.50 12.57
CA THR A 218 34.06 -31.27 11.63
C THR A 218 32.89 -31.97 12.31
N TRP A 219 31.69 -31.59 11.89
CA TRP A 219 30.47 -32.15 12.42
C TRP A 219 29.97 -33.29 11.53
N GLY A 220 30.65 -34.43 11.57
CA GLY A 220 30.38 -35.49 10.63
C GLY A 220 28.99 -36.12 10.66
N THR A 221 28.27 -35.93 11.76
CA THR A 221 27.03 -36.65 11.94
C THR A 221 25.80 -35.85 11.58
N LEU A 222 25.94 -34.55 11.43
CA LEU A 222 24.79 -33.71 11.12
C LEU A 222 24.30 -33.98 9.73
N GLU A 223 23.04 -34.31 9.59
CA GLU A 223 22.50 -34.64 8.27
C GLU A 223 21.36 -33.74 7.83
N LYS A 224 20.66 -33.09 8.75
CA LYS A 224 19.57 -32.19 8.38
C LYS A 224 19.60 -30.88 9.16
N LEU A 225 19.49 -29.76 8.46
CA LEU A 225 19.50 -28.45 9.09
C LEU A 225 18.35 -27.58 8.58
N ASP A 226 17.39 -27.29 9.44
CA ASP A 226 16.22 -26.52 9.03
C ASP A 226 16.37 -25.08 9.50
N LEU A 227 16.59 -24.19 8.55
CA LEU A 227 16.79 -22.78 8.84
C LEU A 227 15.70 -21.96 8.19
N THR A 228 14.55 -22.58 7.98
CA THR A 228 13.46 -21.95 7.26
C THR A 228 12.93 -20.74 7.98
N GLY A 229 12.77 -19.64 7.26
CA GLY A 229 12.01 -18.53 7.79
C GLY A 229 12.75 -17.64 8.77
N ASN A 230 14.06 -17.54 8.61
CA ASN A 230 14.82 -16.58 9.38
C ASN A 230 15.02 -15.31 8.59
N GLU A 231 16.08 -14.59 8.89
CA GLU A 231 16.35 -13.32 8.25
C GLU A 231 17.77 -13.31 7.75
N ILE A 232 18.24 -14.50 7.38
CA ILE A 232 19.63 -14.71 7.00
C ILE A 232 19.98 -13.93 5.75
N LYS A 233 21.02 -13.12 5.84
CA LYS A 233 21.44 -12.33 4.71
C LYS A 233 22.91 -12.56 4.45
N ALA A 234 23.61 -13.08 5.45
CA ALA A 234 25.04 -13.29 5.33
C ALA A 234 25.47 -14.66 5.86
N ILE A 235 26.43 -15.27 5.19
CA ILE A 235 26.93 -16.58 5.59
C ILE A 235 28.43 -16.65 5.44
N ASP A 236 29.12 -16.97 6.53
CA ASP A 236 30.57 -17.14 6.52
C ASP A 236 30.98 -18.29 5.61
N LEU A 237 32.06 -18.09 4.88
CA LEU A 237 32.40 -19.00 3.79
C LEU A 237 32.84 -20.37 4.23
N THR A 238 32.75 -20.67 5.52
CA THR A 238 33.18 -21.97 6.02
C THR A 238 32.18 -22.66 6.90
N VAL A 239 30.94 -22.19 6.95
CA VAL A 239 30.04 -22.80 7.91
C VAL A 239 29.57 -24.17 7.42
N PHE A 240 29.73 -24.45 6.14
CA PHE A 240 29.28 -25.74 5.63
C PHE A 240 30.45 -26.69 5.35
N GLU A 241 31.68 -26.19 5.50
CA GLU A 241 32.84 -27.07 5.48
C GLU A 241 32.74 -27.93 6.71
N THR A 242 32.04 -27.39 7.69
CA THR A 242 31.82 -28.02 8.97
C THR A 242 30.86 -29.21 8.84
N MET A 243 30.00 -29.21 7.85
CA MET A 243 29.01 -30.26 7.73
C MET A 243 29.11 -31.03 6.42
N PRO A 244 30.12 -31.90 6.31
CA PRO A 244 30.42 -32.61 5.07
C PRO A 244 29.34 -33.59 4.69
N ASN A 245 28.62 -34.11 5.68
CA ASN A 245 27.58 -35.10 5.38
C ASN A 245 26.17 -34.55 5.44
N LEU A 246 26.03 -33.24 5.38
CA LEU A 246 24.73 -32.62 5.43
C LEU A 246 23.96 -33.02 4.20
N LYS A 247 22.77 -33.57 4.39
CA LYS A 247 22.03 -34.10 3.26
C LYS A 247 20.73 -33.36 3.02
N ILE A 248 20.22 -32.67 4.03
CA ILE A 248 19.04 -31.83 3.88
C ILE A 248 19.30 -30.44 4.42
N LEU A 249 19.17 -29.42 3.57
CA LEU A 249 19.37 -28.04 3.99
C LEU A 249 18.22 -27.18 3.52
N LEU A 250 17.49 -26.56 4.45
CA LEU A 250 16.34 -25.75 4.09
C LEU A 250 16.56 -24.31 4.46
N MET A 251 16.59 -23.42 3.48
CA MET A 251 16.80 -22.01 3.77
C MET A 251 15.79 -21.14 3.09
N ASP A 252 14.55 -21.60 3.04
CA ASP A 252 13.47 -20.86 2.44
C ASP A 252 13.11 -19.69 3.30
N ASN A 253 12.42 -18.73 2.71
CA ASN A 253 11.86 -17.64 3.45
C ASN A 253 12.89 -16.87 4.24
N ASN A 254 14.05 -16.67 3.63
CA ASN A 254 15.08 -15.84 4.21
C ASN A 254 15.34 -14.63 3.37
N LYS A 255 16.44 -13.96 3.63
CA LYS A 255 16.78 -12.73 2.96
C LYS A 255 18.09 -12.88 2.23
N LEU A 256 18.38 -14.10 1.81
CA LEU A 256 19.57 -14.39 1.01
C LEU A 256 19.57 -13.66 -0.31
N ASN A 257 20.70 -13.08 -0.63
CA ASN A 257 20.87 -12.25 -1.80
C ASN A 257 21.59 -13.01 -2.93
N SER A 258 22.48 -13.88 -2.51
CA SER A 258 23.35 -14.63 -3.40
C SER A 258 24.04 -15.72 -2.61
N LEU A 259 24.77 -16.59 -3.28
CA LEU A 259 25.57 -17.59 -2.59
C LEU A 259 26.93 -17.74 -3.25
N ASP A 260 27.99 -17.60 -2.46
CA ASP A 260 29.35 -17.66 -2.97
C ASP A 260 29.65 -19.05 -3.49
N SER A 261 30.53 -19.13 -4.48
CA SER A 261 30.92 -20.43 -5.03
C SER A 261 31.66 -21.24 -3.99
N LYS A 262 32.23 -20.54 -3.01
CA LYS A 262 32.95 -21.18 -1.94
C LYS A 262 31.97 -21.95 -1.06
N ILE A 263 30.83 -21.33 -0.79
CA ILE A 263 29.78 -21.97 -0.03
C ILE A 263 29.29 -23.21 -0.74
N LEU A 264 28.83 -23.03 -1.97
CA LEU A 264 28.17 -24.09 -2.72
C LEU A 264 29.09 -25.27 -2.98
N ASN A 265 30.38 -25.02 -3.02
CA ASN A 265 31.32 -26.10 -3.26
C ASN A 265 31.45 -27.02 -2.05
N SER A 266 30.86 -26.62 -0.94
CA SER A 266 30.88 -27.41 0.27
C SER A 266 29.52 -28.08 0.50
N LEU A 267 28.57 -27.77 -0.37
CA LEU A 267 27.26 -28.43 -0.32
C LEU A 267 27.12 -29.46 -1.43
N ARG A 268 27.90 -30.52 -1.35
CA ARG A 268 27.85 -31.53 -2.39
C ARG A 268 27.25 -32.83 -1.94
N SER A 269 26.93 -32.96 -0.67
CA SER A 269 26.31 -34.18 -0.22
C SER A 269 24.81 -34.04 -0.07
N LEU A 270 24.27 -32.90 -0.50
CA LEU A 270 22.84 -32.63 -0.31
C LEU A 270 21.96 -33.49 -1.18
N THR A 271 20.82 -33.90 -0.64
CA THR A 271 19.83 -34.61 -1.43
C THR A 271 18.53 -33.81 -1.55
N THR A 272 18.34 -32.87 -0.64
CA THR A 272 17.18 -31.99 -0.66
C THR A 272 17.60 -30.60 -0.23
N VAL A 273 17.24 -29.60 -1.01
CA VAL A 273 17.57 -28.22 -0.67
C VAL A 273 16.32 -27.38 -0.76
N GLY A 274 16.35 -26.23 -0.11
CA GLY A 274 15.24 -25.30 -0.15
C GLY A 274 15.77 -23.90 -0.19
N LEU A 275 15.49 -23.17 -1.27
CA LEU A 275 16.02 -21.83 -1.43
C LEU A 275 14.96 -20.84 -1.86
N SER A 276 13.70 -21.23 -1.74
CA SER A 276 12.59 -20.43 -2.23
C SER A 276 12.24 -19.32 -1.26
N GLY A 277 11.64 -18.26 -1.76
CA GLY A 277 11.13 -17.26 -0.85
C GLY A 277 12.18 -16.27 -0.42
N ASN A 278 13.34 -16.32 -1.05
CA ASN A 278 14.42 -15.40 -0.72
C ASN A 278 14.43 -14.13 -1.56
N LEU A 279 15.49 -13.35 -1.39
CA LEU A 279 15.68 -12.09 -2.10
C LEU A 279 16.78 -12.15 -3.14
N TRP A 280 16.71 -13.12 -4.03
CA TRP A 280 17.81 -13.38 -4.96
C TRP A 280 17.99 -12.24 -5.93
N GLU A 281 19.23 -11.86 -6.16
CA GLU A 281 19.56 -10.86 -7.17
C GLU A 281 20.03 -11.56 -8.44
N CYS A 282 19.21 -11.53 -9.48
CA CYS A 282 19.56 -12.19 -10.73
C CYS A 282 20.43 -11.28 -11.54
N SER A 283 21.66 -11.14 -11.08
CA SER A 283 22.67 -10.38 -11.78
C SER A 283 23.81 -11.33 -12.05
N ALA A 284 24.97 -10.79 -12.37
CA ALA A 284 26.12 -11.64 -12.62
C ALA A 284 26.49 -12.46 -11.40
N ARG A 285 26.15 -11.95 -10.22
CA ARG A 285 26.51 -12.61 -8.96
C ARG A 285 25.91 -14.01 -8.81
N ILE A 286 24.70 -14.19 -9.28
CA ILE A 286 23.98 -15.44 -9.09
C ILE A 286 24.49 -16.60 -9.92
N CYS A 287 25.55 -16.40 -10.70
CA CYS A 287 26.07 -17.50 -11.52
C CYS A 287 26.49 -18.73 -10.72
N ALA A 288 27.08 -18.53 -9.56
CA ALA A 288 27.49 -19.66 -8.74
C ALA A 288 26.30 -20.54 -8.42
N LEU A 289 25.20 -19.91 -8.03
CA LEU A 289 23.99 -20.64 -7.68
C LEU A 289 23.36 -21.29 -8.89
N ALA A 290 23.30 -20.56 -10.00
CA ALA A 290 22.69 -21.06 -11.23
C ALA A 290 23.46 -22.26 -11.70
N SER A 291 24.76 -22.20 -11.59
CA SER A 291 25.58 -23.31 -11.97
C SER A 291 25.37 -24.49 -11.04
N TRP A 292 25.17 -24.21 -9.76
CA TRP A 292 24.97 -25.25 -8.77
C TRP A 292 23.64 -25.99 -8.99
N LEU A 293 22.61 -25.23 -9.35
CA LEU A 293 21.27 -25.78 -9.56
C LEU A 293 21.20 -26.75 -10.71
N GLY A 294 21.93 -26.45 -11.78
CA GLY A 294 21.92 -27.28 -12.96
C GLY A 294 22.69 -28.56 -12.73
N SER A 295 23.70 -28.45 -11.89
CA SER A 295 24.54 -29.57 -11.55
C SER A 295 23.83 -30.53 -10.60
N PHE A 296 22.97 -29.95 -9.76
CA PHE A 296 22.24 -30.64 -8.71
C PHE A 296 21.37 -31.77 -9.22
N GLN A 297 21.24 -32.84 -8.43
CA GLN A 297 20.37 -33.96 -8.77
C GLN A 297 19.36 -34.31 -7.68
N GLY A 298 19.18 -33.42 -6.72
CA GLY A 298 18.31 -33.70 -5.60
C GLY A 298 17.00 -32.97 -5.71
N ARG A 299 16.32 -32.77 -4.59
CA ARG A 299 14.99 -32.17 -4.58
C ARG A 299 14.96 -30.71 -4.21
N TRP A 300 14.06 -29.95 -4.81
CA TRP A 300 13.63 -28.70 -4.20
C TRP A 300 12.12 -28.61 -4.38
N GLU A 301 11.43 -28.36 -3.29
CA GLU A 301 9.99 -28.43 -3.33
C GLU A 301 9.33 -27.23 -3.97
N HIS A 302 9.94 -26.06 -3.88
CA HIS A 302 9.34 -24.85 -4.44
C HIS A 302 10.27 -24.13 -5.39
N SER A 303 9.70 -23.51 -6.42
CA SER A 303 10.50 -22.82 -7.41
C SER A 303 11.25 -21.66 -6.82
N ILE A 304 12.47 -21.48 -7.28
CA ILE A 304 13.33 -20.44 -6.76
C ILE A 304 13.32 -19.25 -7.68
N LEU A 305 12.62 -18.19 -7.30
CA LEU A 305 12.42 -17.04 -8.18
C LEU A 305 13.36 -15.87 -7.91
N CYS A 306 13.65 -15.11 -8.96
CA CYS A 306 14.44 -13.88 -8.88
C CYS A 306 13.67 -12.73 -8.29
N HIS A 307 14.35 -11.92 -7.49
CA HIS A 307 13.72 -10.77 -6.87
C HIS A 307 14.16 -9.43 -7.46
N SER A 308 15.41 -9.35 -7.88
CA SER A 308 15.95 -8.12 -8.40
C SER A 308 16.88 -8.45 -9.56
N PRO A 309 16.96 -7.57 -10.57
CA PRO A 309 16.24 -6.31 -10.73
C PRO A 309 14.82 -6.45 -11.23
N ASP A 310 14.18 -5.31 -11.41
CA ASP A 310 12.74 -5.26 -11.58
C ASP A 310 12.23 -6.07 -12.76
N HIS A 311 13.07 -6.23 -13.77
CA HIS A 311 12.64 -6.90 -14.99
C HIS A 311 12.90 -8.39 -14.99
N THR A 312 13.40 -8.89 -13.87
CA THR A 312 13.59 -10.32 -13.70
C THR A 312 12.71 -10.82 -12.58
N GLN A 313 12.04 -9.90 -11.92
CA GLN A 313 11.23 -10.27 -10.78
C GLN A 313 10.19 -11.30 -11.15
N GLY A 314 10.14 -12.38 -10.38
CA GLY A 314 9.17 -13.43 -10.58
C GLY A 314 9.52 -14.49 -11.60
N GLU A 315 10.75 -14.51 -12.07
CA GLU A 315 11.12 -15.48 -13.07
C GLU A 315 12.07 -16.51 -12.48
N ASP A 316 12.02 -17.74 -12.99
CA ASP A 316 12.91 -18.82 -12.54
C ASP A 316 14.34 -18.37 -12.66
N ILE A 317 15.15 -18.77 -11.70
CA ILE A 317 16.54 -18.37 -11.72
C ILE A 317 17.21 -18.83 -12.98
N LEU A 318 16.98 -20.08 -13.35
CA LEU A 318 17.62 -20.59 -14.54
C LEU A 318 17.01 -19.99 -15.80
N ASP A 319 15.69 -19.85 -15.83
CA ASP A 319 15.04 -19.24 -16.98
C ASP A 319 15.53 -17.83 -17.20
N ALA A 320 15.79 -17.13 -16.10
CA ALA A 320 16.24 -15.77 -16.20
C ALA A 320 17.69 -15.71 -16.63
N VAL A 321 18.49 -16.63 -16.11
CA VAL A 321 19.90 -16.66 -16.47
C VAL A 321 20.12 -16.90 -17.95
N HIS A 322 19.42 -17.88 -18.51
CA HIS A 322 19.60 -18.19 -19.91
C HIS A 322 18.87 -17.22 -20.81
N GLY A 323 17.81 -16.61 -20.29
CA GLY A 323 17.05 -15.66 -21.07
C GLY A 323 17.79 -14.37 -21.27
N PHE A 324 18.46 -13.90 -20.22
CA PHE A 324 19.07 -12.58 -20.21
C PHE A 324 20.57 -12.59 -20.34
N GLN A 325 21.17 -13.74 -20.69
CA GLN A 325 22.62 -13.81 -20.85
C GLN A 325 23.44 -13.32 -19.67
N LEU A 326 23.12 -13.78 -18.47
CA LEU A 326 23.73 -13.22 -17.27
C LEU A 326 25.10 -13.81 -17.00
N CYS A 327 25.28 -15.08 -17.37
CA CYS A 327 26.51 -15.77 -17.06
C CYS A 327 27.20 -16.28 -18.30
N TRP A 328 28.43 -16.76 -18.12
CA TRP A 328 29.17 -17.41 -19.18
C TRP A 328 29.34 -16.55 -20.43
N CYS B 1 -30.36 -34.60 -19.25
CA CYS B 1 -30.39 -33.73 -18.08
C CYS B 1 -30.94 -34.45 -16.85
N PRO B 2 -30.20 -34.38 -15.72
CA PRO B 2 -30.60 -35.01 -14.47
C PRO B 2 -31.92 -34.45 -13.92
N PRO B 3 -32.62 -35.25 -13.11
CA PRO B 3 -33.93 -34.86 -12.56
C PRO B 3 -33.86 -33.69 -11.57
N LYS B 4 -34.90 -32.86 -11.58
CA LYS B 4 -35.05 -31.72 -10.68
C LYS B 4 -34.05 -30.62 -11.01
N CYS B 5 -33.37 -30.77 -12.14
CA CYS B 5 -32.31 -29.86 -12.52
C CYS B 5 -32.55 -29.16 -13.85
N ARG B 6 -32.47 -27.83 -13.85
CA ARG B 6 -32.60 -27.07 -15.09
C ARG B 6 -31.22 -26.87 -15.73
N CYS B 7 -31.10 -27.21 -17.00
CA CYS B 7 -29.82 -27.11 -17.70
C CYS B 7 -29.91 -26.12 -18.85
N GLU B 8 -29.31 -24.96 -18.64
CA GLU B 8 -29.36 -23.87 -19.60
C GLU B 8 -28.40 -24.06 -20.77
N LYS B 9 -27.25 -24.68 -20.52
CA LYS B 9 -26.30 -25.03 -21.59
C LYS B 9 -25.61 -26.35 -21.34
N LEU B 10 -24.32 -26.24 -21.01
CA LEU B 10 -23.56 -27.33 -20.46
C LEU B 10 -23.42 -27.11 -18.96
N LEU B 11 -23.91 -25.96 -18.52
CA LEU B 11 -24.01 -25.66 -17.10
C LEU B 11 -25.24 -26.32 -16.53
N PHE B 12 -25.10 -26.91 -15.35
CA PHE B 12 -26.20 -27.63 -14.69
C PHE B 12 -26.55 -26.96 -13.39
N TYR B 13 -27.81 -26.52 -13.27
CA TYR B 13 -28.27 -25.83 -12.08
C TYR B 13 -29.19 -26.72 -11.26
N CYS B 14 -28.67 -27.33 -10.21
CA CYS B 14 -29.48 -28.17 -9.35
C CYS B 14 -29.64 -27.55 -7.96
N ASP B 15 -30.09 -26.30 -7.93
CA ASP B 15 -30.16 -25.56 -6.68
C ASP B 15 -31.48 -25.75 -5.96
N SER B 16 -31.41 -25.69 -4.64
CA SER B 16 -32.58 -25.65 -3.77
C SER B 16 -33.42 -26.91 -3.84
N GLN B 17 -32.80 -28.03 -4.20
CA GLN B 17 -33.47 -29.32 -4.17
C GLN B 17 -32.96 -30.07 -2.95
N GLY B 18 -33.69 -31.05 -2.47
CA GLY B 18 -33.26 -31.76 -1.28
C GLY B 18 -32.27 -32.86 -1.59
N PHE B 19 -31.10 -32.50 -2.11
CA PHE B 19 -30.11 -33.50 -2.47
C PHE B 19 -29.26 -33.86 -1.27
N HIS B 20 -28.89 -35.13 -1.15
CA HIS B 20 -28.05 -35.56 -0.04
C HIS B 20 -26.67 -35.95 -0.51
N SER B 21 -26.51 -36.05 -1.82
CA SER B 21 -25.20 -36.24 -2.42
C SER B 21 -25.27 -35.72 -3.84
N VAL B 22 -24.15 -35.72 -4.53
CA VAL B 22 -24.13 -35.31 -5.92
C VAL B 22 -24.92 -36.29 -6.77
N PRO B 23 -25.82 -35.76 -7.60
CA PRO B 23 -26.64 -36.53 -8.54
C PRO B 23 -25.82 -37.02 -9.73
N ASN B 24 -26.08 -38.24 -10.18
CA ASN B 24 -25.38 -38.75 -11.36
C ASN B 24 -25.89 -38.01 -12.58
N ALA B 25 -24.97 -37.42 -13.33
CA ALA B 25 -25.34 -36.62 -14.48
C ALA B 25 -25.34 -37.47 -15.73
N LEU B 26 -26.38 -37.26 -16.55
CA LEU B 26 -26.50 -37.90 -17.84
C LEU B 26 -25.29 -37.51 -18.67
N ASP B 27 -25.16 -36.22 -18.91
CA ASP B 27 -24.04 -35.68 -19.66
C ASP B 27 -22.85 -35.40 -18.72
N LYS B 28 -21.73 -36.08 -18.97
CA LYS B 28 -20.55 -35.93 -18.14
C LYS B 28 -19.63 -34.77 -18.54
N GLY B 29 -19.96 -34.10 -19.64
CA GLY B 29 -19.08 -33.07 -20.16
C GLY B 29 -19.55 -31.69 -19.78
N SER B 30 -20.18 -31.59 -18.61
CA SER B 30 -20.69 -30.32 -18.11
C SER B 30 -19.57 -29.36 -17.75
N LEU B 31 -19.76 -28.08 -18.09
CA LEU B 31 -18.78 -27.05 -17.77
C LEU B 31 -18.89 -26.49 -16.36
N GLY B 32 -20.11 -26.41 -15.83
CA GLY B 32 -20.33 -25.84 -14.52
C GLY B 32 -21.37 -26.65 -13.76
N LEU B 33 -21.40 -26.48 -12.45
CA LEU B 33 -22.33 -27.22 -11.61
C LEU B 33 -22.70 -26.45 -10.36
N SER B 34 -24.00 -26.26 -10.15
CA SER B 34 -24.46 -25.55 -8.97
C SER B 34 -25.36 -26.42 -8.08
N LEU B 35 -24.95 -26.62 -6.84
CA LEU B 35 -25.72 -27.41 -5.88
C LEU B 35 -26.00 -26.60 -4.63
N ARG B 36 -26.46 -25.37 -4.82
CA ARG B 36 -26.66 -24.45 -3.71
C ARG B 36 -27.92 -24.82 -2.92
N HIS B 37 -27.89 -24.60 -1.61
CA HIS B 37 -29.03 -24.83 -0.75
C HIS B 37 -29.58 -26.25 -0.79
N ASN B 38 -28.70 -27.25 -0.62
CA ASN B 38 -29.16 -28.64 -0.55
C ASN B 38 -28.88 -29.25 0.82
N HIS B 39 -29.00 -30.56 0.95
CA HIS B 39 -28.75 -31.19 2.24
C HIS B 39 -27.53 -32.10 2.24
N ILE B 40 -26.58 -31.78 1.37
CA ILE B 40 -25.32 -32.50 1.30
C ILE B 40 -24.52 -32.37 2.58
N THR B 41 -24.04 -33.48 3.12
CA THR B 41 -23.33 -33.45 4.39
C THR B 41 -21.90 -33.97 4.28
N GLU B 42 -21.58 -34.58 3.14
CA GLU B 42 -20.33 -35.30 3.02
C GLU B 42 -19.89 -35.32 1.56
N LEU B 43 -18.58 -35.22 1.34
CA LEU B 43 -18.05 -35.30 -0.01
C LEU B 43 -17.17 -36.54 -0.17
N GLU B 44 -17.57 -37.45 -1.05
CA GLU B 44 -16.89 -38.74 -1.21
C GLU B 44 -15.68 -38.70 -2.14
N ARG B 45 -14.88 -39.75 -2.06
CA ARG B 45 -13.72 -39.88 -2.93
C ARG B 45 -14.20 -39.94 -4.36
N ASP B 46 -13.50 -39.25 -5.27
CA ASP B 46 -13.83 -39.22 -6.68
C ASP B 46 -15.26 -38.81 -6.96
N GLN B 47 -15.85 -37.98 -6.11
CA GLN B 47 -17.27 -37.64 -6.27
C GLN B 47 -17.54 -36.91 -7.57
N PHE B 48 -16.61 -36.06 -7.98
CA PHE B 48 -16.79 -35.27 -9.18
C PHE B 48 -15.94 -35.81 -10.32
N ALA B 49 -15.53 -37.07 -10.21
CA ALA B 49 -14.72 -37.70 -11.24
C ALA B 49 -15.44 -37.69 -12.58
N SER B 50 -16.75 -37.82 -12.53
CA SER B 50 -17.58 -37.82 -13.74
C SER B 50 -17.52 -36.51 -14.51
N PHE B 51 -17.52 -35.37 -13.81
CA PHE B 51 -17.48 -34.06 -14.47
C PHE B 51 -16.07 -33.54 -14.75
N SER B 52 -15.33 -34.16 -15.66
CA SER B 52 -13.95 -33.77 -15.89
C SER B 52 -13.80 -32.34 -16.38
N GLN B 53 -14.69 -31.90 -17.27
CA GLN B 53 -14.53 -30.60 -17.92
C GLN B 53 -15.02 -29.41 -17.11
N LEU B 54 -15.51 -29.68 -15.90
CA LEU B 54 -16.06 -28.67 -15.02
C LEU B 54 -15.13 -27.46 -14.80
N THR B 55 -15.61 -26.25 -15.05
CA THR B 55 -14.78 -25.05 -14.84
C THR B 55 -15.09 -24.33 -13.52
N TRP B 56 -16.36 -24.31 -13.14
CA TRP B 56 -16.75 -23.79 -11.84
C TRP B 56 -17.74 -24.71 -11.16
N LEU B 57 -17.69 -24.74 -9.83
CA LEU B 57 -18.54 -25.61 -9.02
C LEU B 57 -19.02 -24.92 -7.75
N HIS B 58 -20.33 -24.71 -7.61
CA HIS B 58 -20.85 -24.01 -6.46
C HIS B 58 -21.50 -24.96 -5.46
N LEU B 59 -20.93 -25.07 -4.26
CA LEU B 59 -21.47 -25.96 -3.25
C LEU B 59 -21.86 -25.20 -1.98
N ASP B 60 -22.09 -23.90 -2.09
CA ASP B 60 -22.39 -23.10 -0.92
C ASP B 60 -23.76 -23.39 -0.33
N HIS B 61 -23.92 -23.06 0.96
CA HIS B 61 -25.15 -23.28 1.72
C HIS B 61 -25.57 -24.74 1.82
N ASN B 62 -24.64 -25.58 2.27
CA ASN B 62 -24.86 -26.99 2.48
C ASN B 62 -24.41 -27.34 3.88
N GLN B 63 -24.75 -28.52 4.38
CA GLN B 63 -24.33 -28.92 5.72
C GLN B 63 -23.05 -29.75 5.76
N ILE B 64 -22.23 -29.64 4.73
CA ILE B 64 -20.98 -30.40 4.63
C ILE B 64 -20.10 -30.30 5.88
N SER B 65 -19.69 -31.45 6.41
CA SER B 65 -18.88 -31.46 7.62
C SER B 65 -17.62 -32.25 7.38
N THR B 66 -17.67 -33.17 6.43
CA THR B 66 -16.54 -34.03 6.17
C THR B 66 -16.16 -34.01 4.70
N VAL B 67 -14.90 -33.80 4.41
CA VAL B 67 -14.42 -33.87 3.05
C VAL B 67 -13.35 -34.94 2.93
N LYS B 68 -13.66 -36.01 2.23
CA LYS B 68 -12.71 -37.12 2.11
C LYS B 68 -11.54 -36.70 1.24
N GLU B 69 -10.43 -37.43 1.40
CA GLU B 69 -9.24 -37.17 0.58
C GLU B 69 -9.58 -37.39 -0.89
N ASP B 70 -9.00 -36.58 -1.76
CA ASP B 70 -9.21 -36.67 -3.20
C ASP B 70 -10.67 -36.53 -3.60
N ALA B 71 -11.43 -35.80 -2.82
CA ALA B 71 -12.85 -35.57 -3.11
C ALA B 71 -13.00 -34.81 -4.42
N PHE B 72 -12.10 -33.86 -4.65
CA PHE B 72 -12.16 -33.03 -5.84
C PHE B 72 -11.18 -33.47 -6.91
N GLN B 73 -10.66 -34.69 -6.81
CA GLN B 73 -9.61 -35.10 -7.74
C GLN B 73 -10.11 -35.25 -9.18
N GLY B 74 -9.22 -34.90 -10.10
CA GLY B 74 -9.48 -34.98 -11.52
C GLY B 74 -10.06 -33.73 -12.15
N LEU B 75 -10.27 -32.68 -11.36
CA LEU B 75 -10.90 -31.47 -11.86
C LEU B 75 -9.87 -30.43 -12.31
N TYR B 76 -9.02 -30.81 -13.25
CA TYR B 76 -7.90 -29.95 -13.63
C TYR B 76 -8.36 -28.65 -14.26
N LYS B 77 -9.49 -28.67 -14.94
CA LYS B 77 -9.99 -27.46 -15.59
C LYS B 77 -10.80 -26.54 -14.69
N LEU B 78 -10.98 -26.95 -13.43
CA LEU B 78 -11.73 -26.14 -12.47
C LEU B 78 -11.02 -24.82 -12.15
N LYS B 79 -11.73 -23.70 -12.28
CA LYS B 79 -11.12 -22.42 -11.94
C LYS B 79 -11.87 -21.65 -10.85
N GLU B 80 -13.08 -22.08 -10.54
CA GLU B 80 -13.80 -21.50 -9.40
C GLU B 80 -14.43 -22.55 -8.51
N LEU B 81 -14.15 -22.46 -7.23
CA LEU B 81 -14.72 -23.40 -6.27
C LEU B 81 -15.33 -22.67 -5.07
N ILE B 82 -16.63 -22.84 -4.89
CA ILE B 82 -17.35 -22.18 -3.81
C ILE B 82 -17.81 -23.17 -2.76
N LEU B 83 -17.27 -23.07 -1.54
CA LEU B 83 -17.64 -23.95 -0.44
C LEU B 83 -18.13 -23.20 0.78
N SER B 84 -18.62 -21.99 0.60
CA SER B 84 -19.00 -21.17 1.75
C SER B 84 -20.30 -21.58 2.41
N SER B 85 -20.50 -21.13 3.63
CA SER B 85 -21.71 -21.41 4.38
C SER B 85 -21.98 -22.90 4.64
N ASN B 86 -20.96 -23.59 5.15
CA ASN B 86 -21.05 -25.00 5.53
C ASN B 86 -20.54 -25.24 6.94
N LYS B 87 -20.32 -26.50 7.30
CA LYS B 87 -19.82 -26.84 8.64
C LYS B 87 -18.44 -27.49 8.60
N ILE B 88 -17.60 -27.08 7.65
CA ILE B 88 -16.26 -27.64 7.48
C ILE B 88 -15.29 -27.28 8.60
N PHE B 89 -14.61 -28.27 9.17
CA PHE B 89 -13.67 -28.00 10.26
C PHE B 89 -12.31 -28.65 10.09
N TYR B 90 -12.24 -29.62 9.18
CA TYR B 90 -10.98 -30.25 8.82
C TYR B 90 -10.93 -30.42 7.33
N LEU B 91 -9.76 -30.17 6.75
CA LEU B 91 -9.55 -30.37 5.33
C LEU B 91 -8.25 -31.11 5.11
N PRO B 92 -8.30 -32.25 4.45
CA PRO B 92 -7.09 -33.04 4.24
C PRO B 92 -6.07 -32.26 3.47
N ASN B 93 -4.79 -32.43 3.81
CA ASN B 93 -3.72 -31.61 3.24
C ASN B 93 -3.59 -31.68 1.72
N THR B 94 -4.13 -32.73 1.12
CA THR B 94 -3.99 -32.91 -0.31
C THR B 94 -5.29 -32.57 -1.04
N THR B 95 -6.18 -31.86 -0.37
CA THR B 95 -7.54 -31.72 -0.85
C THR B 95 -7.65 -30.76 -2.03
N PHE B 96 -6.73 -29.81 -2.15
CA PHE B 96 -6.82 -28.84 -3.23
C PHE B 96 -5.70 -28.94 -4.24
N THR B 97 -4.65 -29.68 -3.92
CA THR B 97 -3.42 -29.70 -4.69
C THR B 97 -3.62 -30.18 -6.13
N GLN B 98 -4.68 -30.96 -6.35
CA GLN B 98 -4.92 -31.49 -7.69
C GLN B 98 -5.44 -30.39 -8.61
N LEU B 99 -6.06 -29.39 -8.00
CA LEU B 99 -6.66 -28.27 -8.71
C LEU B 99 -5.66 -27.22 -9.18
N ILE B 100 -5.05 -27.39 -10.33
CA ILE B 100 -3.89 -26.58 -10.68
C ILE B 100 -4.29 -25.27 -11.35
N ASN B 101 -5.51 -25.22 -11.86
CA ASN B 101 -6.01 -24.06 -12.58
C ASN B 101 -7.01 -23.23 -11.79
N LEU B 102 -7.11 -23.50 -10.50
CA LEU B 102 -8.06 -22.81 -9.64
C LEU B 102 -7.77 -21.32 -9.57
N GLN B 103 -8.81 -20.48 -9.66
CA GLN B 103 -8.65 -19.03 -9.63
C GLN B 103 -9.38 -18.35 -8.50
N ASN B 104 -10.54 -18.89 -8.14
CA ASN B 104 -11.32 -18.35 -7.05
C ASN B 104 -11.70 -19.46 -6.09
N LEU B 105 -11.31 -19.30 -4.84
CA LEU B 105 -11.63 -20.28 -3.82
C LEU B 105 -12.36 -19.65 -2.67
N ASP B 106 -13.57 -20.13 -2.36
CA ASP B 106 -14.36 -19.51 -1.32
C ASP B 106 -14.63 -20.51 -0.22
N LEU B 107 -14.09 -20.26 0.96
CA LEU B 107 -14.26 -21.16 2.11
C LEU B 107 -14.87 -20.43 3.31
N SER B 108 -15.51 -19.31 3.06
CA SER B 108 -16.09 -18.49 4.11
C SER B 108 -17.28 -19.13 4.84
N PHE B 109 -17.51 -18.70 6.07
CA PHE B 109 -18.65 -19.17 6.86
C PHE B 109 -18.61 -20.67 7.07
N ASN B 110 -17.51 -21.11 7.64
CA ASN B 110 -17.27 -22.48 8.00
C ASN B 110 -16.72 -22.49 9.40
N GLN B 111 -16.54 -23.68 9.96
CA GLN B 111 -15.99 -23.79 11.29
C GLN B 111 -14.53 -24.20 11.29
N LEU B 112 -13.73 -23.59 10.41
CA LEU B 112 -12.32 -23.90 10.36
C LEU B 112 -11.59 -23.26 11.51
N SER B 113 -10.77 -24.06 12.20
CA SER B 113 -10.05 -23.58 13.35
C SER B 113 -8.57 -23.60 13.03
N SER B 114 -8.18 -24.39 12.05
CA SER B 114 -6.79 -24.41 11.66
C SER B 114 -6.64 -24.84 10.22
N LEU B 115 -5.47 -24.55 9.64
CA LEU B 115 -5.22 -24.90 8.24
C LEU B 115 -3.88 -25.60 8.10
N HIS B 116 -3.87 -26.68 7.35
CA HIS B 116 -2.64 -27.40 7.11
C HIS B 116 -1.70 -26.50 6.34
N PRO B 117 -0.47 -26.31 6.83
CA PRO B 117 0.48 -25.42 6.19
C PRO B 117 0.62 -25.69 4.71
N GLU B 118 0.35 -26.91 4.28
CA GLU B 118 0.56 -27.25 2.90
C GLU B 118 -0.74 -27.36 2.13
N LEU B 119 -1.76 -26.68 2.62
CA LEU B 119 -3.09 -26.78 2.04
C LEU B 119 -3.17 -26.10 0.69
N PHE B 120 -2.52 -24.95 0.56
CA PHE B 120 -2.60 -24.17 -0.66
C PHE B 120 -1.35 -24.28 -1.51
N TYR B 121 -0.55 -25.31 -1.27
CA TYR B 121 0.63 -25.52 -2.07
C TYR B 121 0.27 -25.81 -3.51
N GLY B 122 1.05 -25.29 -4.43
CA GLY B 122 0.81 -25.51 -5.84
C GLY B 122 -0.42 -24.85 -6.41
N LEU B 123 -0.85 -23.74 -5.85
CA LEU B 123 -1.98 -23.03 -6.38
C LEU B 123 -1.49 -21.72 -6.98
N ARG B 124 -0.64 -21.81 -7.99
CA ARG B 124 0.02 -20.64 -8.53
C ARG B 124 -0.98 -19.70 -9.16
N LYS B 125 -2.05 -20.25 -9.73
CA LYS B 125 -2.97 -19.43 -10.49
C LYS B 125 -4.15 -18.90 -9.70
N LEU B 126 -4.11 -19.07 -8.39
CA LEU B 126 -5.16 -18.54 -7.51
C LEU B 126 -5.13 -17.01 -7.48
N GLN B 127 -6.28 -16.37 -7.67
CA GLN B 127 -6.33 -14.91 -7.73
C GLN B 127 -7.02 -14.30 -6.52
N THR B 128 -8.09 -14.94 -6.05
CA THR B 128 -8.83 -14.46 -4.89
C THR B 128 -9.05 -15.60 -3.88
N LEU B 129 -8.94 -15.31 -2.58
CA LEU B 129 -9.14 -16.33 -1.56
C LEU B 129 -10.02 -15.85 -0.40
N HIS B 130 -11.18 -16.46 -0.20
CA HIS B 130 -12.11 -16.01 0.84
C HIS B 130 -12.16 -16.95 2.04
N LEU B 131 -11.59 -16.52 3.15
CA LEU B 131 -11.60 -17.29 4.38
C LEU B 131 -12.34 -16.56 5.50
N ARG B 132 -13.24 -15.66 5.12
CA ARG B 132 -13.94 -14.85 6.09
C ARG B 132 -14.84 -15.68 6.99
N SER B 133 -15.03 -15.21 8.22
CA SER B 133 -15.99 -15.78 9.16
C SER B 133 -15.74 -17.25 9.52
N ASN B 134 -14.53 -17.52 9.98
CA ASN B 134 -14.09 -18.82 10.47
C ASN B 134 -13.54 -18.61 11.86
N SER B 135 -13.28 -19.69 12.59
CA SER B 135 -12.69 -19.54 13.92
C SER B 135 -11.17 -19.73 13.99
N LEU B 136 -10.44 -19.41 12.92
CA LEU B 136 -8.98 -19.56 12.90
C LEU B 136 -8.29 -18.78 14.01
N ARG B 137 -7.31 -19.39 14.69
CA ARG B 137 -6.65 -18.66 15.77
C ARG B 137 -5.24 -18.31 15.30
N THR B 138 -4.72 -19.14 14.42
CA THR B 138 -3.40 -18.92 13.91
C THR B 138 -3.40 -19.23 12.42
N ILE B 139 -2.36 -18.83 11.73
CA ILE B 139 -2.26 -19.06 10.31
C ILE B 139 -0.83 -19.42 9.98
N PRO B 140 -0.62 -20.60 9.39
CA PRO B 140 0.74 -21.07 9.12
C PRO B 140 1.52 -20.11 8.26
N VAL B 141 2.79 -19.92 8.60
CA VAL B 141 3.63 -18.97 7.93
C VAL B 141 3.91 -19.37 6.50
N ARG B 142 3.86 -20.66 6.22
CA ARG B 142 4.21 -21.19 4.91
C ARG B 142 2.99 -21.36 4.07
N LEU B 143 1.87 -20.83 4.54
CA LEU B 143 0.62 -21.14 3.89
C LEU B 143 0.58 -20.58 2.49
N PHE B 144 1.13 -19.39 2.31
CA PHE B 144 1.00 -18.69 1.04
C PHE B 144 2.21 -18.72 0.12
N TRP B 145 3.13 -19.64 0.36
CA TRP B 145 4.40 -19.69 -0.35
C TRP B 145 4.26 -19.76 -1.86
N ASP B 146 3.25 -20.47 -2.31
CA ASP B 146 3.09 -20.74 -3.73
C ASP B 146 2.10 -19.84 -4.48
N CYS B 147 1.41 -18.94 -3.77
CA CYS B 147 0.37 -18.13 -4.39
C CYS B 147 0.87 -16.89 -5.12
N ARG B 148 1.65 -17.11 -6.16
CA ARG B 148 2.33 -16.06 -6.88
C ARG B 148 1.41 -15.05 -7.50
N SER B 149 0.16 -15.42 -7.73
CA SER B 149 -0.76 -14.52 -8.43
C SER B 149 -1.99 -14.14 -7.63
N LEU B 150 -1.98 -14.42 -6.35
CA LEU B 150 -3.09 -14.02 -5.47
C LEU B 150 -3.08 -12.51 -5.31
N GLU B 151 -4.24 -11.88 -5.46
CA GLU B 151 -4.31 -10.44 -5.29
C GLU B 151 -5.47 -10.01 -4.40
N PHE B 152 -6.22 -10.96 -3.88
CA PHE B 152 -7.27 -10.63 -2.93
C PHE B 152 -7.34 -11.72 -1.85
N LEU B 153 -7.11 -11.31 -0.61
CA LEU B 153 -7.15 -12.24 0.51
C LEU B 153 -8.04 -11.72 1.63
N ASP B 154 -9.01 -12.53 2.03
CA ASP B 154 -9.97 -12.13 3.04
C ASP B 154 -9.87 -13.02 4.26
N LEU B 155 -9.31 -12.49 5.35
CA LEU B 155 -9.18 -13.24 6.58
C LEU B 155 -9.96 -12.59 7.72
N SER B 156 -11.02 -11.87 7.38
CA SER B 156 -11.77 -11.11 8.36
C SER B 156 -12.69 -11.98 9.19
N THR B 157 -13.12 -11.44 10.32
CA THR B 157 -14.04 -12.10 11.23
C THR B 157 -13.49 -13.47 11.59
N ASN B 158 -12.27 -13.49 12.09
CA ASN B 158 -11.66 -14.69 12.66
C ASN B 158 -11.14 -14.44 14.06
N ARG B 159 -10.22 -15.27 14.53
CA ARG B 159 -9.67 -15.12 15.86
C ARG B 159 -8.15 -15.03 15.80
N LEU B 160 -7.61 -14.38 14.80
CA LEU B 160 -6.17 -14.23 14.70
C LEU B 160 -5.67 -13.35 15.82
N ARG B 161 -4.73 -13.85 16.60
CA ARG B 161 -4.25 -13.12 17.77
C ARG B 161 -3.00 -12.33 17.45
N SER B 162 -2.22 -12.79 16.47
CA SER B 162 -0.92 -12.19 16.17
C SER B 162 -0.50 -12.30 14.70
N LEU B 163 0.53 -11.53 14.33
CA LEU B 163 1.07 -11.61 12.98
C LEU B 163 2.54 -12.03 12.95
N ALA B 164 2.86 -12.99 12.11
CA ALA B 164 4.21 -13.53 12.02
C ALA B 164 5.24 -12.53 11.55
N ARG B 165 6.45 -12.64 12.07
CA ARG B 165 7.47 -11.66 11.77
C ARG B 165 7.83 -11.64 10.29
N ASN B 166 8.00 -12.82 9.71
CA ASN B 166 8.29 -12.94 8.27
C ASN B 166 7.17 -13.50 7.43
N GLY B 167 5.95 -13.43 7.94
CA GLY B 167 4.90 -14.30 7.46
C GLY B 167 3.94 -14.00 6.34
N PHE B 168 4.41 -13.27 5.33
CA PHE B 168 3.54 -13.13 4.16
C PHE B 168 4.21 -13.56 2.87
N ALA B 169 5.25 -14.37 3.00
CA ALA B 169 6.06 -14.77 1.87
C ALA B 169 5.30 -15.42 0.75
N GLY B 170 5.64 -15.01 -0.46
CA GLY B 170 5.07 -15.58 -1.67
C GLY B 170 3.88 -14.83 -2.21
N LEU B 171 3.49 -13.76 -1.54
CA LEU B 171 2.30 -13.01 -1.93
C LEU B 171 2.70 -11.76 -2.67
N ILE B 172 3.62 -11.90 -3.62
CA ILE B 172 4.21 -10.75 -4.29
C ILE B 172 3.18 -9.94 -5.06
N LYS B 173 2.07 -10.53 -5.43
CA LYS B 173 1.14 -9.81 -6.27
C LYS B 173 -0.13 -9.39 -5.53
N LEU B 174 -0.17 -9.61 -4.22
CA LEU B 174 -1.36 -9.31 -3.44
C LEU B 174 -1.64 -7.81 -3.36
N ARG B 175 -2.87 -7.42 -3.65
CA ARG B 175 -3.23 -6.00 -3.69
C ARG B 175 -4.11 -5.54 -2.53
N GLU B 176 -5.00 -6.39 -2.08
CA GLU B 176 -5.96 -6.04 -1.05
C GLU B 176 -6.00 -7.08 0.05
N LEU B 177 -5.78 -6.68 1.28
CA LEU B 177 -5.76 -7.60 2.41
C LEU B 177 -6.76 -7.25 3.49
N HIS B 178 -7.61 -8.21 3.85
CA HIS B 178 -8.61 -8.01 4.89
C HIS B 178 -8.27 -8.72 6.19
N LEU B 179 -8.02 -7.95 7.24
CA LEU B 179 -7.76 -8.53 8.55
C LEU B 179 -8.71 -7.93 9.57
N GLU B 180 -9.81 -7.37 9.12
CA GLU B 180 -10.68 -6.67 10.02
C GLU B 180 -11.41 -7.66 10.86
N HIS B 181 -11.93 -7.20 12.00
CA HIS B 181 -12.71 -8.03 12.90
C HIS B 181 -11.95 -9.24 13.40
N ASN B 182 -10.67 -9.10 13.72
CA ASN B 182 -9.98 -10.17 14.41
C ASN B 182 -9.69 -9.78 15.85
N GLN B 183 -8.59 -10.28 16.39
CA GLN B 183 -8.25 -10.01 17.78
C GLN B 183 -6.79 -9.66 17.90
N LEU B 184 -6.30 -8.90 16.93
CA LEU B 184 -4.92 -8.45 16.94
C LEU B 184 -4.74 -7.38 18.00
N THR B 185 -3.56 -7.38 18.61
CA THR B 185 -3.22 -6.52 19.74
C THR B 185 -2.24 -5.40 19.41
N LYS B 186 -1.29 -5.71 18.53
CA LYS B 186 -0.20 -4.82 18.16
C LYS B 186 0.00 -4.90 16.67
N ILE B 187 0.54 -3.85 16.07
CA ILE B 187 0.91 -3.98 14.67
C ILE B 187 2.33 -3.47 14.48
N ASN B 188 3.23 -4.37 14.07
CA ASN B 188 4.55 -3.97 13.67
C ASN B 188 4.62 -4.01 12.17
N PHE B 189 4.53 -2.85 11.54
CA PHE B 189 4.36 -2.81 10.09
C PHE B 189 5.53 -3.40 9.32
N ALA B 190 6.62 -3.70 10.02
CA ALA B 190 7.76 -4.37 9.41
C ALA B 190 7.36 -5.77 9.06
N HIS B 191 6.32 -6.27 9.71
CA HIS B 191 5.83 -7.61 9.47
C HIS B 191 5.11 -7.74 8.13
N PHE B 192 4.78 -6.62 7.50
CA PHE B 192 4.14 -6.66 6.20
C PHE B 192 5.13 -6.48 5.08
N LEU B 193 6.40 -6.64 5.39
CA LEU B 193 7.48 -6.28 4.47
C LEU B 193 7.38 -7.01 3.14
N ARG B 194 7.01 -8.27 3.17
CA ARG B 194 6.93 -9.05 1.96
C ARG B 194 5.72 -8.70 1.08
N LEU B 195 4.72 -8.01 1.62
CA LEU B 195 3.60 -7.64 0.77
C LEU B 195 3.92 -6.35 0.03
N SER B 196 4.55 -6.47 -1.12
CA SER B 196 5.10 -5.27 -1.71
C SER B 196 4.24 -4.71 -2.82
N SER B 197 3.06 -5.28 -3.01
CA SER B 197 2.13 -4.76 -3.99
C SER B 197 0.80 -4.32 -3.40
N LEU B 198 0.72 -4.32 -2.08
CA LEU B 198 -0.53 -4.03 -1.38
C LEU B 198 -0.96 -2.58 -1.60
N HIS B 199 -2.21 -2.35 -1.95
CA HIS B 199 -2.72 -0.99 -2.06
C HIS B 199 -3.58 -0.64 -0.87
N THR B 200 -4.31 -1.63 -0.38
CA THR B 200 -5.31 -1.39 0.65
C THR B 200 -5.15 -2.38 1.80
N LEU B 201 -5.20 -1.88 3.02
CA LEU B 201 -5.08 -2.75 4.20
C LEU B 201 -6.19 -2.48 5.21
N PHE B 202 -7.01 -3.48 5.48
CA PHE B 202 -8.09 -3.33 6.45
C PHE B 202 -7.77 -3.96 7.80
N LEU B 203 -7.68 -3.14 8.84
CA LEU B 203 -7.36 -3.64 10.15
C LEU B 203 -8.38 -3.18 11.17
N GLN B 204 -9.57 -2.84 10.71
CA GLN B 204 -10.52 -2.21 11.59
C GLN B 204 -11.09 -3.20 12.58
N TRP B 205 -11.48 -2.68 13.74
CA TRP B 205 -12.19 -3.46 14.74
C TRP B 205 -11.40 -4.63 15.26
N ASN B 206 -10.14 -4.39 15.57
CA ASN B 206 -9.33 -5.35 16.29
C ASN B 206 -9.16 -4.81 17.69
N LYS B 207 -8.06 -5.15 18.33
CA LYS B 207 -7.82 -4.70 19.69
C LYS B 207 -6.46 -4.03 19.77
N ILE B 208 -6.08 -3.38 18.67
CA ILE B 208 -4.73 -2.88 18.50
C ILE B 208 -4.40 -1.71 19.39
N SER B 209 -3.38 -1.84 20.22
CA SER B 209 -2.98 -0.76 21.11
C SER B 209 -1.82 0.00 20.56
N ASN B 210 -0.80 -0.70 20.10
CA ASN B 210 0.42 -0.03 19.67
C ASN B 210 0.62 -0.17 18.17
N LEU B 211 1.24 0.84 17.59
CA LEU B 211 1.67 0.82 16.21
C LEU B 211 3.14 1.08 16.12
N THR B 212 3.92 0.08 15.72
CA THR B 212 5.36 0.24 15.69
C THR B 212 5.97 -0.17 14.37
N CYS B 213 7.21 0.23 14.13
CA CYS B 213 7.91 -0.24 12.94
C CYS B 213 9.38 -0.52 13.19
N GLY B 214 9.78 -1.78 13.20
CA GLY B 214 11.12 -2.17 13.56
C GLY B 214 12.20 -2.04 12.50
N MET B 215 11.82 -2.22 11.24
CA MET B 215 12.72 -2.09 10.11
C MET B 215 12.48 -0.72 9.51
N GLU B 216 13.50 -0.06 8.97
CA GLU B 216 13.20 1.09 8.13
C GLU B 216 13.08 0.56 6.70
N TRP B 217 11.91 0.76 6.12
CA TRP B 217 11.64 0.31 4.77
C TRP B 217 10.61 1.25 4.22
N THR B 218 10.34 1.18 2.92
CA THR B 218 9.35 2.07 2.33
C THR B 218 8.23 1.28 1.68
N TRP B 219 7.02 1.46 2.18
CA TRP B 219 5.88 0.75 1.62
C TRP B 219 5.23 1.61 0.55
N GLY B 220 5.86 1.70 -0.60
CA GLY B 220 5.45 2.64 -1.61
C GLY B 220 4.08 2.44 -2.20
N THR B 221 3.54 1.23 -2.12
CA THR B 221 2.34 0.92 -2.86
C THR B 221 1.10 1.06 -2.02
N LEU B 222 1.27 1.18 -0.71
CA LEU B 222 0.13 1.25 0.18
C LEU B 222 -0.56 2.58 0.02
N GLU B 223 -1.87 2.56 -0.23
CA GLU B 223 -2.60 3.81 -0.43
C GLU B 223 -3.75 4.01 0.53
N LYS B 224 -4.31 2.91 1.05
CA LYS B 224 -5.42 3.00 1.99
C LYS B 224 -5.22 2.08 3.18
N LEU B 225 -5.41 2.63 4.36
CA LEU B 225 -5.25 1.90 5.61
C LEU B 225 -6.41 2.16 6.56
N ASP B 226 -7.22 1.15 6.83
CA ASP B 226 -8.35 1.36 7.73
C ASP B 226 -8.02 0.80 9.11
N LEU B 227 -7.90 1.68 10.10
CA LEU B 227 -7.62 1.26 11.46
C LEU B 227 -8.76 1.65 12.36
N THR B 228 -9.95 1.73 11.81
CA THR B 228 -11.10 2.18 12.57
C THR B 228 -11.42 1.22 13.69
N GLY B 229 -11.67 1.75 14.87
CA GLY B 229 -12.25 0.98 15.94
C GLY B 229 -11.31 0.07 16.68
N ASN B 230 -10.04 0.42 16.67
CA ASN B 230 -9.09 -0.29 17.50
C ASN B 230 -8.95 0.45 18.80
N GLU B 231 -7.84 0.25 19.48
CA GLU B 231 -7.66 0.86 20.78
C GLU B 231 -6.33 1.52 20.80
N ILE B 232 -5.97 2.05 19.65
CA ILE B 232 -4.67 2.64 19.45
C ILE B 232 -4.49 3.81 20.39
N LYS B 233 -3.46 3.75 21.22
CA LYS B 233 -3.20 4.83 22.15
C LYS B 233 -1.76 5.26 22.03
N ALA B 234 -0.93 4.44 21.42
CA ALA B 234 0.47 4.80 21.22
C ALA B 234 0.94 4.52 19.81
N ILE B 235 1.73 5.43 19.25
CA ILE B 235 2.21 5.29 17.89
C ILE B 235 3.66 5.69 17.77
N ASP B 236 4.46 4.78 17.24
CA ASP B 236 5.86 5.07 16.99
C ASP B 236 5.98 6.18 15.96
N LEU B 237 6.94 7.07 16.19
CA LEU B 237 7.06 8.30 15.41
C LEU B 237 7.52 8.09 13.97
N THR B 238 7.65 6.85 13.54
CA THR B 238 8.14 6.59 12.19
C THR B 238 7.29 5.60 11.40
N VAL B 239 6.10 5.27 11.86
CA VAL B 239 5.34 4.25 11.16
C VAL B 239 4.70 4.79 9.89
N PHE B 240 4.55 6.09 9.80
CA PHE B 240 3.95 6.65 8.61
C PHE B 240 5.02 7.23 7.72
N GLU B 241 6.25 7.18 8.20
CA GLU B 241 7.38 7.47 7.35
C GLU B 241 7.44 6.38 6.32
N THR B 242 6.96 5.21 6.72
CA THR B 242 6.98 4.02 5.89
C THR B 242 5.98 4.09 4.74
N MET B 243 4.94 4.89 4.88
CA MET B 243 3.90 4.95 3.88
C MET B 243 3.72 6.35 3.32
N PRO B 244 4.63 6.76 2.43
CA PRO B 244 4.71 8.10 1.85
C PRO B 244 3.55 8.36 0.92
N ASN B 245 3.02 7.30 0.33
CA ASN B 245 1.94 7.46 -0.62
C ASN B 245 0.58 7.15 -0.03
N LEU B 246 0.52 7.05 1.28
CA LEU B 246 -0.73 6.74 1.96
C LEU B 246 -1.70 7.88 1.73
N LYS B 247 -2.88 7.58 1.21
CA LYS B 247 -3.81 8.64 0.85
C LYS B 247 -5.10 8.61 1.64
N ILE B 248 -5.41 7.45 2.21
CA ILE B 248 -6.58 7.32 3.09
C ILE B 248 -6.17 6.69 4.41
N LEU B 249 -6.40 7.40 5.50
CA LEU B 249 -6.08 6.87 6.81
C LEU B 249 -7.26 7.01 7.76
N LEU B 250 -7.76 5.90 8.25
CA LEU B 250 -8.91 5.97 9.13
C LEU B 250 -8.59 5.49 10.54
N MET B 251 -8.69 6.40 11.49
CA MET B 251 -8.41 6.07 12.87
C MET B 251 -9.52 6.55 13.79
N ASP B 252 -10.75 6.43 13.32
CA ASP B 252 -11.88 6.82 14.13
C ASP B 252 -12.06 5.78 15.20
N ASN B 253 -12.77 6.14 16.26
CA ASN B 253 -13.16 5.21 17.31
C ASN B 253 -11.96 4.54 17.94
N ASN B 254 -10.89 5.28 18.14
CA ASN B 254 -9.72 4.75 18.81
C ASN B 254 -9.49 5.45 20.13
N LYS B 255 -8.33 5.27 20.73
CA LYS B 255 -8.08 5.84 22.05
C LYS B 255 -6.93 6.82 22.02
N LEU B 256 -6.71 7.41 20.85
CA LEU B 256 -5.69 8.43 20.65
C LEU B 256 -5.94 9.63 21.52
N ASN B 257 -4.88 10.11 22.14
CA ASN B 257 -4.93 11.20 23.09
C ASN B 257 -4.43 12.50 22.47
N SER B 258 -3.49 12.35 21.55
CA SER B 258 -2.82 13.47 20.94
C SER B 258 -2.03 12.96 19.74
N LEU B 259 -1.48 13.85 18.93
CA LEU B 259 -0.62 13.42 17.83
C LEU B 259 0.58 14.31 17.69
N ASP B 260 1.74 13.70 17.63
CA ASP B 260 3.02 14.40 17.52
C ASP B 260 3.15 15.12 16.23
N SER B 261 3.91 16.21 16.23
CA SER B 261 4.15 16.93 14.99
C SER B 261 4.97 16.06 14.05
N LYS B 262 5.75 15.15 14.62
CA LYS B 262 6.57 14.25 13.84
C LYS B 262 5.73 13.30 13.02
N ILE B 263 4.69 12.76 13.63
CA ILE B 263 3.75 11.87 12.96
C ILE B 263 3.07 12.58 11.81
N LEU B 264 2.44 13.70 12.16
CA LEU B 264 1.62 14.40 11.21
C LEU B 264 2.40 14.95 10.03
N ASN B 265 3.69 15.21 10.21
CA ASN B 265 4.47 15.74 9.11
C ASN B 265 4.74 14.71 8.04
N SER B 266 4.41 13.46 8.33
CA SER B 266 4.60 12.39 7.36
C SER B 266 3.29 11.99 6.72
N LEU B 267 2.20 12.59 7.19
CA LEU B 267 0.90 12.37 6.59
C LEU B 267 0.51 13.54 5.71
N ARG B 268 1.25 13.74 4.65
CA ARG B 268 0.96 14.88 3.79
C ARG B 268 0.39 14.47 2.46
N SER B 269 0.29 13.19 2.22
CA SER B 269 -0.28 12.75 0.98
C SER B 269 -1.73 12.40 1.16
N LEU B 270 -2.26 12.64 2.35
CA LEU B 270 -3.62 12.22 2.63
C LEU B 270 -4.65 13.03 1.88
N THR B 271 -5.69 12.36 1.41
CA THR B 271 -6.83 13.00 0.78
C THR B 271 -8.08 12.78 1.60
N THR B 272 -8.06 11.74 2.43
CA THR B 272 -9.17 11.44 3.31
C THR B 272 -8.65 11.01 4.66
N VAL B 273 -9.14 11.62 5.72
CA VAL B 273 -8.67 11.26 7.06
C VAL B 273 -9.90 11.00 7.92
N GLY B 274 -9.68 10.31 9.04
CA GLY B 274 -10.73 10.06 10.01
C GLY B 274 -10.17 10.10 11.41
N LEU B 275 -10.64 11.04 12.24
CA LEU B 275 -10.10 11.17 13.58
C LEU B 275 -11.15 11.32 14.68
N SER B 276 -12.40 11.02 14.36
CA SER B 276 -13.50 11.21 15.29
C SER B 276 -13.55 10.06 16.26
N GLY B 277 -14.16 10.28 17.41
CA GLY B 277 -14.41 9.17 18.32
C GLY B 277 -13.22 8.84 19.18
N ASN B 278 -12.20 9.66 19.12
CA ASN B 278 -11.01 9.42 19.93
C ASN B 278 -11.11 10.06 21.29
N LEU B 279 -10.00 10.03 22.02
CA LEU B 279 -9.91 10.58 23.35
C LEU B 279 -9.06 11.84 23.39
N TRP B 280 -9.35 12.79 22.51
CA TRP B 280 -8.46 13.93 22.33
C TRP B 280 -8.40 14.76 23.56
N GLU B 281 -7.20 15.11 23.96
CA GLU B 281 -7.03 16.00 25.09
C GLU B 281 -6.76 17.39 24.59
N CYS B 282 -7.75 18.26 24.72
CA CYS B 282 -7.61 19.59 24.20
C CYS B 282 -6.86 20.45 25.19
N SER B 283 -5.57 20.19 25.29
CA SER B 283 -4.66 20.98 26.07
C SER B 283 -3.58 21.43 25.14
N ALA B 284 -2.48 21.91 25.69
CA ALA B 284 -1.38 22.41 24.90
C ALA B 284 -0.84 21.35 23.95
N ARG B 285 -1.00 20.10 24.31
CA ARG B 285 -0.49 19.01 23.47
C ARG B 285 -1.12 18.94 22.09
N ILE B 286 -2.41 19.22 22.00
CA ILE B 286 -3.13 19.04 20.75
C ILE B 286 -2.82 20.07 19.66
N CYS B 287 -1.92 21.02 19.95
CA CYS B 287 -1.58 22.05 18.98
C CYS B 287 -1.06 21.49 17.68
N ALA B 288 -0.28 20.44 17.75
CA ALA B 288 0.26 19.82 16.56
C ALA B 288 -0.86 19.36 15.64
N LEU B 289 -1.89 18.75 16.20
CA LEU B 289 -3.02 18.27 15.40
C LEU B 289 -3.78 19.46 14.86
N ALA B 290 -4.00 20.46 15.70
CA ALA B 290 -4.76 21.64 15.30
C ALA B 290 -4.15 22.35 14.12
N SER B 291 -2.84 22.49 14.13
CA SER B 291 -2.14 23.16 13.07
C SER B 291 -2.25 22.37 11.77
N TRP B 292 -2.25 21.05 11.88
CA TRP B 292 -2.41 20.15 10.74
C TRP B 292 -3.80 20.24 10.17
N LEU B 293 -4.79 20.27 11.03
CA LEU B 293 -6.17 20.30 10.56
C LEU B 293 -6.51 21.58 9.81
N GLY B 294 -5.98 22.70 10.25
CA GLY B 294 -6.29 23.96 9.61
C GLY B 294 -5.65 23.99 8.26
N SER B 295 -4.50 23.34 8.17
CA SER B 295 -3.74 23.26 6.95
C SER B 295 -4.32 22.29 5.93
N PHE B 296 -4.98 21.25 6.41
CA PHE B 296 -5.50 20.15 5.61
C PHE B 296 -6.52 20.55 4.53
N GLN B 297 -6.49 19.86 3.39
CA GLN B 297 -7.46 20.14 2.33
C GLN B 297 -8.24 18.91 1.85
N GLY B 298 -8.24 17.85 2.63
CA GLY B 298 -8.89 16.61 2.22
C GLY B 298 -10.20 16.43 2.94
N ARG B 299 -10.68 15.19 3.01
CA ARG B 299 -11.99 14.93 3.58
C ARG B 299 -11.90 14.45 5.00
N TRP B 300 -12.87 14.85 5.83
CA TRP B 300 -13.14 14.06 7.00
C TRP B 300 -14.65 13.98 7.15
N GLU B 301 -15.13 12.76 7.25
CA GLU B 301 -16.55 12.51 7.22
C GLU B 301 -17.23 12.86 8.53
N HIS B 302 -16.54 12.74 9.66
CA HIS B 302 -17.17 13.07 10.93
C HIS B 302 -16.33 14.03 11.76
N SER B 303 -17.01 14.89 12.52
CA SER B 303 -16.36 15.92 13.33
C SER B 303 -15.44 15.41 14.42
N ILE B 304 -14.33 16.13 14.61
CA ILE B 304 -13.30 15.77 15.55
C ILE B 304 -13.40 16.56 16.84
N LEU B 305 -13.95 15.94 17.88
CA LEU B 305 -14.27 16.63 19.12
C LEU B 305 -13.26 16.42 20.25
N CYS B 306 -13.18 17.39 21.16
CA CYS B 306 -12.36 17.25 22.36
C CYS B 306 -13.02 16.32 23.35
N HIS B 307 -12.21 15.54 24.04
CA HIS B 307 -12.71 14.62 25.06
C HIS B 307 -12.41 15.09 26.47
N SER B 308 -11.28 15.76 26.60
CA SER B 308 -10.71 16.19 27.85
C SER B 308 -10.08 17.56 27.65
N PRO B 309 -9.97 18.39 28.69
CA PRO B 309 -10.42 18.36 30.08
C PRO B 309 -11.82 18.92 30.19
N ASP B 310 -12.40 18.99 31.37
CA ASP B 310 -13.78 19.44 31.47
C ASP B 310 -13.88 20.88 31.00
N HIS B 311 -15.08 21.21 30.52
CA HIS B 311 -15.44 22.50 29.91
C HIS B 311 -14.99 22.63 28.46
N THR B 312 -14.33 21.61 27.92
CA THR B 312 -14.05 21.59 26.49
C THR B 312 -14.69 20.40 25.81
N GLN B 313 -15.17 19.44 26.59
CA GLN B 313 -15.68 18.20 26.01
C GLN B 313 -16.85 18.42 25.08
N GLY B 314 -16.80 17.77 23.91
CA GLY B 314 -17.88 17.83 22.93
C GLY B 314 -17.79 19.02 22.01
N GLU B 315 -16.67 19.70 22.06
CA GLU B 315 -16.47 20.89 21.28
C GLU B 315 -15.47 20.60 20.19
N ASP B 316 -15.59 21.26 19.04
CA ASP B 316 -14.66 21.08 17.93
C ASP B 316 -13.25 21.36 18.40
N ILE B 317 -12.28 20.63 17.88
CA ILE B 317 -10.90 20.87 18.30
C ILE B 317 -10.51 22.30 18.04
N LEU B 318 -10.82 22.78 16.85
CA LEU B 318 -10.46 24.13 16.47
C LEU B 318 -11.28 25.18 17.20
N ASP B 319 -12.56 24.93 17.40
CA ASP B 319 -13.39 25.88 18.14
C ASP B 319 -12.80 26.07 19.52
N ALA B 320 -12.29 24.99 20.09
CA ALA B 320 -11.72 25.01 21.43
C ALA B 320 -10.33 25.60 21.48
N VAL B 321 -9.52 25.29 20.48
CA VAL B 321 -8.17 25.81 20.44
C VAL B 321 -8.23 27.32 20.36
N HIS B 322 -9.08 27.82 19.48
CA HIS B 322 -9.18 29.26 19.32
C HIS B 322 -10.02 29.91 20.41
N GLY B 323 -10.95 29.16 20.98
CA GLY B 323 -11.81 29.72 22.01
C GLY B 323 -11.06 29.93 23.31
N PHE B 324 -10.20 28.98 23.64
CA PHE B 324 -9.55 28.97 24.94
C PHE B 324 -8.11 29.42 24.86
N GLN B 325 -7.69 29.96 23.72
CA GLN B 325 -6.32 30.44 23.55
C GLN B 325 -5.29 29.41 23.94
N LEU B 326 -5.43 28.19 23.43
CA LEU B 326 -4.62 27.07 23.89
C LEU B 326 -3.25 27.08 23.30
N CYS B 327 -3.14 27.60 22.08
CA CYS B 327 -1.90 27.56 21.36
C CYS B 327 -1.42 28.93 20.93
N TRP B 328 -0.22 28.97 20.38
CA TRP B 328 0.30 30.16 19.75
C TRP B 328 0.31 31.36 20.69
N CYS C 1 16.24 17.96 -67.54
CA CYS C 1 15.47 17.12 -66.64
C CYS C 1 13.97 17.25 -66.88
N PRO C 2 13.30 16.12 -67.08
CA PRO C 2 11.86 16.09 -67.32
C PRO C 2 11.06 16.63 -66.15
N PRO C 3 9.87 17.16 -66.44
CA PRO C 3 8.93 17.68 -65.44
C PRO C 3 8.41 16.53 -64.59
N LYS C 4 8.09 16.80 -63.33
CA LYS C 4 7.53 15.82 -62.40
C LYS C 4 8.58 14.80 -61.94
N CYS C 5 9.84 15.02 -62.30
CA CYS C 5 10.95 14.17 -61.86
C CYS C 5 12.01 15.03 -61.22
N ARG C 6 12.43 14.71 -59.99
CA ARG C 6 13.54 15.41 -59.38
C ARG C 6 14.79 14.58 -59.68
N CYS C 7 15.85 15.23 -60.18
CA CYS C 7 17.08 14.55 -60.57
C CYS C 7 18.25 15.05 -59.75
N GLU C 8 18.76 14.25 -58.81
CA GLU C 8 19.83 14.76 -57.95
C GLU C 8 21.23 14.76 -58.55
N LYS C 9 21.57 13.74 -59.33
CA LYS C 9 22.83 13.73 -60.03
C LYS C 9 22.62 13.14 -61.40
N LEU C 10 23.07 11.91 -61.58
CA LEU C 10 22.67 11.15 -62.74
C LEU C 10 21.63 10.14 -62.30
N LEU C 11 21.32 10.16 -61.00
CA LEU C 11 20.20 9.39 -60.48
C LEU C 11 18.91 10.15 -60.71
N PHE C 12 17.88 9.45 -61.18
CA PHE C 12 16.60 10.05 -61.52
C PHE C 12 15.45 9.47 -60.71
N TYR C 13 14.77 10.33 -59.96
CA TYR C 13 13.67 9.92 -59.10
C TYR C 13 12.31 10.42 -59.59
N CYS C 14 11.57 9.52 -60.22
CA CYS C 14 10.24 9.81 -60.72
C CYS C 14 9.15 9.04 -59.98
N ASP C 15 9.09 9.22 -58.67
CA ASP C 15 8.15 8.46 -57.87
C ASP C 15 6.82 9.16 -57.63
N SER C 16 5.77 8.34 -57.55
CA SER C 16 4.47 8.79 -57.10
C SER C 16 3.85 9.84 -58.01
N GLN C 17 4.22 9.81 -59.27
CA GLN C 17 3.54 10.63 -60.25
C GLN C 17 2.63 9.66 -60.97
N GLY C 18 1.60 10.17 -61.65
CA GLY C 18 0.69 9.27 -62.32
C GLY C 18 1.26 8.84 -63.66
N PHE C 19 2.38 8.12 -63.63
CA PHE C 19 3.01 7.65 -64.85
C PHE C 19 2.49 6.29 -65.29
N HIS C 20 2.31 6.11 -66.59
CA HIS C 20 1.90 4.83 -67.16
C HIS C 20 3.03 4.25 -67.98
N SER C 21 4.04 5.07 -68.20
CA SER C 21 5.25 4.65 -68.88
C SER C 21 6.43 5.55 -68.52
N VAL C 22 7.59 5.18 -69.02
CA VAL C 22 8.81 5.94 -68.82
C VAL C 22 8.74 7.31 -69.47
N PRO C 23 9.18 8.36 -68.76
CA PRO C 23 9.17 9.70 -69.36
C PRO C 23 10.18 9.78 -70.47
N ASN C 24 9.81 10.42 -71.57
CA ASN C 24 10.69 10.56 -72.72
C ASN C 24 11.86 11.54 -72.63
N ALA C 25 11.82 12.48 -71.71
CA ALA C 25 12.86 13.50 -71.69
C ALA C 25 14.04 13.14 -70.80
N LEU C 26 14.03 11.92 -70.28
CA LEU C 26 15.13 11.44 -69.47
C LEU C 26 16.41 11.42 -70.28
N ASP C 27 17.54 11.55 -69.59
CA ASP C 27 18.87 11.57 -70.19
C ASP C 27 19.46 10.19 -70.42
N LYS C 28 19.90 9.91 -71.64
CA LYS C 28 20.43 8.61 -72.01
C LYS C 28 21.54 8.08 -71.09
N GLY C 29 22.11 8.95 -70.28
CA GLY C 29 23.23 8.57 -69.45
C GLY C 29 22.93 8.43 -67.98
N SER C 30 21.70 8.09 -67.64
CA SER C 30 21.34 7.98 -66.25
C SER C 30 22.02 6.78 -65.67
N LEU C 31 22.55 6.92 -64.46
CA LEU C 31 23.16 5.82 -63.75
C LEU C 31 22.06 5.03 -63.07
N GLY C 32 21.03 5.74 -62.62
CA GLY C 32 19.93 5.10 -61.94
C GLY C 32 18.61 5.69 -62.37
N LEU C 33 17.54 4.96 -62.12
CA LEU C 33 16.20 5.39 -62.50
C LEU C 33 15.16 4.83 -61.55
N SER C 34 14.36 5.70 -60.92
CA SER C 34 13.36 5.26 -59.96
C SER C 34 11.94 5.62 -60.40
N LEU C 35 11.10 4.61 -60.58
CA LEU C 35 9.73 4.83 -61.05
C LEU C 35 8.74 4.20 -60.10
N ARG C 36 8.95 4.44 -58.82
CA ARG C 36 8.18 3.78 -57.79
C ARG C 36 6.78 4.36 -57.62
N HIS C 37 5.84 3.49 -57.28
CA HIS C 37 4.46 3.90 -56.99
C HIS C 37 3.81 4.70 -58.09
N ASN C 38 3.87 4.15 -59.30
CA ASN C 38 3.19 4.73 -60.44
C ASN C 38 2.12 3.76 -60.89
N HIS C 39 1.57 3.99 -62.06
CA HIS C 39 0.53 3.12 -62.58
C HIS C 39 1.03 2.35 -63.80
N ILE C 40 2.32 2.08 -63.85
CA ILE C 40 2.87 1.29 -64.96
C ILE C 40 2.30 -0.12 -64.97
N THR C 41 1.78 -0.53 -66.13
CA THR C 41 1.08 -1.81 -66.25
C THR C 41 1.76 -2.75 -67.21
N GLU C 42 2.73 -2.24 -67.95
CA GLU C 42 3.31 -3.00 -69.03
C GLU C 42 4.72 -2.56 -69.32
N LEU C 43 5.60 -3.51 -69.61
CA LEU C 43 6.96 -3.18 -70.00
C LEU C 43 7.23 -3.59 -71.44
N GLU C 44 7.48 -2.61 -72.31
CA GLU C 44 7.60 -2.85 -73.74
C GLU C 44 8.99 -3.29 -74.17
N ARG C 45 9.11 -3.81 -75.39
CA ARG C 45 10.40 -4.22 -75.92
C ARG C 45 11.36 -3.04 -75.97
N ASP C 46 12.59 -3.31 -75.56
CA ASP C 46 13.67 -2.33 -75.61
C ASP C 46 13.33 -1.01 -74.92
N GLN C 47 12.48 -1.06 -73.90
CA GLN C 47 12.00 0.16 -73.26
C GLN C 47 13.10 0.97 -72.61
N PHE C 48 14.07 0.29 -72.03
CA PHE C 48 15.14 1.00 -71.33
C PHE C 48 16.45 0.94 -72.06
N ALA C 49 16.38 0.57 -73.34
CA ALA C 49 17.57 0.39 -74.16
C ALA C 49 18.39 1.65 -74.25
N SER C 50 17.73 2.80 -74.26
CA SER C 50 18.41 4.07 -74.37
C SER C 50 19.34 4.34 -73.20
N PHE C 51 18.94 3.96 -71.99
CA PHE C 51 19.79 4.17 -70.82
C PHE C 51 20.79 3.05 -70.70
N SER C 52 21.78 3.06 -71.58
CA SER C 52 22.76 1.97 -71.62
C SER C 52 23.51 1.86 -70.30
N GLN C 53 23.83 2.99 -69.70
CA GLN C 53 24.68 3.00 -68.53
C GLN C 53 23.96 2.73 -67.20
N LEU C 54 22.67 2.48 -67.28
CA LEU C 54 21.87 2.23 -66.08
C LEU C 54 22.47 1.16 -65.18
N THR C 55 22.70 1.49 -63.91
CA THR C 55 23.25 0.54 -62.95
C THR C 55 22.20 -0.06 -62.02
N TRP C 56 21.22 0.74 -61.62
CA TRP C 56 20.08 0.22 -60.89
C TRP C 56 18.76 0.79 -61.41
N LEU C 57 17.70 -0.01 -61.30
CA LEU C 57 16.39 0.37 -61.81
C LEU C 57 15.29 -0.09 -60.85
N HIS C 58 14.57 0.86 -60.26
CA HIS C 58 13.51 0.55 -59.30
C HIS C 58 12.12 0.73 -59.87
N LEU C 59 11.40 -0.38 -59.99
CA LEU C 59 10.06 -0.37 -60.52
C LEU C 59 9.04 -0.94 -59.54
N ASP C 60 9.35 -0.94 -58.25
CA ASP C 60 8.46 -1.58 -57.29
C ASP C 60 7.16 -0.82 -57.12
N HIS C 61 6.13 -1.53 -56.63
CA HIS C 61 4.84 -0.93 -56.37
C HIS C 61 4.25 -0.29 -57.62
N ASN C 62 4.14 -1.12 -58.66
CA ASN C 62 3.50 -0.77 -59.92
C ASN C 62 2.50 -1.89 -60.17
N GLN C 63 1.59 -1.70 -61.11
CA GLN C 63 0.63 -2.75 -61.40
C GLN C 63 1.04 -3.64 -62.58
N ILE C 64 2.33 -3.68 -62.88
CA ILE C 64 2.85 -4.48 -64.00
C ILE C 64 2.34 -5.92 -64.05
N SER C 65 1.77 -6.30 -65.19
CA SER C 65 1.18 -7.62 -65.34
C SER C 65 1.73 -8.36 -66.54
N THR C 66 2.18 -7.62 -67.55
CA THR C 66 2.75 -8.25 -68.72
C THR C 66 4.11 -7.65 -69.04
N VAL C 67 5.11 -8.50 -69.18
CA VAL C 67 6.45 -8.08 -69.50
C VAL C 67 6.90 -8.69 -70.82
N LYS C 68 7.10 -7.85 -71.82
CA LYS C 68 7.47 -8.30 -73.15
C LYS C 68 8.86 -8.88 -73.25
N GLU C 69 9.06 -9.66 -74.31
CA GLU C 69 10.37 -10.20 -74.62
C GLU C 69 11.28 -9.00 -74.85
N ASP C 70 12.55 -9.11 -74.48
CA ASP C 70 13.51 -8.02 -74.65
C ASP C 70 13.06 -6.75 -73.92
N ALA C 71 12.35 -6.89 -72.81
CA ALA C 71 11.95 -5.70 -72.06
C ALA C 71 13.17 -5.01 -71.50
N PHE C 72 14.11 -5.79 -70.99
CA PHE C 72 15.30 -5.21 -70.38
C PHE C 72 16.54 -5.30 -71.23
N GLN C 73 16.39 -5.55 -72.52
CA GLN C 73 17.56 -5.73 -73.35
C GLN C 73 18.27 -4.40 -73.45
N GLY C 74 19.59 -4.46 -73.49
CA GLY C 74 20.43 -3.28 -73.59
C GLY C 74 20.91 -2.70 -72.28
N LEU C 75 20.51 -3.29 -71.18
CA LEU C 75 20.92 -2.80 -69.87
C LEU C 75 22.10 -3.63 -69.41
N TYR C 76 23.17 -3.62 -70.19
CA TYR C 76 24.28 -4.54 -69.92
C TYR C 76 24.97 -4.21 -68.63
N LYS C 77 25.03 -2.93 -68.27
CA LYS C 77 25.73 -2.55 -67.06
C LYS C 77 24.87 -2.56 -65.78
N LEU C 78 23.60 -2.96 -65.91
CA LEU C 78 22.68 -2.99 -64.79
C LEU C 78 23.10 -4.00 -63.74
N LYS C 79 23.14 -3.58 -62.47
CA LYS C 79 23.49 -4.50 -61.39
C LYS C 79 22.42 -4.68 -60.32
N GLU C 80 21.41 -3.81 -60.30
CA GLU C 80 20.27 -4.00 -59.41
C GLU C 80 18.94 -3.77 -60.10
N LEU C 81 18.05 -4.75 -60.01
CA LEU C 81 16.73 -4.63 -60.63
C LEU C 81 15.64 -4.97 -59.64
N ILE C 82 14.79 -4.00 -59.30
CA ILE C 82 13.74 -4.25 -58.32
C ILE C 82 12.37 -4.24 -58.97
N LEU C 83 11.71 -5.39 -58.96
CA LEU C 83 10.40 -5.55 -59.57
C LEU C 83 9.34 -6.04 -58.60
N SER C 84 9.53 -5.78 -57.31
CA SER C 84 8.62 -6.30 -56.31
C SER C 84 7.30 -5.54 -56.23
N SER C 85 6.33 -6.16 -55.57
CA SER C 85 5.02 -5.54 -55.30
C SER C 85 4.28 -5.16 -56.56
N ASN C 86 4.22 -6.09 -57.52
CA ASN C 86 3.48 -5.88 -58.76
C ASN C 86 2.56 -7.06 -58.98
N LYS C 87 1.98 -7.15 -60.18
CA LYS C 87 1.09 -8.25 -60.48
C LYS C 87 1.65 -9.16 -61.56
N ILE C 88 2.96 -9.35 -61.53
CA ILE C 88 3.65 -10.22 -62.48
C ILE C 88 3.33 -11.69 -62.28
N PHE C 89 2.93 -12.39 -63.33
CA PHE C 89 2.56 -13.79 -63.18
C PHE C 89 3.21 -14.69 -64.22
N TYR C 90 3.71 -14.08 -65.29
CA TYR C 90 4.45 -14.80 -66.31
C TYR C 90 5.66 -14.03 -66.76
N LEU C 91 6.78 -14.71 -66.96
CA LEU C 91 7.99 -14.09 -67.49
C LEU C 91 8.68 -14.91 -68.58
N PRO C 92 8.85 -14.33 -69.77
CA PRO C 92 9.49 -15.05 -70.87
C PRO C 92 10.91 -15.50 -70.54
N ASN C 93 11.31 -16.67 -71.04
CA ASN C 93 12.56 -17.31 -70.66
C ASN C 93 13.80 -16.48 -70.94
N THR C 94 13.69 -15.50 -71.81
CA THR C 94 14.88 -14.74 -72.18
C THR C 94 14.92 -13.38 -71.50
N THR C 95 14.12 -13.21 -70.46
CA THR C 95 13.92 -11.88 -69.90
C THR C 95 15.09 -11.39 -69.04
N PHE C 96 15.88 -12.28 -68.45
CA PHE C 96 16.96 -11.84 -67.59
C PHE C 96 18.37 -12.18 -68.11
N THR C 97 18.43 -13.04 -69.11
CA THR C 97 19.68 -13.64 -69.54
C THR C 97 20.79 -12.68 -70.02
N GLN C 98 20.43 -11.55 -70.61
CA GLN C 98 21.43 -10.56 -71.01
C GLN C 98 21.92 -9.66 -69.88
N LEU C 99 21.18 -9.57 -68.79
CA LEU C 99 21.65 -8.75 -67.67
C LEU C 99 22.81 -9.48 -67.04
N ILE C 100 23.99 -9.30 -67.59
CA ILE C 100 25.10 -10.19 -67.32
C ILE C 100 25.83 -9.71 -66.08
N ASN C 101 25.59 -8.47 -65.68
CA ASN C 101 26.25 -7.89 -64.52
C ASN C 101 25.34 -7.75 -63.30
N LEU C 102 24.16 -8.34 -63.36
CA LEU C 102 23.15 -8.21 -62.30
C LEU C 102 23.62 -8.78 -60.98
N GLN C 103 23.35 -8.07 -59.89
CA GLN C 103 23.81 -8.49 -58.57
C GLN C 103 22.66 -8.71 -57.61
N ASN C 104 21.62 -7.89 -57.76
CA ASN C 104 20.44 -7.98 -56.92
C ASN C 104 19.17 -8.00 -57.72
N LEU C 105 18.39 -9.06 -57.59
CA LEU C 105 17.12 -9.17 -58.29
C LEU C 105 15.96 -9.42 -57.34
N ASP C 106 14.97 -8.55 -57.35
CA ASP C 106 13.86 -8.64 -56.40
C ASP C 106 12.52 -8.88 -57.10
N LEU C 107 11.93 -10.03 -56.87
CA LEU C 107 10.65 -10.36 -57.47
C LEU C 107 9.63 -10.65 -56.39
N SER C 108 9.88 -10.17 -55.19
CA SER C 108 8.98 -10.47 -54.11
C SER C 108 7.62 -9.80 -54.31
N PHE C 109 6.58 -10.41 -53.75
CA PHE C 109 5.21 -9.86 -53.82
C PHE C 109 4.70 -9.74 -55.25
N ASN C 110 4.70 -10.87 -55.94
CA ASN C 110 4.17 -10.99 -57.28
C ASN C 110 3.32 -12.24 -57.32
N GLN C 111 2.64 -12.48 -58.41
CA GLN C 111 1.77 -13.63 -58.48
C GLN C 111 2.32 -14.78 -59.31
N LEU C 112 3.61 -15.07 -59.17
CA LEU C 112 4.22 -16.15 -59.93
C LEU C 112 3.88 -17.51 -59.37
N SER C 113 3.51 -18.41 -60.26
CA SER C 113 3.06 -19.73 -59.86
C SER C 113 4.05 -20.82 -60.27
N SER C 114 4.88 -20.50 -61.25
CA SER C 114 5.89 -21.44 -61.73
C SER C 114 7.01 -20.63 -62.31
N LEU C 115 8.16 -21.26 -62.52
CA LEU C 115 9.30 -20.55 -63.09
C LEU C 115 9.90 -21.32 -64.25
N HIS C 116 10.20 -20.60 -65.33
CA HIS C 116 10.87 -21.20 -66.46
C HIS C 116 12.26 -21.66 -66.00
N PRO C 117 12.57 -22.94 -66.20
CA PRO C 117 13.83 -23.54 -65.76
C PRO C 117 15.07 -22.77 -66.19
N GLU C 118 14.98 -22.03 -67.27
CA GLU C 118 16.16 -21.36 -67.77
C GLU C 118 16.08 -19.88 -67.50
N LEU C 119 15.28 -19.51 -66.51
CA LEU C 119 15.01 -18.11 -66.28
C LEU C 119 16.22 -17.38 -65.77
N PHE C 120 16.96 -18.00 -64.87
CA PHE C 120 18.10 -17.34 -64.23
C PHE C 120 19.41 -17.76 -64.82
N TYR C 121 19.36 -18.41 -65.97
CA TYR C 121 20.57 -18.81 -66.64
C TYR C 121 21.29 -17.54 -67.09
N GLY C 122 22.62 -17.57 -67.01
CA GLY C 122 23.45 -16.43 -67.38
C GLY C 122 23.40 -15.27 -66.41
N LEU C 123 23.10 -15.58 -65.16
CA LEU C 123 23.10 -14.59 -64.09
C LEU C 123 24.25 -14.91 -63.16
N ARG C 124 25.45 -14.86 -63.72
CA ARG C 124 26.66 -15.31 -63.08
C ARG C 124 27.06 -14.50 -61.86
N LYS C 125 26.84 -13.19 -61.93
CA LYS C 125 27.24 -12.28 -60.87
C LYS C 125 26.11 -11.99 -59.89
N LEU C 126 25.01 -12.71 -60.02
CA LEU C 126 23.89 -12.49 -59.12
C LEU C 126 24.25 -12.90 -57.72
N GLN C 127 24.02 -12.00 -56.77
CA GLN C 127 24.40 -12.25 -55.38
C GLN C 127 23.19 -12.45 -54.48
N THR C 128 22.15 -11.66 -54.70
CA THR C 128 20.95 -11.78 -53.88
C THR C 128 19.69 -11.87 -54.72
N LEU C 129 18.80 -12.77 -54.35
CA LEU C 129 17.57 -13.00 -55.09
C LEU C 129 16.39 -13.10 -54.16
N HIS C 130 15.47 -12.15 -54.25
CA HIS C 130 14.33 -12.12 -53.35
C HIS C 130 13.08 -12.58 -54.07
N LEU C 131 12.60 -13.78 -53.78
CA LEU C 131 11.41 -14.30 -54.42
C LEU C 131 10.27 -14.48 -53.42
N ARG C 132 10.31 -13.69 -52.37
CA ARG C 132 9.33 -13.77 -51.30
C ARG C 132 7.92 -13.45 -51.80
N SER C 133 6.91 -14.03 -51.15
CA SER C 133 5.53 -13.68 -51.39
C SER C 133 5.04 -13.91 -52.83
N ASN C 134 5.24 -15.13 -53.32
CA ASN C 134 4.72 -15.59 -54.60
C ASN C 134 3.94 -16.84 -54.36
N SER C 135 3.18 -17.31 -55.35
CA SER C 135 2.46 -18.56 -55.16
C SER C 135 3.14 -19.78 -55.79
N LEU C 136 4.47 -19.79 -55.85
CA LEU C 136 5.18 -20.94 -56.41
C LEU C 136 4.83 -22.22 -55.68
N ARG C 137 4.55 -23.30 -56.42
CA ARG C 137 4.19 -24.57 -55.80
C ARG C 137 5.32 -25.56 -55.94
N THR C 138 6.12 -25.35 -56.97
CA THR C 138 7.22 -26.23 -57.28
C THR C 138 8.40 -25.39 -57.73
N ILE C 139 9.57 -25.99 -57.76
CA ILE C 139 10.77 -25.27 -58.19
C ILE C 139 11.67 -26.15 -59.07
N PRO C 140 11.95 -25.68 -60.29
CA PRO C 140 12.73 -26.46 -61.26
C PRO C 140 14.08 -26.89 -60.71
N VAL C 141 14.46 -28.13 -61.02
CA VAL C 141 15.67 -28.74 -60.51
C VAL C 141 16.90 -28.04 -61.02
N ARG C 142 16.80 -27.48 -62.21
CA ARG C 142 17.96 -26.92 -62.87
C ARG C 142 18.00 -25.41 -62.72
N LEU C 143 17.13 -24.87 -61.86
CA LEU C 143 16.92 -23.43 -61.89
C LEU C 143 18.17 -22.64 -61.52
N PHE C 144 18.91 -23.12 -60.53
CA PHE C 144 20.01 -22.32 -60.00
C PHE C 144 21.35 -22.78 -60.50
N TRP C 145 21.36 -23.51 -61.61
CA TRP C 145 22.57 -24.12 -62.12
C TRP C 145 23.67 -23.09 -62.38
N ASP C 146 23.26 -21.91 -62.80
CA ASP C 146 24.24 -20.90 -63.19
C ASP C 146 24.59 -19.85 -62.15
N CYS C 147 23.94 -19.87 -61.01
CA CYS C 147 24.14 -18.82 -60.01
C CYS C 147 25.37 -19.04 -59.13
N ARG C 148 26.53 -18.99 -59.76
CA ARG C 148 27.80 -19.32 -59.12
C ARG C 148 28.11 -18.44 -57.92
N SER C 149 27.54 -17.25 -57.86
CA SER C 149 27.87 -16.32 -56.79
C SER C 149 26.69 -15.86 -55.96
N LEU C 150 25.56 -16.54 -56.05
CA LEU C 150 24.40 -16.19 -55.24
C LEU C 150 24.70 -16.52 -53.80
N GLU C 151 24.43 -15.60 -52.88
CA GLU C 151 24.68 -15.94 -51.48
C GLU C 151 23.52 -15.62 -50.55
N PHE C 152 22.41 -15.13 -51.11
CA PHE C 152 21.19 -14.92 -50.34
C PHE C 152 19.98 -15.29 -51.15
N LEU C 153 19.21 -16.26 -50.69
CA LEU C 153 18.03 -16.69 -51.43
C LEU C 153 16.81 -16.69 -50.55
N ASP C 154 15.77 -15.99 -50.99
CA ASP C 154 14.54 -15.82 -50.24
C ASP C 154 13.37 -16.47 -50.96
N LEU C 155 12.88 -17.60 -50.45
CA LEU C 155 11.74 -18.28 -51.04
C LEU C 155 10.58 -18.33 -50.07
N SER C 156 10.55 -17.40 -49.13
CA SER C 156 9.58 -17.43 -48.06
C SER C 156 8.23 -16.94 -48.53
N THR C 157 7.22 -17.28 -47.74
CA THR C 157 5.84 -16.88 -48.00
C THR C 157 5.47 -17.30 -49.40
N ASN C 158 5.68 -18.57 -49.71
CA ASN C 158 5.25 -19.16 -50.96
C ASN C 158 4.38 -20.36 -50.71
N ARG C 159 4.27 -21.24 -51.68
CA ARG C 159 3.44 -22.41 -51.50
C ARG C 159 4.16 -23.71 -51.83
N LEU C 160 5.47 -23.78 -51.57
CA LEU C 160 6.23 -24.98 -51.88
C LEU C 160 5.77 -26.15 -51.04
N ARG C 161 5.41 -27.24 -51.69
CA ARG C 161 4.85 -28.37 -51.00
C ARG C 161 5.94 -29.35 -50.64
N SER C 162 7.00 -29.36 -51.43
CA SER C 162 8.08 -30.33 -51.23
C SER C 162 9.42 -29.84 -51.75
N LEU C 163 10.49 -30.51 -51.36
CA LEU C 163 11.82 -30.11 -51.83
C LEU C 163 12.50 -31.17 -52.70
N ALA C 164 12.94 -30.73 -53.87
CA ALA C 164 13.57 -31.60 -54.85
C ALA C 164 14.90 -32.14 -54.34
N ARG C 165 15.18 -33.39 -54.65
CA ARG C 165 16.35 -34.06 -54.12
C ARG C 165 17.68 -33.48 -54.61
N ASN C 166 17.78 -33.22 -55.90
CA ASN C 166 19.03 -32.70 -56.47
C ASN C 166 18.95 -31.24 -56.82
N GLY C 167 17.90 -30.57 -56.34
CA GLY C 167 17.55 -29.28 -56.91
C GLY C 167 18.08 -28.02 -56.28
N PHE C 168 19.28 -28.10 -55.70
CA PHE C 168 19.94 -26.88 -55.25
C PHE C 168 21.30 -26.76 -55.92
N ALA C 169 21.45 -27.51 -57.00
CA ALA C 169 22.69 -27.58 -57.73
C ALA C 169 23.11 -26.21 -58.24
N GLY C 170 24.38 -25.90 -58.09
CA GLY C 170 24.91 -24.65 -58.58
C GLY C 170 24.93 -23.53 -57.57
N LEU C 171 24.49 -23.81 -56.37
CA LEU C 171 24.43 -22.78 -55.33
C LEU C 171 25.57 -22.94 -54.34
N ILE C 172 26.77 -23.11 -54.88
CA ILE C 172 27.92 -23.42 -54.06
C ILE C 172 28.27 -22.31 -53.08
N LYS C 173 27.89 -21.09 -53.38
CA LYS C 173 28.31 -19.98 -52.55
C LYS C 173 27.18 -19.40 -51.68
N LEU C 174 26.02 -20.04 -51.70
CA LEU C 174 24.86 -19.57 -50.97
C LEU C 174 25.07 -19.70 -49.49
N ARG C 175 24.81 -18.62 -48.76
CA ARG C 175 25.05 -18.61 -47.31
C ARG C 175 23.79 -18.66 -46.48
N GLU C 176 22.75 -17.97 -46.94
CA GLU C 176 21.53 -17.85 -46.16
C GLU C 176 20.33 -18.18 -47.01
N LEU C 177 19.54 -19.15 -46.58
CA LEU C 177 18.40 -19.61 -47.32
C LEU C 177 17.12 -19.49 -46.54
N HIS C 178 16.14 -18.79 -47.10
CA HIS C 178 14.85 -18.59 -46.45
C HIS C 178 13.77 -19.46 -47.06
N LEU C 179 13.26 -20.42 -46.31
CA LEU C 179 12.17 -21.24 -46.81
C LEU C 179 11.00 -21.22 -45.85
N GLU C 180 10.91 -20.16 -45.07
CA GLU C 180 9.90 -20.09 -44.04
C GLU C 180 8.55 -19.83 -44.67
N HIS C 181 7.50 -20.10 -43.92
CA HIS C 181 6.14 -19.80 -44.36
C HIS C 181 5.79 -20.45 -45.68
N ASN C 182 6.22 -21.68 -45.89
CA ASN C 182 5.74 -22.45 -47.01
C ASN C 182 4.83 -23.55 -46.52
N GLN C 183 4.83 -24.67 -47.21
CA GLN C 183 3.94 -25.76 -46.87
C GLN C 183 4.64 -27.08 -46.92
N LEU C 184 5.89 -27.11 -46.45
CA LEU C 184 6.67 -28.33 -46.40
C LEU C 184 6.16 -29.28 -45.33
N THR C 185 6.22 -30.57 -45.62
CA THR C 185 5.67 -31.58 -44.75
C THR C 185 6.76 -32.33 -44.03
N LYS C 186 7.85 -32.58 -44.76
CA LYS C 186 8.95 -33.37 -44.24
C LYS C 186 10.26 -32.74 -44.64
N ILE C 187 11.32 -32.99 -43.88
CA ILE C 187 12.62 -32.53 -44.29
C ILE C 187 13.63 -33.66 -44.24
N ASN C 188 14.16 -34.01 -45.41
CA ASN C 188 15.27 -34.93 -45.53
C ASN C 188 16.51 -34.13 -45.80
N PHE C 189 17.31 -33.89 -44.77
CA PHE C 189 18.41 -32.95 -44.89
C PHE C 189 19.45 -33.35 -45.93
N ALA C 190 19.30 -34.54 -46.48
CA ALA C 190 20.17 -34.95 -47.57
C ALA C 190 19.92 -34.09 -48.80
N HIS C 191 18.72 -33.55 -48.90
CA HIS C 191 18.34 -32.75 -50.05
C HIS C 191 19.08 -31.42 -50.08
N PHE C 192 19.69 -31.08 -48.96
CA PHE C 192 20.44 -29.84 -48.86
C PHE C 192 21.90 -30.11 -49.09
N LEU C 193 22.20 -31.27 -49.63
CA LEU C 193 23.57 -31.75 -49.73
C LEU C 193 24.46 -30.79 -50.52
N ARG C 194 23.93 -30.23 -51.58
CA ARG C 194 24.68 -29.34 -52.44
C ARG C 194 24.96 -27.94 -51.87
N LEU C 195 24.24 -27.52 -50.84
CA LEU C 195 24.49 -26.19 -50.30
C LEU C 195 25.62 -26.24 -49.31
N SER C 196 26.85 -26.10 -49.78
CA SER C 196 27.98 -26.40 -48.93
C SER C 196 28.64 -25.20 -48.30
N SER C 197 28.05 -24.03 -48.47
CA SER C 197 28.55 -22.87 -47.77
C SER C 197 27.50 -22.26 -46.88
N LEU C 198 26.37 -22.96 -46.76
CA LEU C 198 25.23 -22.42 -46.03
C LEU C 198 25.55 -22.24 -44.56
N HIS C 199 25.26 -21.04 -44.05
CA HIS C 199 25.42 -20.79 -42.62
C HIS C 199 24.07 -20.78 -41.94
N THR C 200 23.05 -20.32 -42.65
CA THR C 200 21.75 -20.10 -42.03
C THR C 200 20.59 -20.70 -42.80
N LEU C 201 19.73 -21.43 -42.13
CA LEU C 201 18.59 -22.02 -42.79
C LEU C 201 17.30 -21.74 -42.03
N PHE C 202 16.38 -21.02 -42.66
CA PHE C 202 15.10 -20.67 -42.05
C PHE C 202 13.98 -21.56 -42.55
N LEU C 203 13.40 -22.37 -41.69
CA LEU C 203 12.33 -23.26 -42.11
C LEU C 203 11.12 -23.08 -41.23
N GLN C 204 11.00 -21.92 -40.60
CA GLN C 204 9.96 -21.74 -39.62
C GLN C 204 8.60 -21.64 -40.24
N TRP C 205 7.60 -22.04 -39.49
CA TRP C 205 6.21 -21.87 -39.87
C TRP C 205 5.90 -22.60 -41.16
N ASN C 206 6.32 -23.85 -41.23
CA ASN C 206 5.85 -24.76 -42.26
C ASN C 206 4.87 -25.70 -41.61
N LYS C 207 4.77 -26.91 -42.13
CA LYS C 207 3.88 -27.90 -41.53
C LYS C 207 4.66 -29.18 -41.35
N ILE C 208 5.92 -29.02 -40.98
CA ILE C 208 6.88 -30.12 -40.92
C ILE C 208 6.65 -31.10 -39.77
N SER C 209 6.44 -32.36 -40.10
CA SER C 209 6.16 -33.40 -39.10
C SER C 209 7.41 -34.20 -38.76
N ASN C 210 8.17 -34.57 -39.78
CA ASN C 210 9.33 -35.44 -39.61
C ASN C 210 10.63 -34.73 -39.88
N LEU C 211 11.67 -35.12 -39.17
CA LEU C 211 13.01 -34.64 -39.46
C LEU C 211 13.93 -35.83 -39.67
N THR C 212 14.36 -36.06 -40.92
CA THR C 212 15.21 -37.21 -41.20
C THR C 212 16.42 -36.83 -42.02
N CYS C 213 17.43 -37.67 -41.98
CA CYS C 213 18.56 -37.52 -42.88
C CYS C 213 19.06 -38.90 -43.29
N GLY C 214 18.77 -39.31 -44.52
CA GLY C 214 19.11 -40.63 -44.99
C GLY C 214 20.54 -40.77 -45.47
N MET C 215 21.05 -39.74 -46.12
CA MET C 215 22.45 -39.73 -46.53
C MET C 215 23.27 -39.38 -45.31
N GLU C 216 24.40 -40.03 -45.13
CA GLU C 216 25.30 -39.57 -44.11
C GLU C 216 26.32 -38.65 -44.77
N TRP C 217 26.37 -37.42 -44.29
CA TRP C 217 27.31 -36.43 -44.78
C TRP C 217 27.55 -35.41 -43.68
N THR C 218 28.52 -34.54 -43.87
CA THR C 218 28.81 -33.53 -42.86
C THR C 218 28.68 -32.11 -43.39
N TRP C 219 27.71 -31.39 -42.84
CA TRP C 219 27.40 -30.02 -43.23
C TRP C 219 28.14 -29.04 -42.35
N GLY C 220 29.43 -28.94 -42.56
CA GLY C 220 30.27 -28.24 -41.63
C GLY C 220 30.00 -26.77 -41.41
N THR C 221 29.34 -26.13 -42.37
CA THR C 221 29.25 -24.68 -42.34
C THR C 221 27.96 -24.17 -41.72
N LEU C 222 26.98 -25.06 -41.57
CA LEU C 222 25.69 -24.67 -41.03
C LEU C 222 25.78 -24.33 -39.56
N GLU C 223 25.38 -23.11 -39.24
CA GLU C 223 25.51 -22.60 -37.90
C GLU C 223 24.17 -22.22 -37.26
N LYS C 224 23.16 -21.95 -38.07
CA LYS C 224 21.85 -21.60 -37.53
C LYS C 224 20.71 -22.32 -38.23
N LEU C 225 19.82 -22.94 -37.48
CA LEU C 225 18.68 -23.63 -38.07
C LEU C 225 17.38 -23.29 -37.33
N ASP C 226 16.48 -22.58 -38.01
CA ASP C 226 15.23 -22.13 -37.41
C ASP C 226 14.09 -23.02 -37.81
N LEU C 227 13.56 -23.78 -36.85
CA LEU C 227 12.44 -24.67 -37.12
C LEU C 227 11.22 -24.28 -36.30
N THR C 228 11.13 -23.00 -35.97
CA THR C 228 10.07 -22.51 -35.13
C THR C 228 8.71 -22.68 -35.74
N GLY C 229 7.77 -23.19 -34.96
CA GLY C 229 6.36 -23.11 -35.34
C GLY C 229 5.94 -24.13 -36.35
N ASN C 230 6.63 -25.27 -36.38
CA ASN C 230 6.20 -26.37 -37.21
C ASN C 230 5.36 -27.33 -36.42
N GLU C 231 5.34 -28.58 -36.84
CA GLU C 231 4.54 -29.60 -36.19
C GLU C 231 5.40 -30.83 -35.96
N ILE C 232 6.68 -30.58 -35.72
CA ILE C 232 7.66 -31.64 -35.58
C ILE C 232 7.38 -32.53 -34.38
N LYS C 233 7.25 -33.83 -34.63
CA LYS C 233 6.95 -34.77 -33.56
C LYS C 233 7.96 -35.90 -33.55
N ALA C 234 8.68 -36.10 -34.64
CA ALA C 234 9.66 -37.16 -34.71
C ALA C 234 10.97 -36.70 -35.32
N ILE C 235 12.10 -37.16 -34.76
CA ILE C 235 13.41 -36.76 -35.25
C ILE C 235 14.34 -37.94 -35.29
N ASP C 236 14.90 -38.24 -36.46
CA ASP C 236 15.88 -39.31 -36.62
C ASP C 236 17.13 -39.00 -35.83
N LEU C 237 17.68 -40.01 -35.17
CA LEU C 237 18.72 -39.80 -34.18
C LEU C 237 20.05 -39.35 -34.77
N THR C 238 20.06 -39.04 -36.06
CA THR C 238 21.31 -38.66 -36.72
C THR C 238 21.23 -37.36 -37.52
N VAL C 239 20.15 -36.62 -37.38
CA VAL C 239 20.00 -35.44 -38.23
C VAL C 239 20.89 -34.33 -37.73
N PHE C 240 21.30 -34.42 -36.48
CA PHE C 240 22.13 -33.37 -35.94
C PHE C 240 23.58 -33.81 -35.88
N GLU C 241 23.79 -35.08 -36.20
CA GLU C 241 25.14 -35.56 -36.42
C GLU C 241 25.69 -34.86 -37.64
N THR C 242 24.77 -34.50 -38.53
CA THR C 242 25.08 -33.88 -39.80
C THR C 242 25.58 -32.46 -39.64
N MET C 243 25.21 -31.83 -38.53
CA MET C 243 25.55 -30.43 -38.31
C MET C 243 26.36 -30.24 -37.04
N PRO C 244 27.65 -30.59 -37.09
CA PRO C 244 28.56 -30.57 -35.95
C PRO C 244 28.85 -29.16 -35.47
N ASN C 245 28.77 -28.18 -36.36
CA ASN C 245 29.06 -26.82 -35.95
C ASN C 245 27.81 -26.00 -35.74
N LEU C 246 26.69 -26.68 -35.58
CA LEU C 246 25.43 -26.01 -35.40
C LEU C 246 25.41 -25.24 -34.10
N LYS C 247 25.16 -23.95 -34.17
CA LYS C 247 25.26 -23.10 -32.98
C LYS C 247 23.95 -22.47 -32.56
N ILE C 248 22.98 -22.38 -33.45
CA ILE C 248 21.65 -21.90 -33.08
C ILE C 248 20.58 -22.84 -33.56
N LEU C 249 19.79 -23.37 -32.63
CA LEU C 249 18.72 -24.29 -33.00
C LEU C 249 17.42 -23.86 -32.36
N LEU C 250 16.44 -23.54 -33.19
CA LEU C 250 15.16 -23.06 -32.68
C LEU C 250 14.06 -24.02 -33.04
N MET C 251 13.41 -24.60 -32.04
CA MET C 251 12.33 -25.54 -32.26
C MET C 251 11.11 -25.22 -31.39
N ASP C 252 10.81 -23.93 -31.23
CA ASP C 252 9.68 -23.53 -30.41
C ASP C 252 8.36 -23.82 -31.09
N ASN C 253 7.31 -23.90 -30.30
CA ASN C 253 5.95 -24.05 -30.82
C ASN C 253 5.79 -25.24 -31.76
N ASN C 254 6.40 -26.36 -31.40
CA ASN C 254 6.22 -27.59 -32.16
C ASN C 254 5.47 -28.60 -31.33
N LYS C 255 5.50 -29.85 -31.76
CA LYS C 255 4.76 -30.90 -31.10
C LYS C 255 5.70 -31.95 -30.57
N LEU C 256 6.91 -31.53 -30.26
CA LEU C 256 7.92 -32.41 -29.69
C LEU C 256 7.46 -33.01 -28.36
N ASN C 257 7.68 -34.31 -28.21
CA ASN C 257 7.21 -35.05 -27.05
C ASN C 257 8.33 -35.29 -26.04
N SER C 258 9.55 -35.46 -26.54
CA SER C 258 10.71 -35.75 -25.72
C SER C 258 11.96 -35.64 -26.55
N LEU C 259 13.12 -35.75 -25.92
CA LEU C 259 14.33 -35.79 -26.71
C LEU C 259 15.28 -36.84 -26.19
N ASP C 260 15.69 -37.73 -27.08
CA ASP C 260 16.56 -38.84 -26.76
C ASP C 260 17.91 -38.34 -26.33
N SER C 261 18.58 -39.09 -25.47
CA SER C 261 19.90 -38.69 -25.05
C SER C 261 20.81 -38.74 -26.25
N LYS C 262 20.46 -39.57 -27.22
CA LYS C 262 21.25 -39.70 -28.42
C LYS C 262 21.21 -38.41 -29.24
N ILE C 263 20.02 -37.82 -29.34
CA ILE C 263 19.86 -36.55 -30.01
C ILE C 263 20.67 -35.47 -29.33
N LEU C 264 20.43 -35.31 -28.04
CA LEU C 264 21.02 -34.23 -27.28
C LEU C 264 22.53 -34.30 -27.23
N ASN C 265 23.08 -35.50 -27.36
CA ASN C 265 24.54 -35.62 -27.31
C ASN C 265 25.23 -35.11 -28.57
N SER C 266 24.46 -34.81 -29.60
CA SER C 266 25.04 -34.30 -30.84
C SER C 266 24.83 -32.78 -30.96
N LEU C 267 24.11 -32.22 -30.01
CA LEU C 267 23.93 -30.79 -29.94
C LEU C 267 24.84 -30.30 -28.84
N ARG C 268 26.13 -30.41 -29.06
CA ARG C 268 27.08 -30.04 -28.04
C ARG C 268 27.79 -28.74 -28.41
N SER C 269 27.52 -28.24 -29.61
CA SER C 269 28.11 -26.99 -30.04
C SER C 269 27.16 -25.79 -29.91
N LEU C 270 25.95 -26.03 -29.39
CA LEU C 270 24.93 -24.99 -29.35
C LEU C 270 25.22 -23.87 -28.40
N THR C 271 24.89 -22.66 -28.81
CA THR C 271 24.99 -21.49 -27.95
C THR C 271 23.62 -20.88 -27.72
N THR C 272 22.66 -21.20 -28.56
CA THR C 272 21.30 -20.72 -28.39
C THR C 272 20.34 -21.81 -28.76
N VAL C 273 19.36 -22.09 -27.91
CA VAL C 273 18.38 -23.11 -28.22
C VAL C 273 17.00 -22.56 -27.99
N GLY C 274 16.00 -23.21 -28.56
CA GLY C 274 14.61 -22.83 -28.33
C GLY C 274 13.76 -24.07 -28.29
N LEU C 275 13.15 -24.34 -27.14
CA LEU C 275 12.38 -25.56 -26.96
C LEU C 275 11.03 -25.30 -26.33
N SER C 276 10.62 -24.04 -26.33
CA SER C 276 9.39 -23.66 -25.66
C SER C 276 8.18 -23.98 -26.48
N GLY C 277 7.05 -24.15 -25.83
CA GLY C 277 5.80 -24.23 -26.57
C GLY C 277 5.52 -25.60 -27.12
N ASN C 278 6.33 -26.57 -26.75
CA ASN C 278 6.18 -27.91 -27.24
C ASN C 278 5.24 -28.72 -26.36
N LEU C 279 5.16 -30.01 -26.65
CA LEU C 279 4.29 -30.93 -25.93
C LEU C 279 5.05 -31.86 -25.01
N TRP C 280 5.90 -31.31 -24.16
CA TRP C 280 6.81 -32.11 -23.37
C TRP C 280 6.11 -33.00 -22.37
N GLU C 281 6.58 -34.24 -22.28
CA GLU C 281 6.09 -35.21 -21.32
C GLU C 281 7.05 -35.27 -20.14
N CYS C 282 6.63 -34.73 -19.00
CA CYS C 282 7.47 -34.74 -17.81
C CYS C 282 7.31 -36.05 -17.05
N SER C 283 7.85 -37.11 -17.65
CA SER C 283 7.89 -38.41 -17.03
C SER C 283 9.34 -38.84 -17.00
N ALA C 284 9.58 -40.12 -16.81
CA ALA C 284 10.95 -40.62 -16.78
C ALA C 284 11.68 -40.34 -18.08
N ARG C 285 10.93 -40.28 -19.17
CA ARG C 285 11.48 -40.04 -20.52
C ARG C 285 12.23 -38.73 -20.63
N ILE C 286 11.75 -37.71 -19.95
CA ILE C 286 12.33 -36.39 -20.04
C ILE C 286 13.66 -36.20 -19.29
N CYS C 287 14.15 -37.25 -18.64
CA CYS C 287 15.40 -37.11 -17.89
C CYS C 287 16.58 -36.68 -18.75
N ALA C 288 16.65 -37.18 -19.96
CA ALA C 288 17.74 -36.82 -20.88
C ALA C 288 17.78 -35.32 -21.15
N LEU C 289 16.60 -34.75 -21.39
CA LEU C 289 16.48 -33.33 -21.63
C LEU C 289 16.79 -32.53 -20.39
N ALA C 290 16.25 -32.97 -19.27
CA ALA C 290 16.40 -32.28 -18.01
C ALA C 290 17.86 -32.16 -17.63
N SER C 291 18.60 -33.23 -17.85
CA SER C 291 20.00 -33.23 -17.57
C SER C 291 20.76 -32.31 -18.54
N TRP C 292 20.31 -32.25 -19.78
CA TRP C 292 20.94 -31.44 -20.80
C TRP C 292 20.78 -29.95 -20.52
N LEU C 293 19.60 -29.57 -20.05
CA LEU C 293 19.33 -28.17 -19.75
C LEU C 293 20.19 -27.69 -18.60
N GLY C 294 20.39 -28.55 -17.60
CA GLY C 294 21.16 -28.15 -16.45
C GLY C 294 22.61 -28.02 -16.84
N SER C 295 23.01 -28.85 -17.77
CA SER C 295 24.39 -28.88 -18.23
C SER C 295 24.71 -27.68 -19.12
N PHE C 296 23.70 -27.18 -19.82
CA PHE C 296 23.81 -26.11 -20.83
C PHE C 296 24.33 -24.77 -20.30
N GLN C 297 25.09 -24.07 -21.14
CA GLN C 297 25.61 -22.76 -20.77
C GLN C 297 25.24 -21.70 -21.80
N GLY C 298 24.27 -22.03 -22.63
CA GLY C 298 23.89 -21.17 -23.73
C GLY C 298 22.61 -20.44 -23.42
N ARG C 299 21.93 -19.97 -24.46
CA ARG C 299 20.75 -19.14 -24.33
C ARG C 299 19.45 -19.89 -24.56
N TRP C 300 18.42 -19.55 -23.81
CA TRP C 300 17.07 -19.86 -24.27
C TRP C 300 16.14 -18.71 -23.89
N GLU C 301 15.34 -18.25 -24.86
CA GLU C 301 14.53 -17.05 -24.65
C GLU C 301 13.29 -17.27 -23.79
N HIS C 302 12.69 -18.45 -23.88
CA HIS C 302 11.47 -18.72 -23.14
C HIS C 302 11.52 -19.98 -22.30
N SER C 303 10.79 -19.98 -21.20
CA SER C 303 10.77 -21.14 -20.31
C SER C 303 10.18 -22.35 -21.01
N ILE C 304 10.74 -23.50 -20.70
CA ILE C 304 10.32 -24.74 -21.32
C ILE C 304 9.38 -25.46 -20.39
N LEU C 305 8.09 -25.44 -20.69
CA LEU C 305 7.09 -25.99 -19.77
C LEU C 305 6.65 -27.42 -20.06
N CYS C 306 6.30 -28.13 -19.00
CA CYS C 306 5.76 -29.46 -19.13
C CYS C 306 4.35 -29.37 -19.62
N HIS C 307 3.98 -30.31 -20.49
CA HIS C 307 2.63 -30.36 -20.98
C HIS C 307 1.91 -31.55 -20.37
N SER C 308 2.65 -32.60 -20.12
CA SER C 308 2.10 -33.85 -19.65
C SER C 308 3.03 -34.42 -18.60
N PRO C 309 2.49 -35.06 -17.56
CA PRO C 309 1.08 -35.27 -17.23
C PRO C 309 0.39 -34.05 -16.65
N ASP C 310 -0.87 -34.18 -16.32
CA ASP C 310 -1.71 -33.01 -16.02
C ASP C 310 -1.28 -32.14 -14.84
N HIS C 311 -0.69 -32.74 -13.81
CA HIS C 311 -0.34 -31.98 -12.62
C HIS C 311 1.00 -31.29 -12.75
N THR C 312 1.64 -31.44 -13.90
CA THR C 312 2.90 -30.77 -14.14
C THR C 312 2.73 -29.77 -15.24
N GLN C 313 1.55 -29.75 -15.83
CA GLN C 313 1.27 -28.89 -16.95
C GLN C 313 1.49 -27.43 -16.58
N GLY C 314 2.28 -26.74 -17.40
CA GLY C 314 2.56 -25.33 -17.21
C GLY C 314 3.68 -25.05 -16.24
N GLU C 315 4.40 -26.09 -15.82
CA GLU C 315 5.46 -25.91 -14.84
C GLU C 315 6.80 -26.06 -15.54
N ASP C 316 7.81 -25.32 -15.08
CA ASP C 316 9.13 -25.42 -15.66
C ASP C 316 9.62 -26.85 -15.59
N ILE C 317 10.33 -27.30 -16.61
CA ILE C 317 10.81 -28.67 -16.63
C ILE C 317 11.68 -29.00 -15.44
N LEU C 318 12.63 -28.14 -15.15
CA LEU C 318 13.53 -28.44 -14.05
C LEU C 318 12.79 -28.36 -12.70
N ASP C 319 11.93 -27.38 -12.53
CA ASP C 319 11.15 -27.29 -11.30
C ASP C 319 10.31 -28.54 -11.13
N ALA C 320 9.79 -29.08 -12.23
CA ALA C 320 8.94 -30.26 -12.15
C ALA C 320 9.76 -31.49 -11.86
N VAL C 321 10.94 -31.57 -12.45
CA VAL C 321 11.83 -32.68 -12.22
C VAL C 321 12.27 -32.77 -10.79
N HIS C 322 12.67 -31.65 -10.22
CA HIS C 322 13.15 -31.65 -8.84
C HIS C 322 12.02 -31.66 -7.84
N GLY C 323 10.87 -31.14 -8.24
CA GLY C 323 9.75 -31.13 -7.33
C GLY C 323 9.19 -32.50 -7.17
N PHE C 324 9.07 -33.24 -8.28
CA PHE C 324 8.38 -34.52 -8.27
C PHE C 324 9.29 -35.73 -8.32
N GLN C 325 10.58 -35.54 -8.13
CA GLN C 325 11.52 -36.65 -8.13
C GLN C 325 11.42 -37.52 -9.37
N LEU C 326 11.46 -36.91 -10.55
CA LEU C 326 11.23 -37.65 -11.79
C LEU C 326 12.46 -38.39 -12.26
N CYS C 327 13.64 -37.86 -11.95
CA CYS C 327 14.88 -38.48 -12.41
C CYS C 327 15.80 -38.82 -11.25
N TRP C 328 16.87 -39.57 -11.54
CA TRP C 328 17.92 -39.85 -10.57
C TRP C 328 17.39 -40.50 -9.29
N CYS D 1 -22.01 72.44 60.27
CA CYS D 1 -22.68 71.65 59.24
C CYS D 1 -24.21 71.74 59.28
N PRO D 2 -24.81 72.03 58.12
CA PRO D 2 -26.26 72.15 57.95
C PRO D 2 -26.96 70.84 58.31
N PRO D 3 -28.25 70.90 58.67
CA PRO D 3 -29.04 69.76 59.17
C PRO D 3 -29.28 68.64 58.17
N LYS D 4 -29.38 67.42 58.69
CA LYS D 4 -29.65 66.21 57.91
C LYS D 4 -28.49 65.86 57.00
N CYS D 5 -27.37 66.54 57.19
CA CYS D 5 -26.20 66.35 56.36
C CYS D 5 -24.99 65.92 57.19
N ARG D 6 -24.37 64.80 56.82
CA ARG D 6 -23.17 64.38 57.52
C ARG D 6 -21.91 64.88 56.79
N CYS D 7 -20.98 65.48 57.53
CA CYS D 7 -19.77 66.06 56.97
C CYS D 7 -18.52 65.36 57.49
N GLU D 8 -17.87 64.58 56.62
CA GLU D 8 -16.70 63.80 57.04
C GLU D 8 -15.44 64.62 57.14
N LYS D 9 -15.26 65.59 56.25
CA LYS D 9 -14.09 66.44 56.34
C LYS D 9 -14.49 67.86 55.95
N LEU D 10 -14.09 68.27 54.75
CA LEU D 10 -14.65 69.47 54.12
C LEU D 10 -15.66 69.01 53.10
N LEU D 11 -15.79 67.68 52.99
CA LEU D 11 -16.80 67.05 52.16
C LEU D 11 -18.17 67.01 52.84
N PHE D 12 -19.23 67.34 52.10
CA PHE D 12 -20.57 67.37 52.65
C PHE D 12 -21.47 66.35 51.95
N TYR D 13 -21.98 65.37 52.68
CA TYR D 13 -22.83 64.32 52.12
C TYR D 13 -24.28 64.50 52.55
N CYS D 14 -25.10 65.08 51.69
CA CYS D 14 -26.51 65.28 51.99
C CYS D 14 -27.43 64.44 51.10
N ASP D 15 -27.24 63.13 51.11
CA ASP D 15 -28.00 62.26 50.22
C ASP D 15 -29.27 61.75 50.88
N SER D 16 -30.30 61.57 50.05
CA SER D 16 -31.54 60.90 50.43
C SER D 16 -32.35 61.63 51.48
N GLN D 17 -32.17 62.94 51.57
CA GLN D 17 -33.02 63.75 52.44
C GLN D 17 -33.99 64.42 51.52
N GLY D 18 -35.11 64.88 52.04
CA GLY D 18 -36.11 65.47 51.20
C GLY D 18 -35.81 66.90 50.86
N PHE D 19 -34.71 67.14 50.15
CA PHE D 19 -34.34 68.51 49.76
C PHE D 19 -35.05 68.91 48.50
N HIS D 20 -35.50 70.16 48.46
CA HIS D 20 -36.20 70.66 47.30
C HIS D 20 -35.38 71.73 46.60
N SER D 21 -34.32 72.17 47.27
CA SER D 21 -33.35 73.07 46.66
C SER D 21 -32.03 72.93 47.40
N VAL D 22 -30.98 73.59 46.91
CA VAL D 22 -29.70 73.54 47.62
C VAL D 22 -29.77 74.22 48.98
N PRO D 23 -29.32 73.53 50.02
CA PRO D 23 -29.28 74.13 51.36
C PRO D 23 -28.11 75.10 51.51
N ASN D 24 -28.33 76.22 52.19
CA ASN D 24 -27.25 77.15 52.49
C ASN D 24 -26.35 76.69 53.64
N ALA D 25 -25.08 76.48 53.35
CA ALA D 25 -24.13 76.06 54.38
C ALA D 25 -23.43 77.29 54.90
N LEU D 26 -23.36 77.44 56.22
CA LEU D 26 -22.60 78.56 56.79
C LEU D 26 -21.15 78.41 56.38
N ASP D 27 -20.68 77.16 56.31
CA ASP D 27 -19.30 76.94 55.88
C ASP D 27 -19.28 76.91 54.36
N LYS D 28 -18.64 77.93 53.81
CA LYS D 28 -18.58 78.15 52.37
C LYS D 28 -17.36 77.56 51.67
N GLY D 29 -16.45 76.99 52.44
CA GLY D 29 -15.20 76.50 51.87
C GLY D 29 -15.18 75.00 51.67
N SER D 30 -16.35 74.45 51.36
CA SER D 30 -16.49 73.01 51.14
C SER D 30 -15.81 72.56 49.84
N LEU D 31 -15.12 71.44 49.92
CA LEU D 31 -14.46 70.85 48.76
C LEU D 31 -15.39 69.99 47.89
N GLY D 32 -16.32 69.29 48.53
CA GLY D 32 -17.23 68.43 47.79
C GLY D 32 -18.64 68.52 48.33
N LEU D 33 -19.62 68.17 47.51
CA LEU D 33 -21.01 68.29 47.90
C LEU D 33 -21.87 67.23 47.20
N SER D 34 -22.60 66.45 47.99
CA SER D 34 -23.45 65.39 47.47
C SER D 34 -24.93 65.57 47.79
N LEU D 35 -25.75 65.65 46.74
CA LEU D 35 -27.19 65.79 46.91
C LEU D 35 -27.96 64.71 46.14
N ARG D 36 -27.53 63.47 46.29
CA ARG D 36 -28.09 62.37 45.53
C ARG D 36 -29.43 61.93 46.08
N HIS D 37 -30.32 61.50 45.18
CA HIS D 37 -31.62 60.96 45.56
C HIS D 37 -32.40 61.93 46.42
N ASN D 38 -32.48 63.17 45.97
CA ASN D 38 -33.32 64.14 46.65
C ASN D 38 -34.46 64.58 45.74
N HIS D 39 -35.17 65.62 46.13
CA HIS D 39 -36.31 66.05 45.34
C HIS D 39 -36.11 67.39 44.67
N ILE D 40 -34.85 67.75 44.40
CA ILE D 40 -34.54 68.99 43.71
C ILE D 40 -35.10 69.02 42.30
N THR D 41 -35.77 70.11 41.95
CA THR D 41 -36.41 70.18 40.64
C THR D 41 -35.81 71.30 39.81
N GLU D 42 -35.00 72.15 40.43
CA GLU D 42 -34.54 73.35 39.75
C GLU D 42 -33.22 73.90 40.29
N LEU D 43 -32.37 74.37 39.37
CA LEU D 43 -31.09 74.99 39.73
C LEU D 43 -31.10 76.48 39.42
N GLU D 44 -31.02 77.29 40.47
CA GLU D 44 -31.16 78.74 40.36
C GLU D 44 -29.85 79.40 39.96
N ARG D 45 -29.92 80.69 39.63
CA ARG D 45 -28.73 81.46 39.28
C ARG D 45 -27.76 81.46 40.44
N ASP D 46 -26.48 81.22 40.16
CA ASP D 46 -25.44 81.26 41.18
C ASP D 46 -25.77 80.44 42.41
N GLN D 47 -26.46 79.32 42.23
CA GLN D 47 -26.93 78.54 43.37
C GLN D 47 -25.75 78.04 44.17
N PHE D 48 -24.64 77.80 43.49
CA PHE D 48 -23.43 77.30 44.13
C PHE D 48 -22.39 78.37 44.32
N ALA D 49 -22.82 79.63 44.28
CA ALA D 49 -21.91 80.75 44.43
C ALA D 49 -21.18 80.69 45.77
N SER D 50 -21.86 80.19 46.80
CA SER D 50 -21.28 80.08 48.14
C SER D 50 -20.09 79.11 48.21
N PHE D 51 -20.20 77.97 47.52
CA PHE D 51 -19.13 76.97 47.54
C PHE D 51 -18.04 77.18 46.47
N SER D 52 -17.22 78.21 46.64
CA SER D 52 -16.24 78.52 45.61
C SER D 52 -15.25 77.40 45.36
N GLN D 53 -14.77 76.76 46.43
CA GLN D 53 -13.68 75.79 46.33
C GLN D 53 -14.07 74.37 45.93
N LEU D 54 -15.36 74.18 45.64
CA LEU D 54 -15.89 72.88 45.27
C LEU D 54 -15.13 72.24 44.12
N THR D 55 -14.69 71.00 44.33
CA THR D 55 -13.95 70.24 43.33
C THR D 55 -14.82 69.21 42.62
N TRP D 56 -15.75 68.61 43.36
CA TRP D 56 -16.75 67.74 42.75
C TRP D 56 -18.15 68.01 43.26
N LEU D 57 -19.14 67.79 42.39
CA LEU D 57 -20.54 68.07 42.71
C LEU D 57 -21.45 66.97 42.19
N HIS D 58 -22.12 66.28 43.10
CA HIS D 58 -23.02 65.19 42.69
C HIS D 58 -24.49 65.58 42.81
N LEU D 59 -25.17 65.67 41.67
CA LEU D 59 -26.59 65.99 41.66
C LEU D 59 -27.41 64.90 40.96
N ASP D 60 -26.88 63.69 40.90
CA ASP D 60 -27.59 62.62 40.21
C ASP D 60 -28.83 62.22 40.96
N HIS D 61 -29.77 61.63 40.24
CA HIS D 61 -31.02 61.13 40.80
C HIS D 61 -31.83 62.24 41.46
N ASN D 62 -32.07 63.29 40.68
CA ASN D 62 -32.93 64.39 41.07
C ASN D 62 -33.95 64.66 39.98
N GLN D 63 -35.00 65.40 40.31
CA GLN D 63 -36.04 65.72 39.34
C GLN D 63 -35.83 67.03 38.60
N ILE D 64 -34.59 67.51 38.59
CA ILE D 64 -34.23 68.75 37.90
C ILE D 64 -34.71 68.80 36.46
N SER D 65 -35.43 69.86 36.10
CA SER D 65 -35.99 69.95 34.77
C SER D 65 -35.55 71.23 34.10
N THR D 66 -35.27 72.26 34.90
CA THR D 66 -34.85 73.54 34.36
C THR D 66 -33.58 74.00 35.06
N VAL D 67 -32.60 74.36 34.26
CA VAL D 67 -31.32 74.84 34.76
C VAL D 67 -31.10 76.26 34.32
N LYS D 68 -31.05 77.17 35.29
CA LYS D 68 -30.96 78.59 35.01
C LYS D 68 -29.63 78.95 34.36
N GLU D 69 -29.62 80.07 33.65
CA GLU D 69 -28.40 80.59 33.07
C GLU D 69 -27.44 80.94 34.22
N ASP D 70 -26.15 80.69 34.02
CA ASP D 70 -25.14 80.94 35.03
C ASP D 70 -25.43 80.20 36.33
N ALA D 71 -26.05 79.04 36.21
CA ALA D 71 -26.35 78.24 37.38
C ALA D 71 -25.08 77.79 38.07
N PHE D 72 -24.07 77.43 37.28
CA PHE D 72 -22.81 76.95 37.85
C PHE D 72 -21.71 77.99 37.86
N GLN D 73 -22.08 79.26 37.71
CA GLN D 73 -21.05 80.27 37.59
C GLN D 73 -20.28 80.37 38.90
N GLY D 74 -18.98 80.60 38.78
CA GLY D 74 -18.10 80.75 39.92
C GLY D 74 -17.40 79.52 40.47
N LEU D 75 -17.65 78.36 39.88
CA LEU D 75 -17.04 77.11 40.35
C LEU D 75 -15.80 76.78 39.53
N TYR D 76 -14.82 77.67 39.55
CA TYR D 76 -13.66 77.54 38.68
C TYR D 76 -12.83 76.31 38.99
N LYS D 77 -12.81 75.89 40.25
CA LYS D 77 -12.01 74.74 40.65
C LYS D 77 -12.70 73.36 40.51
N LEU D 78 -13.93 73.34 40.04
CA LEU D 78 -14.68 72.09 39.89
C LEU D 78 -14.09 71.17 38.83
N LYS D 79 -13.88 69.91 39.18
CA LYS D 79 -13.37 68.94 38.22
C LYS D 79 -14.29 67.74 37.96
N GLU D 80 -15.29 67.53 38.80
CA GLU D 80 -16.31 66.51 38.54
C GLU D 80 -17.75 66.98 38.77
N LEU D 81 -18.58 66.86 37.74
CA LEU D 81 -19.96 67.27 37.82
C LEU D 81 -20.88 66.16 37.31
N ILE D 82 -21.71 65.65 38.20
CA ILE D 82 -22.62 64.54 37.88
C ILE D 82 -24.06 65.03 37.87
N LEU D 83 -24.69 65.01 36.71
CA LEU D 83 -26.07 65.45 36.58
C LEU D 83 -26.95 64.37 35.99
N SER D 84 -26.56 63.11 36.17
CA SER D 84 -27.31 62.02 35.54
C SER D 84 -28.63 61.75 36.25
N SER D 85 -29.51 61.05 35.55
CA SER D 85 -30.79 60.65 36.09
C SER D 85 -31.65 61.83 36.54
N ASN D 86 -31.81 62.81 35.66
CA ASN D 86 -32.69 63.94 35.90
C ASN D 86 -33.62 64.11 34.71
N LYS D 87 -34.34 65.23 34.66
CA LYS D 87 -35.23 65.43 33.54
C LYS D 87 -34.84 66.65 32.70
N ILE D 88 -33.54 66.88 32.59
CA ILE D 88 -33.01 68.00 31.83
C ILE D 88 -33.23 67.86 30.34
N PHE D 89 -33.77 68.89 29.71
CA PHE D 89 -34.03 68.83 28.27
C PHE D 89 -33.51 70.06 27.54
N TYR D 90 -33.20 71.11 28.29
CA TYR D 90 -32.59 72.30 27.70
C TYR D 90 -31.50 72.84 28.60
N LEU D 91 -30.39 73.25 28.00
CA LEU D 91 -29.29 73.86 28.74
C LEU D 91 -28.77 75.11 28.06
N PRO D 92 -28.72 76.25 28.78
CA PRO D 92 -28.26 77.52 28.21
C PRO D 92 -26.83 77.42 27.70
N ASN D 93 -26.52 78.07 26.59
CA ASN D 93 -25.24 77.89 25.92
C ASN D 93 -24.02 78.25 26.77
N THR D 94 -24.19 79.04 27.81
CA THR D 94 -23.03 79.45 28.62
C THR D 94 -22.92 78.70 29.94
N THR D 95 -23.62 77.58 30.04
CA THR D 95 -23.76 76.92 31.33
C THR D 95 -22.51 76.17 31.75
N PHE D 96 -21.69 75.76 30.78
CA PHE D 96 -20.47 75.02 31.11
C PHE D 96 -19.17 75.74 30.76
N THR D 97 -19.27 76.81 29.99
CA THR D 97 -18.10 77.40 29.34
C THR D 97 -17.00 77.85 30.29
N GLN D 98 -17.39 78.32 31.47
CA GLN D 98 -16.39 78.69 32.48
C GLN D 98 -15.87 77.57 33.38
N LEU D 99 -16.57 76.44 33.48
CA LEU D 99 -16.05 75.38 34.36
C LEU D 99 -14.77 74.84 33.72
N ILE D 100 -13.67 75.50 34.02
CA ILE D 100 -12.44 75.35 33.27
C ILE D 100 -11.64 74.19 33.76
N ASN D 101 -11.94 73.72 34.96
CA ASN D 101 -11.17 72.62 35.52
C ASN D 101 -11.92 71.30 35.51
N LEU D 102 -13.06 71.25 34.86
CA LEU D 102 -13.89 70.06 34.85
C LEU D 102 -13.15 68.91 34.16
N GLN D 103 -13.21 67.72 34.75
CA GLN D 103 -12.52 66.57 34.20
C GLN D 103 -13.52 65.49 33.84
N ASN D 104 -14.60 65.40 34.63
CA ASN D 104 -15.66 64.42 34.37
C ASN D 104 -17.02 65.07 34.37
N LEU D 105 -17.73 64.94 33.26
CA LEU D 105 -19.08 65.47 33.14
C LEU D 105 -20.06 64.36 32.80
N ASP D 106 -21.06 64.20 33.64
CA ASP D 106 -22.04 63.13 33.45
C ASP D 106 -23.43 63.70 33.25
N LEU D 107 -23.96 63.50 32.06
CA LEU D 107 -25.30 63.97 31.74
C LEU D 107 -26.16 62.81 31.27
N SER D 108 -25.76 61.60 31.62
CA SER D 108 -26.48 60.43 31.15
C SER D 108 -27.86 60.38 31.76
N PHE D 109 -28.78 59.70 31.08
CA PHE D 109 -30.14 59.51 31.57
C PHE D 109 -30.84 60.84 31.78
N ASN D 110 -30.88 61.63 30.72
CA ASN D 110 -31.58 62.89 30.66
C ASN D 110 -32.36 62.96 29.37
N GLN D 111 -33.17 63.99 29.24
CA GLN D 111 -34.01 64.15 28.07
C GLN D 111 -33.47 65.18 27.10
N LEU D 112 -32.17 65.16 26.86
CA LEU D 112 -31.57 66.08 25.91
C LEU D 112 -31.84 65.57 24.51
N SER D 113 -32.33 66.46 23.64
CA SER D 113 -32.69 66.04 22.30
C SER D 113 -31.74 66.66 21.29
N SER D 114 -31.13 67.76 21.69
CA SER D 114 -30.16 68.46 20.87
C SER D 114 -29.22 69.22 21.77
N LEU D 115 -28.08 69.63 21.23
CA LEU D 115 -27.10 70.32 22.05
C LEU D 115 -26.65 71.59 21.37
N HIS D 116 -26.53 72.65 22.14
CA HIS D 116 -26.04 73.92 21.63
C HIS D 116 -24.63 73.69 21.14
N PRO D 117 -24.35 74.06 19.89
CA PRO D 117 -23.07 73.79 19.22
C PRO D 117 -21.85 74.17 20.04
N GLU D 118 -21.98 75.14 20.94
CA GLU D 118 -20.85 75.53 21.76
C GLU D 118 -21.05 75.17 23.22
N LEU D 119 -21.83 74.13 23.49
CA LEU D 119 -22.18 73.80 24.87
C LEU D 119 -20.96 73.40 25.67
N PHE D 120 -20.05 72.69 25.01
CA PHE D 120 -18.86 72.19 25.67
C PHE D 120 -17.62 73.01 25.35
N TYR D 121 -17.78 74.22 24.86
CA TYR D 121 -16.64 75.08 24.61
C TYR D 121 -15.93 75.46 25.92
N GLY D 122 -14.60 75.50 25.84
CA GLY D 122 -13.75 75.81 26.98
C GLY D 122 -13.64 74.73 28.04
N LEU D 123 -13.82 73.48 27.65
CA LEU D 123 -13.70 72.35 28.56
C LEU D 123 -12.43 71.65 28.15
N ARG D 124 -11.34 72.39 28.23
CA ARG D 124 -10.05 71.95 27.73
C ARG D 124 -9.51 70.78 28.52
N LYS D 125 -9.78 70.75 29.82
CA LYS D 125 -9.27 69.69 30.68
C LYS D 125 -10.24 68.52 30.91
N LEU D 126 -11.36 68.52 30.19
CA LEU D 126 -12.33 67.43 30.30
C LEU D 126 -11.73 66.15 29.78
N GLN D 127 -11.85 65.07 30.56
CA GLN D 127 -11.26 63.78 30.20
C GLN D 127 -12.30 62.74 29.83
N THR D 128 -13.40 62.75 30.55
CA THR D 128 -14.50 61.81 30.30
C THR D 128 -15.84 62.54 30.24
N LEU D 129 -16.67 62.16 29.28
CA LEU D 129 -17.97 62.77 29.08
C LEU D 129 -19.01 61.69 28.86
N HIS D 130 -20.01 61.62 29.74
CA HIS D 130 -21.04 60.59 29.65
C HIS D 130 -22.36 61.16 29.14
N LEU D 131 -22.70 60.83 27.90
CA LEU D 131 -23.94 61.31 27.33
C LEU D 131 -24.89 60.16 27.01
N ARG D 132 -24.69 59.05 27.70
CA ARG D 132 -25.47 57.84 27.46
C ARG D 132 -26.93 58.04 27.79
N SER D 133 -27.78 57.33 27.07
CA SER D 133 -29.20 57.26 27.39
C SER D 133 -29.88 58.63 27.36
N ASN D 134 -29.71 59.32 26.24
CA ASN D 134 -30.40 60.58 25.97
C ASN D 134 -31.09 60.42 24.64
N SER D 135 -31.97 61.32 24.28
CA SER D 135 -32.65 61.17 22.99
C SER D 135 -32.06 61.98 21.84
N LEU D 136 -30.74 62.21 21.84
CA LEU D 136 -30.13 62.97 20.75
C LEU D 136 -30.34 62.35 19.38
N ARG D 137 -30.70 63.18 18.40
CA ARG D 137 -30.96 62.68 17.06
C ARG D 137 -29.86 63.13 16.12
N THR D 138 -29.23 64.23 16.47
CA THR D 138 -28.17 64.82 15.68
C THR D 138 -27.04 65.32 16.53
N ILE D 139 -25.91 65.62 15.90
CA ILE D 139 -24.76 66.12 16.65
C ILE D 139 -24.01 67.26 15.93
N PRO D 140 -23.93 68.44 16.56
CA PRO D 140 -23.34 69.66 16.02
C PRO D 140 -21.92 69.44 15.54
N VAL D 141 -21.52 70.05 14.42
CA VAL D 141 -20.26 69.68 13.80
C VAL D 141 -19.02 70.00 14.64
N ARG D 142 -19.01 71.15 15.30
CA ARG D 142 -17.82 71.45 16.10
C ARG D 142 -18.09 71.45 17.58
N LEU D 143 -18.97 70.55 18.02
CA LEU D 143 -19.37 70.51 19.41
C LEU D 143 -18.20 70.22 20.32
N PHE D 144 -17.31 69.37 19.86
CA PHE D 144 -16.23 68.88 20.71
C PHE D 144 -14.92 69.62 20.43
N TRP D 145 -15.03 70.78 19.77
CA TRP D 145 -13.86 71.51 19.29
C TRP D 145 -12.85 71.85 20.38
N ASP D 146 -13.33 72.10 21.58
CA ASP D 146 -12.46 72.51 22.68
C ASP D 146 -12.05 71.37 23.61
N CYS D 147 -12.59 70.17 23.41
CA CYS D 147 -12.27 69.07 24.32
C CYS D 147 -10.97 68.39 23.94
N ARG D 148 -9.91 69.19 23.95
CA ARG D 148 -8.60 68.79 23.49
C ARG D 148 -8.00 67.65 24.31
N SER D 149 -8.50 67.46 25.52
CA SER D 149 -7.91 66.41 26.35
C SER D 149 -8.94 65.35 26.70
N LEU D 150 -10.07 65.36 26.01
CA LEU D 150 -11.08 64.34 26.20
C LEU D 150 -10.55 63.02 25.67
N GLU D 151 -10.72 61.96 26.44
CA GLU D 151 -10.26 60.66 25.99
C GLU D 151 -11.26 59.52 26.13
N PHE D 152 -12.45 59.85 26.64
CA PHE D 152 -13.55 58.89 26.73
C PHE D 152 -14.90 59.56 26.45
N LEU D 153 -15.60 59.10 25.42
CA LEU D 153 -16.88 59.70 25.05
C LEU D 153 -17.96 58.66 24.93
N ASP D 154 -19.08 58.87 25.63
CA ASP D 154 -20.17 57.89 25.63
C ASP D 154 -21.42 58.48 25.00
N LEU D 155 -21.73 58.06 23.78
CA LEU D 155 -22.93 58.54 23.10
C LEU D 155 -23.90 57.41 22.82
N SER D 156 -23.86 56.37 23.64
CA SER D 156 -24.66 55.19 23.41
C SER D 156 -26.11 55.38 23.80
N THR D 157 -26.96 54.50 23.30
CA THR D 157 -28.40 54.52 23.59
C THR D 157 -28.99 55.88 23.32
N ASN D 158 -28.76 56.40 22.12
CA ASN D 158 -29.38 57.63 21.68
C ASN D 158 -30.11 57.36 20.39
N ARG D 159 -30.41 58.39 19.61
CA ARG D 159 -31.16 58.19 18.39
C ARG D 159 -30.42 58.77 17.21
N LEU D 160 -29.10 58.68 17.22
CA LEU D 160 -28.30 59.22 16.15
C LEU D 160 -28.56 58.47 14.88
N ARG D 161 -28.93 59.19 13.83
CA ARG D 161 -29.31 58.57 12.59
C ARG D 161 -28.12 58.50 11.65
N SER D 162 -27.24 59.48 11.78
CA SER D 162 -26.11 59.62 10.89
C SER D 162 -24.99 60.31 11.59
N LEU D 163 -23.79 60.22 11.04
CA LEU D 163 -22.64 60.85 11.65
C LEU D 163 -21.99 61.94 10.80
N ALA D 164 -21.77 63.09 11.42
CA ALA D 164 -21.22 64.24 10.73
C ALA D 164 -19.80 63.98 10.27
N ARG D 165 -19.49 64.42 9.07
CA ARG D 165 -18.20 64.15 8.47
C ARG D 165 -17.07 64.78 9.26
N ASN D 166 -17.28 66.03 9.63
CA ASN D 166 -16.28 66.78 10.37
C ASN D 166 -16.65 66.94 11.81
N GLY D 167 -17.62 66.16 12.28
CA GLY D 167 -18.22 66.47 13.56
C GLY D 167 -17.59 65.74 14.71
N PHE D 168 -16.30 65.43 14.57
CA PHE D 168 -15.54 64.90 15.70
C PHE D 168 -14.32 65.77 15.87
N ALA D 169 -14.36 66.94 15.25
CA ALA D 169 -13.23 67.83 15.26
C ALA D 169 -12.88 68.22 16.68
N GLY D 170 -11.59 68.24 16.97
CA GLY D 170 -11.11 68.67 18.27
C GLY D 170 -10.91 67.55 19.26
N LEU D 171 -11.19 66.32 18.84
CA LEU D 171 -11.08 65.16 19.72
C LEU D 171 -9.81 64.41 19.45
N ILE D 172 -8.72 65.13 19.28
CA ILE D 172 -7.46 64.52 18.86
C ILE D 172 -6.90 63.55 19.89
N LYS D 173 -7.35 63.66 21.14
CA LYS D 173 -6.82 62.78 22.18
C LYS D 173 -7.82 61.69 22.61
N LEU D 174 -8.96 61.61 21.94
CA LEU D 174 -9.99 60.64 22.31
C LEU D 174 -9.52 59.25 22.00
N ARG D 175 -9.64 58.35 22.98
CA ARG D 175 -9.17 56.98 22.84
C ARG D 175 -10.31 55.99 22.70
N GLU D 176 -11.40 56.22 23.41
CA GLU D 176 -12.53 55.28 23.44
C GLU D 176 -13.88 55.93 23.21
N LEU D 177 -14.59 55.49 22.18
CA LEU D 177 -15.87 56.06 21.78
C LEU D 177 -17.00 55.06 21.76
N HIS D 178 -18.10 55.35 22.47
CA HIS D 178 -19.25 54.46 22.51
C HIS D 178 -20.41 54.98 21.66
N LEU D 179 -20.76 54.29 20.58
CA LEU D 179 -21.88 54.73 19.76
C LEU D 179 -22.91 53.63 19.59
N GLU D 180 -22.91 52.68 20.52
CA GLU D 180 -23.76 51.52 20.40
C GLU D 180 -25.19 51.86 20.69
N HIS D 181 -26.10 51.02 20.21
CA HIS D 181 -27.52 51.17 20.46
C HIS D 181 -28.06 52.49 19.98
N ASN D 182 -27.62 52.91 18.81
CA ASN D 182 -28.25 54.03 18.15
C ASN D 182 -29.04 53.52 16.98
N GLN D 183 -29.09 54.30 15.93
CA GLN D 183 -29.87 53.94 14.76
C GLN D 183 -29.11 54.21 13.48
N LEU D 184 -27.82 53.90 13.49
CA LEU D 184 -26.97 54.12 12.33
C LEU D 184 -27.29 53.13 11.21
N THR D 185 -27.26 53.60 9.97
CA THR D 185 -27.66 52.78 8.83
C THR D 185 -26.49 52.36 7.99
N LYS D 186 -25.54 53.27 7.87
CA LYS D 186 -24.37 53.06 7.05
C LYS D 186 -23.21 53.58 7.85
N ILE D 187 -22.02 53.10 7.58
CA ILE D 187 -20.84 53.66 8.21
C ILE D 187 -19.81 53.99 7.16
N ASN D 188 -19.52 55.28 7.05
CA ASN D 188 -18.43 55.73 6.21
C ASN D 188 -17.27 56.08 7.12
N PHE D 189 -16.30 55.18 7.21
CA PHE D 189 -15.21 55.33 8.17
C PHE D 189 -14.35 56.56 7.93
N ALA D 190 -14.55 57.20 6.80
CA ALA D 190 -13.86 58.44 6.55
C ALA D 190 -14.35 59.49 7.52
N HIS D 191 -15.58 59.32 7.99
CA HIS D 191 -16.18 60.31 8.86
C HIS D 191 -15.51 60.36 10.22
N PHE D 192 -14.69 59.36 10.53
CA PHE D 192 -14.00 59.33 11.81
C PHE D 192 -12.60 59.89 11.74
N LEU D 193 -12.28 60.60 10.68
CA LEU D 193 -10.92 61.01 10.38
C LEU D 193 -10.29 61.83 11.50
N ARG D 194 -11.09 62.70 12.10
CA ARG D 194 -10.60 63.63 13.10
C ARG D 194 -10.17 62.91 14.37
N LEU D 195 -10.65 61.68 14.55
CA LEU D 195 -10.30 60.91 15.74
C LEU D 195 -9.03 60.13 15.50
N SER D 196 -7.88 60.74 15.72
CA SER D 196 -6.64 60.13 15.27
C SER D 196 -5.88 59.43 16.40
N SER D 197 -6.50 59.33 17.57
CA SER D 197 -5.89 58.62 18.69
C SER D 197 -6.74 57.46 19.18
N LEU D 198 -7.83 57.19 18.48
CA LEU D 198 -8.82 56.21 18.94
C LEU D 198 -8.29 54.79 18.99
N HIS D 199 -8.52 54.10 20.10
CA HIS D 199 -8.13 52.70 20.21
C HIS D 199 -9.34 51.77 20.10
N THR D 200 -10.48 52.20 20.61
CA THR D 200 -11.66 51.33 20.68
C THR D 200 -12.89 52.03 20.17
N LEU D 201 -13.64 51.35 19.29
CA LEU D 201 -14.85 51.91 18.72
C LEU D 201 -16.01 50.95 18.85
N PHE D 202 -17.03 51.35 19.60
CA PHE D 202 -18.19 50.50 19.82
C PHE D 202 -19.36 50.92 18.94
N LEU D 203 -19.77 50.04 18.03
CA LEU D 203 -20.87 50.36 17.14
C LEU D 203 -21.93 49.28 17.16
N GLN D 204 -21.99 48.51 18.25
CA GLN D 204 -22.87 47.37 18.27
C GLN D 204 -24.34 47.75 18.39
N TRP D 205 -25.20 46.91 17.85
CA TRP D 205 -26.65 47.02 17.99
C TRP D 205 -27.21 48.30 17.43
N ASN D 206 -26.78 48.62 16.23
CA ASN D 206 -27.38 49.68 15.45
C ASN D 206 -28.16 48.99 14.38
N LYS D 207 -28.28 49.60 13.21
CA LYS D 207 -28.97 48.98 12.11
C LYS D 207 -28.11 49.01 10.89
N ILE D 208 -26.81 48.87 11.08
CA ILE D 208 -25.84 49.10 10.02
C ILE D 208 -25.84 48.03 8.93
N SER D 209 -26.09 48.46 7.69
CA SER D 209 -26.13 47.57 6.55
C SER D 209 -24.84 47.62 5.74
N ASN D 210 -24.34 48.82 5.47
CA ASN D 210 -23.15 48.95 4.63
C ASN D 210 -21.97 49.48 5.41
N LEU D 211 -20.79 49.01 5.01
CA LEU D 211 -19.53 49.50 5.53
C LEU D 211 -18.69 49.98 4.36
N THR D 212 -18.46 51.30 4.28
CA THR D 212 -17.69 51.88 3.19
C THR D 212 -16.64 52.85 3.71
N CYS D 213 -15.68 53.20 2.88
CA CYS D 213 -14.69 54.21 3.25
C CYS D 213 -14.41 55.14 2.07
N GLY D 214 -14.83 56.40 2.19
CA GLY D 214 -14.74 57.35 1.09
C GLY D 214 -13.39 57.97 0.82
N MET D 215 -12.59 58.17 1.85
CA MET D 215 -11.20 58.61 1.70
C MET D 215 -10.21 57.48 1.95
N GLU D 216 -9.09 57.44 1.25
CA GLU D 216 -8.09 56.47 1.67
C GLU D 216 -7.22 57.17 2.70
N TRP D 217 -7.14 56.56 3.88
CA TRP D 217 -6.32 57.11 4.95
C TRP D 217 -5.91 55.98 5.86
N THR D 218 -5.00 56.23 6.79
CA THR D 218 -4.57 55.18 7.70
C THR D 218 -4.83 55.52 9.16
N TRP D 219 -5.70 54.72 9.77
CA TRP D 219 -6.13 54.88 11.15
C TRP D 219 -5.26 54.04 12.06
N GLY D 220 -4.03 54.47 12.27
CA GLY D 220 -3.05 53.62 12.90
C GLY D 220 -3.31 53.18 14.32
N THR D 221 -4.15 53.89 15.03
CA THR D 221 -4.28 53.63 16.44
C THR D 221 -5.44 52.72 16.79
N LEU D 222 -6.37 52.54 15.86
CA LEU D 222 -7.56 51.74 16.12
C LEU D 222 -7.22 50.28 16.29
N GLU D 223 -7.59 49.71 17.43
CA GLU D 223 -7.25 48.33 17.76
C GLU D 223 -8.47 47.44 17.96
N LYS D 224 -9.60 48.03 18.33
CA LYS D 224 -10.81 47.26 18.54
C LYS D 224 -12.03 47.90 17.90
N LEU D 225 -12.77 47.11 17.16
CA LEU D 225 -13.97 47.57 16.48
C LEU D 225 -15.13 46.61 16.75
N ASP D 226 -16.15 47.04 17.46
CA ASP D 226 -17.26 46.17 17.80
C ASP D 226 -18.47 46.47 16.92
N LEU D 227 -18.80 45.55 16.04
CA LEU D 227 -19.93 45.72 15.14
C LEU D 227 -20.98 44.64 15.34
N THR D 228 -21.05 44.12 16.55
CA THR D 228 -21.95 43.05 16.89
C THR D 228 -23.40 43.47 16.77
N GLY D 229 -24.22 42.63 16.19
CA GLY D 229 -25.65 42.81 16.28
C GLY D 229 -26.21 43.85 15.36
N ASN D 230 -25.51 44.07 14.26
CA ASN D 230 -26.06 44.92 13.22
C ASN D 230 -26.69 44.09 12.13
N GLU D 231 -26.75 44.68 10.94
CA GLU D 231 -27.40 44.04 9.81
C GLU D 231 -26.49 44.13 8.62
N ILE D 232 -25.19 44.07 8.88
CA ILE D 232 -24.18 44.20 7.84
C ILE D 232 -24.26 43.09 6.82
N LYS D 233 -24.42 43.46 5.56
CA LYS D 233 -24.52 42.48 4.49
C LYS D 233 -23.52 42.78 3.38
N ALA D 234 -23.02 44.00 3.33
CA ALA D 234 -22.03 44.38 2.32
C ALA D 234 -20.89 45.20 2.89
N ILE D 235 -19.68 44.90 2.45
CA ILE D 235 -18.48 45.58 2.94
C ILE D 235 -17.52 45.89 1.79
N ASP D 236 -17.17 47.17 1.68
CA ASP D 236 -16.22 47.64 0.69
C ASP D 236 -14.85 47.06 0.92
N LEU D 237 -14.20 46.66 -0.16
CA LEU D 237 -12.98 45.87 -0.08
C LEU D 237 -11.77 46.63 0.45
N THR D 238 -11.97 47.86 0.93
CA THR D 238 -10.83 48.63 1.41
C THR D 238 -11.03 49.25 2.78
N VAL D 239 -12.09 48.86 3.49
CA VAL D 239 -12.36 49.50 4.76
C VAL D 239 -11.44 48.98 5.85
N PHE D 240 -10.85 47.81 5.62
CA PHE D 240 -9.97 47.23 6.62
C PHE D 240 -8.52 47.43 6.22
N GLU D 241 -8.33 48.00 5.03
CA GLU D 241 -7.03 48.50 4.64
C GLU D 241 -6.69 49.73 5.49
N THR D 242 -7.73 50.41 5.95
CA THR D 242 -7.62 51.63 6.74
C THR D 242 -7.12 51.39 8.18
N MET D 243 -7.32 50.19 8.71
CA MET D 243 -6.99 49.92 10.12
C MET D 243 -6.00 48.79 10.29
N PRO D 244 -4.72 49.05 9.98
CA PRO D 244 -3.66 48.04 9.96
C PRO D 244 -3.36 47.49 11.34
N ASN D 245 -3.65 48.24 12.40
CA ASN D 245 -3.40 47.74 13.75
C ASN D 245 -4.65 47.21 14.44
N LEU D 246 -5.69 46.97 13.67
CA LEU D 246 -6.92 46.44 14.22
C LEU D 246 -6.67 45.02 14.69
N LYS D 247 -6.90 44.77 15.96
CA LYS D 247 -6.57 43.49 16.56
C LYS D 247 -7.78 42.75 17.07
N ILE D 248 -8.88 43.45 17.32
CA ILE D 248 -10.13 42.83 17.73
C ILE D 248 -11.24 43.28 16.84
N LEU D 249 -11.88 42.36 16.14
CA LEU D 249 -12.98 42.69 15.26
C LEU D 249 -14.15 41.80 15.54
N LEU D 250 -15.27 42.36 15.97
CA LEU D 250 -16.41 41.55 16.32
C LEU D 250 -17.58 41.82 15.39
N MET D 251 -17.99 40.80 14.65
CA MET D 251 -19.10 40.96 13.72
C MET D 251 -20.13 39.86 13.84
N ASP D 252 -20.40 39.40 15.05
CA ASP D 252 -21.38 38.36 15.22
C ASP D 252 -22.75 38.93 14.99
N ASN D 253 -23.71 38.04 14.73
CA ASN D 253 -25.12 38.41 14.65
C ASN D 253 -25.40 39.49 13.62
N ASN D 254 -24.76 39.37 12.47
CA ASN D 254 -25.03 40.24 11.34
C ASN D 254 -25.61 39.39 10.22
N LYS D 255 -25.62 39.93 9.01
CA LYS D 255 -26.20 39.20 7.89
C LYS D 255 -25.21 38.94 6.80
N LEU D 256 -23.96 38.80 7.19
CA LEU D 256 -22.88 38.48 6.26
C LEU D 256 -23.13 37.18 5.54
N ASN D 257 -22.86 37.20 4.24
CA ASN D 257 -23.15 36.08 3.37
C ASN D 257 -21.90 35.25 3.04
N SER D 258 -20.78 35.96 2.96
CA SER D 258 -19.48 35.41 2.61
C SER D 258 -18.47 36.51 2.84
N LEU D 259 -17.19 36.23 2.71
CA LEU D 259 -16.17 37.28 2.81
C LEU D 259 -15.11 37.10 1.74
N ASP D 260 -14.85 38.15 0.98
CA ASP D 260 -13.87 38.10 -0.10
C ASP D 260 -12.50 37.85 0.43
N SER D 261 -11.68 37.17 -0.35
CA SER D 261 -10.31 36.89 0.03
C SER D 261 -9.52 38.19 0.11
N LYS D 262 -10.00 39.20 -0.59
CA LYS D 262 -9.37 40.50 -0.57
C LYS D 262 -9.52 41.13 0.81
N ILE D 263 -10.73 41.03 1.37
CA ILE D 263 -10.97 41.51 2.72
C ILE D 263 -10.10 40.79 3.74
N LEU D 264 -10.18 39.46 3.75
CA LEU D 264 -9.53 38.66 4.77
C LEU D 264 -8.03 38.82 4.79
N ASN D 265 -7.44 39.19 3.66
CA ASN D 265 -5.98 39.36 3.62
C ASN D 265 -5.51 40.61 4.33
N SER D 266 -6.43 41.47 4.73
CA SER D 266 -6.05 42.67 5.47
C SER D 266 -6.36 42.51 6.95
N LEU D 267 -7.02 41.42 7.29
CA LEU D 267 -7.31 41.10 8.67
C LEU D 267 -6.41 39.97 9.15
N ARG D 268 -5.12 40.18 9.15
CA ARG D 268 -4.25 39.09 9.52
C ARG D 268 -3.56 39.44 10.82
N SER D 269 -3.81 40.65 11.28
CA SER D 269 -3.19 41.13 12.50
C SER D 269 -4.14 40.90 13.65
N LEU D 270 -5.24 40.25 13.34
CA LEU D 270 -6.30 40.04 14.32
C LEU D 270 -5.84 39.06 15.36
N THR D 271 -6.22 39.32 16.61
CA THR D 271 -5.93 38.40 17.68
C THR D 271 -7.26 37.86 18.15
N THR D 272 -8.32 38.58 17.82
CA THR D 272 -9.67 38.14 18.15
C THR D 272 -10.65 38.47 17.04
N VAL D 273 -11.42 37.49 16.59
CA VAL D 273 -12.42 37.73 15.57
C VAL D 273 -13.75 37.16 16.03
N GLY D 274 -14.83 37.59 15.42
CA GLY D 274 -16.16 37.06 15.74
C GLY D 274 -17.03 36.99 14.52
N LEU D 275 -17.46 35.81 14.13
CA LEU D 275 -18.23 35.69 12.91
C LEU D 275 -19.47 34.83 13.06
N SER D 276 -19.86 34.53 14.29
CA SER D 276 -20.96 33.61 14.54
C SER D 276 -22.30 34.26 14.36
N GLY D 277 -23.32 33.47 14.06
CA GLY D 277 -24.66 34.02 14.09
C GLY D 277 -24.99 34.74 12.80
N ASN D 278 -24.11 34.59 11.83
CA ASN D 278 -24.32 35.22 10.55
C ASN D 278 -25.07 34.30 9.63
N LEU D 279 -25.21 34.70 8.37
CA LEU D 279 -25.93 33.94 7.39
C LEU D 279 -25.02 33.32 6.35
N TRP D 280 -23.98 32.61 6.77
CA TRP D 280 -22.94 32.16 5.86
C TRP D 280 -23.43 31.18 4.82
N GLU D 281 -22.99 31.39 3.59
CA GLU D 281 -23.33 30.48 2.50
C GLU D 281 -22.20 29.52 2.23
N CYS D 282 -22.39 28.27 2.63
CA CYS D 282 -21.38 27.25 2.44
C CYS D 282 -21.43 26.67 1.06
N SER D 283 -20.99 27.49 0.11
CA SER D 283 -20.82 27.07 -1.26
C SER D 283 -19.38 27.31 -1.56
N ALA D 284 -19.00 27.28 -2.83
CA ALA D 284 -17.61 27.48 -3.20
C ALA D 284 -17.10 28.84 -2.73
N ARG D 285 -18.03 29.79 -2.56
CA ARG D 285 -17.69 31.16 -2.16
C ARG D 285 -16.98 31.24 -0.83
N ILE D 286 -17.34 30.35 0.07
CA ILE D 286 -16.79 30.38 1.42
C ILE D 286 -15.37 29.86 1.56
N CYS D 287 -14.74 29.45 0.47
CA CYS D 287 -13.38 28.95 0.53
C CYS D 287 -12.35 29.93 1.06
N ALA D 288 -12.50 31.20 0.73
CA ALA D 288 -11.57 32.20 1.22
C ALA D 288 -11.58 32.19 2.73
N LEU D 289 -12.78 32.13 3.30
CA LEU D 289 -12.95 32.11 4.73
C LEU D 289 -12.45 30.81 5.35
N ALA D 290 -12.79 29.68 4.75
CA ALA D 290 -12.41 28.39 5.29
C ALA D 290 -10.91 28.31 5.36
N SER D 291 -10.28 28.79 4.31
CA SER D 291 -8.83 28.79 4.24
C SER D 291 -8.25 29.76 5.26
N TRP D 292 -8.93 30.88 5.49
CA TRP D 292 -8.49 31.87 6.47
C TRP D 292 -8.58 31.34 7.88
N LEU D 293 -9.67 30.65 8.18
CA LEU D 293 -9.87 30.11 9.50
C LEU D 293 -8.82 29.08 9.83
N GLY D 294 -8.47 28.26 8.85
CA GLY D 294 -7.51 27.22 9.08
C GLY D 294 -6.16 27.85 9.29
N SER D 295 -5.93 28.96 8.61
CA SER D 295 -4.67 29.68 8.72
C SER D 295 -4.56 30.51 9.99
N PHE D 296 -5.69 31.01 10.49
CA PHE D 296 -5.73 31.94 11.62
C PHE D 296 -5.10 31.39 12.88
N GLN D 297 -4.48 32.25 13.68
CA GLN D 297 -3.92 31.82 14.96
C GLN D 297 -4.42 32.62 16.16
N GLY D 298 -5.53 33.33 16.00
CA GLY D 298 -6.06 34.14 17.08
C GLY D 298 -7.25 33.44 17.68
N ARG D 299 -8.06 34.17 18.43
CA ARG D 299 -9.15 33.55 19.15
C ARG D 299 -10.53 33.81 18.54
N TRP D 300 -11.45 32.86 18.62
CA TRP D 300 -12.85 33.19 18.40
C TRP D 300 -13.76 32.49 19.43
N GLU D 301 -14.64 33.27 20.05
CA GLU D 301 -15.43 32.77 21.17
C GLU D 301 -16.54 31.83 20.78
N HIS D 302 -17.13 31.99 19.61
CA HIS D 302 -18.23 31.13 19.23
C HIS D 302 -18.04 30.46 17.89
N SER D 303 -18.56 29.24 17.78
CA SER D 303 -18.43 28.45 16.57
C SER D 303 -19.18 29.11 15.43
N ILE D 304 -18.60 29.02 14.24
CA ILE D 304 -19.12 29.64 13.03
C ILE D 304 -19.89 28.65 12.15
N LEU D 305 -21.21 28.77 12.10
CA LEU D 305 -22.03 27.79 11.39
C LEU D 305 -22.51 28.22 9.99
N CYS D 306 -22.75 27.25 9.11
CA CYS D 306 -23.37 27.48 7.81
C CYS D 306 -24.85 27.73 7.93
N HIS D 307 -25.37 28.64 7.12
CA HIS D 307 -26.79 28.90 7.08
C HIS D 307 -27.42 28.35 5.82
N SER D 308 -26.62 28.30 4.76
CA SER D 308 -27.06 27.89 3.44
C SER D 308 -26.02 27.04 2.75
N PRO D 309 -26.43 26.06 1.94
CA PRO D 309 -27.78 25.63 1.61
C PRO D 309 -28.43 24.73 2.65
N ASP D 310 -29.64 24.28 2.37
CA ASP D 310 -30.45 23.62 3.38
C ASP D 310 -29.80 22.38 3.98
N HIS D 311 -28.94 21.69 3.24
CA HIS D 311 -28.40 20.45 3.76
C HIS D 311 -27.13 20.69 4.55
N THR D 312 -26.74 21.93 4.72
CA THR D 312 -25.61 22.24 5.58
C THR D 312 -26.01 23.11 6.76
N GLN D 313 -27.26 23.54 6.81
CA GLN D 313 -27.66 24.50 7.83
C GLN D 313 -27.34 23.98 9.21
N GLY D 314 -26.68 24.81 9.99
CA GLY D 314 -26.32 24.51 11.37
C GLY D 314 -25.02 23.74 11.59
N GLU D 315 -24.22 23.59 10.55
CA GLU D 315 -22.99 22.82 10.63
C GLU D 315 -21.78 23.70 10.70
N ASP D 316 -20.75 23.23 11.39
CA ASP D 316 -19.49 23.96 11.48
C ASP D 316 -19.00 24.20 10.07
N ILE D 317 -18.40 25.35 9.79
CA ILE D 317 -17.93 25.64 8.44
C ILE D 317 -16.91 24.64 7.96
N LEU D 318 -15.92 24.36 8.79
CA LEU D 318 -14.86 23.45 8.39
C LEU D 318 -15.38 22.03 8.27
N ASP D 319 -16.28 21.64 9.16
CA ASP D 319 -16.88 20.31 9.09
C ASP D 319 -17.62 20.14 7.77
N ALA D 320 -18.26 21.20 7.31
CA ALA D 320 -19.02 21.14 6.08
C ALA D 320 -18.11 21.17 4.87
N VAL D 321 -17.09 22.01 4.93
CA VAL D 321 -16.13 22.15 3.85
C VAL D 321 -15.36 20.87 3.58
N HIS D 322 -14.88 20.22 4.64
CA HIS D 322 -14.15 18.98 4.47
C HIS D 322 -15.11 17.83 4.24
N GLY D 323 -16.33 17.97 4.72
CA GLY D 323 -17.29 16.90 4.54
C GLY D 323 -17.83 16.81 3.14
N PHE D 324 -18.14 17.96 2.55
CA PHE D 324 -18.82 17.98 1.26
C PHE D 324 -17.91 18.39 0.11
N GLN D 325 -16.62 18.42 0.34
CA GLN D 325 -15.64 18.78 -0.68
C GLN D 325 -15.94 20.09 -1.34
N LEU D 326 -16.17 21.11 -0.54
CA LEU D 326 -16.64 22.36 -1.07
C LEU D 326 -15.50 23.16 -1.67
N CYS D 327 -14.30 22.98 -1.14
CA CYS D 327 -13.18 23.74 -1.64
C CYS D 327 -12.10 22.83 -2.14
N TRP D 328 -11.10 23.41 -2.79
CA TRP D 328 -9.92 22.68 -3.20
C TRP D 328 -10.24 21.48 -4.09
#